data_6AH3
#
_entry.id   6AH3
#
_cell.length_a   1
_cell.length_b   1
_cell.length_c   1
_cell.angle_alpha   90
_cell.angle_beta   90
_cell.angle_gamma   90
#
_symmetry.space_group_name_H-M   'P 1'
#
loop_
_entity.id
_entity.type
_entity.pdbx_description
1 polymer 'Ribonuclease P RNA'
2 polymer 'Ribonucleases P/MRP protein subunit POP1'
3 polymer 'Ribonucleases P/MRP protein subunit POP3'
4 polymer 'RNases MRP/P 32.9 kDa subunit'
5 polymer 'Ribonuclease P/MRP protein subunit POP5'
6 polymer 'Ribonucleases P/MRP protein subunit POP6'
7 polymer 'Ribonucleases P/MRP protein subunit POP7'
8 polymer 'Ribonucleases P/MRP protein subunit POP8'
9 polymer 'Ribonuclease P/MRP protein subunit RPP1'
10 polymer 'Ribonuclease P protein subunit RPR2'
11 polymer pre-tRNA
12 non-polymer 'MAGNESIUM ION'
13 non-polymer 'ZINC ION'
#
loop_
_entity_poly.entity_id
_entity_poly.type
_entity_poly.pdbx_seq_one_letter_code
_entity_poly.pdbx_strand_id
1 'polyribonucleotide'
;GUGGAACAGUGGUAAUUCCUACGAUUAAGAAACCUGUUUACAGAAGGAUCCCCACCUAUGGGCGGGUUAUCAGAUAUUAU
CAGGUGGGAAAUUCGGUGGAACACAGUGGAGCCUUGUCCUCCGGGUUAAUGUCGCUUUUGGCAUUGGCCCCUGCUCCUGA
GAGAAGAAAUAUACUGGGGAACCAGUCUUUACCGACCGUUGUUAUCAGAAAUUCACGGAGUUCGGCCUAGGUCGGACUCC
GAUGGGAACGGCAACGGUUGUUCCGUUUGACUUGUCGCCCGCUACGGCGUGAGCGUCAAGGUCUGUUGAGUGCAAUCGUA
GGACGUCAUUAGUGGCGAACCCGAUACCGAUUACUGCUGCUGUUCCAGC
;
A
2 'polypeptide(L)'
;MSGSLSRGNGGKKVLNKNQLLKRNRIRNARSIRAEAVAASSTKTGTPSDLSESGSKLNVDQFISSRQFEVKQLQLAMHNS
KAASSTRIFQALPRKLRRRTASHNVRRIPKRMRNRALREMRKSDQQDVLKGSSASSRKAHGLNAKQLYKARMSIKLLRLA
SKSTSMKLSMPPEVTSSNCHVRQKIKTLKRMIKESSTANPNIKLLNNRMGSYDCTGVNELAPIPKGRVKYTKRQKHFAWL
PTHIWNAKRSHMMKRWGYQMVWAPTQKCFKLTHRLGGDTCSSDGALCMDSSYIGTIIVKDKSNDSEGDFLKSIIGKLTAE
RANLRKYREGQVLFQGLIYSFNEENGEDSTKPLGPCDVFWVQKDTAIIRLHPSIYTQVFNILLQHKEKLTVQDCRYSLAS
VTLKGAKALESLASCLRSTEYSKSFEQFKMVSMITDHNALPQRCTFAFEAIDPRHLAAPKKLNDSQRKTVNSDDILSLHE
NYPQDEINAVFNELCDPESRTQSYNNQNTLKEISARRYKLLTATPNSINKTTVPFKESDDPSIPLVIIRRLKTRDWIVVL
PWFWLLPLWHLLNRIPRMYHIGLRQFQQIQYENKQLYFPDDYPFTQLGYIENSFYKKEASKTKWDRKPMGKRINFEKIKD
IHNTKLPAYSGEIGDFFSSDWRFLQILRNGIDYLQRNDKTLELMDSKKTGQFNAQGVRDINCVNDVLEFCKDYEAKTKAM
SLSIEENIPVALCKNRKCQFRTPDSISVNSSSFSLTFFPRCIIAVSCTLLERGHPKDNARIYQVPEKDLEHWLQLAKGVY
RPNGRKDHDLKIPLPEVHDLIGFITSGTYHLNCGNGMGIGFIDHHAAIRQPTRYVLIRNVGTNTYRLGEWSKISV
;
B
3 'polypeptide(L)'
;MSGSLKSLDKKIAKRRQVYKPVLDNPFTNEAHMWPRVHDQPLIWQLLQSSIINKLIHIQSKENYPWELYTDFNEIVQYLS
GAHGNSDPVCLFVCNKDPDVPLVLLQQIPLLCYMAPMTVKLVQLPKSAMDTFKSVSKYGMLLLRCDDRVDKKFVSQIQKN
VDLLQFPWLNAIKYRPTSVKLLKTTVPIVSKKRQK
;
C
4 'polypeptide(L)'
;MDRTQTFIKDCLFTKCLEDPEKPFNENRFQDTLLLLPTDGGLTSRLQRQQRKSKLNLDNLQKVSQLESADKQLEKRDYQR
INKNSKIALREYINNCKKNTKKCLKLAYENKITDKEDLLHYIEEKHPTIYESLPQYVDFVPMYKELWINYIKELLNITKN
LKTFNGSLALLKLSMADYNGALLRVTKSKNKTLIGLQGIVIWDSQKFFIMIVKGNIIDEIKCIPKKGTVFQFEIPISDDD
DSALRYSILGDRFKYRSVDRAGRKFKSRRCDDMLYYIQN
;
D
5 'polypeptide(L)'
;MVRLKSRYILFEIIFPPTDTNVEESVSKADILLSHHRASPADVSIKSILQEIRRSLSLNLGDYGSAKCNSLLQLKYFSNK
TSTGIIRCHREDCDLVIMALMLMSKIGDVDGLIVNPVKVSGTIKKIEQFAMRRNSKILNIIKCSQSSHLSDNDFIINDFK
KIGRENENENEDD
;
E
6 'polypeptide(L)'
;MINGVYYNEISRDLDISSSTQCLRFLKETVIPSLANNGNNSTSIQYHGISKNDNIKKSVNKLDKQINMADRSLGLQQVVC
IFSYGPHIQKMLSILEIFKKGYIKNNKKIYQWNKLTSFDIKREGRNELQEERLKVPILVTLVSDSEIIDLNLHSFTKQ
;
F
7 'polypeptide(L)'
;MALKKNTHNKSTKRVTKHPSLKTLTHKQIHTTIFVKSTTPYVSALKRINKFLDSVHKQGSSYVAVLGMGKAVEKTLALGC
HFQDQKNKKIEVYTKTIEVLDEVITEGQADIDMESDVEDDDKETQLKKRAVSGVELRIYV
;
G
8 'polypeptide(L)'
;MGKKTFREWQYFKLSITSFDQDVDDAHAIDQMTWRQWLNNALKRSYGIFGEGVEYSFLHVDDKLAYIRVNHADKDTFSSS
ISTYISTDELVGSPLTVSILQESSSLRLLEVTDDDRLWLKKVMEEEEQDCKCI
;
H
9 'polypeptide(L)'
;MLVDLNVPWPQNSYADKVTSQAVNNLIKTLSTLHMLGYTHIAINFTVNHSEKFPNDVKLLNPIDIKRRFGELMDRTGLKL
YSRITLIIDDPSKGQSLSKISQAFDIVAALPISEKGLTLSTTNLDIDLLTFQYGSRLPTFLKHKSICSCVNRGVKLEIVY
GYALRDVQARRQFVSNVRSVIRSSRSRGIVIGSGAMSPLECRNILGVTSLIKNLGLPSDRCSKAMGDLASLVLLNGRLRN
KSHKQTIVTGGGSGNGDDVVNDVQGIDDVQTIKVVKRSMDAEQLGHASKRHKP
;
I,J
10 'polypeptide(L)'
;MGKKAHGGKMKPEIDENGTLLVPPPRTIANQDHFHRLNYLYQISAYQTRARQKARTDAHTPLARNYIKSMDLISKKTKTS
LLPTIKRTICKKCHRLLWTPKKLEITSDGALSVMCGCGTVKRFNIGADPNYRTYSEREGNLLNS
;
K
11 'polyribonucleotide' AGAAGCGGAUUUAGCUCAGUUGGGAGAGCGCCAGACUGAAGAUCUGGAGGUCCUGUGUUCGAUCCACAGAAUUCGCAUUU T
#
# COMPACT_ATOMS: atom_id res chain seq x y z
N GLY B 54 -42.60 -10.67 -28.66
CA GLY B 54 -41.64 -11.19 -29.63
C GLY B 54 -42.22 -11.30 -31.02
N SER B 55 -41.55 -10.66 -31.99
CA SER B 55 -42.00 -10.69 -33.37
C SER B 55 -40.79 -10.49 -34.27
N LYS B 56 -40.74 -11.25 -35.36
CA LYS B 56 -39.63 -11.22 -36.30
C LYS B 56 -39.60 -9.91 -37.07
N LEU B 57 -38.40 -9.38 -37.28
CA LEU B 57 -38.20 -8.11 -37.96
C LEU B 57 -37.31 -8.31 -39.19
N ASN B 58 -37.21 -7.26 -40.01
CA ASN B 58 -36.41 -7.34 -41.22
C ASN B 58 -34.92 -7.20 -40.90
N VAL B 59 -34.09 -7.37 -41.93
CA VAL B 59 -32.64 -7.33 -41.75
C VAL B 59 -32.17 -5.89 -41.65
N ASP B 60 -32.69 -5.03 -42.53
CA ASP B 60 -32.25 -3.64 -42.57
C ASP B 60 -32.69 -2.87 -41.34
N GLN B 61 -33.91 -3.14 -40.86
CA GLN B 61 -34.39 -2.52 -39.63
C GLN B 61 -33.57 -2.98 -38.43
N PHE B 62 -33.16 -4.26 -38.43
CA PHE B 62 -32.33 -4.79 -37.36
C PHE B 62 -30.95 -4.12 -37.33
N ILE B 63 -30.29 -4.04 -38.49
CA ILE B 63 -28.94 -3.46 -38.50
C ILE B 63 -29.00 -1.96 -38.26
N SER B 64 -30.09 -1.31 -38.65
CA SER B 64 -30.24 0.12 -38.37
C SER B 64 -30.48 0.38 -36.90
N SER B 65 -31.29 -0.46 -36.25
CA SER B 65 -31.56 -0.30 -34.81
C SER B 65 -30.32 -0.60 -33.99
N ARG B 66 -29.56 -1.64 -34.36
CA ARG B 66 -28.35 -1.97 -33.62
C ARG B 66 -27.25 -0.94 -33.86
N GLN B 67 -27.16 -0.37 -35.07
CA GLN B 67 -26.19 0.68 -35.32
C GLN B 67 -26.54 1.96 -34.58
N PHE B 68 -27.85 2.27 -34.50
CA PHE B 68 -28.28 3.41 -33.71
C PHE B 68 -28.04 3.19 -32.22
N GLU B 69 -28.12 1.94 -31.76
CA GLU B 69 -27.82 1.63 -30.37
C GLU B 69 -26.33 1.76 -30.08
N VAL B 70 -25.48 1.35 -31.02
CA VAL B 70 -24.02 1.52 -30.87
C VAL B 70 -23.66 3.01 -30.85
N LYS B 71 -24.30 3.80 -31.73
CA LYS B 71 -24.06 5.24 -31.74
C LYS B 71 -24.57 5.91 -30.47
N GLN B 72 -25.70 5.41 -29.93
CA GLN B 72 -26.24 5.97 -28.69
C GLN B 72 -25.36 5.63 -27.49
N LEU B 73 -24.81 4.41 -27.46
CA LEU B 73 -23.90 4.03 -26.38
C LEU B 73 -22.59 4.80 -26.45
N GLN B 74 -22.09 5.05 -27.66
CA GLN B 74 -20.86 5.82 -27.82
C GLN B 74 -21.08 7.29 -27.42
N LEU B 75 -22.23 7.84 -27.81
CA LEU B 75 -22.56 9.21 -27.41
C LEU B 75 -22.79 9.33 -25.91
N ALA B 76 -23.37 8.28 -25.30
CA ALA B 76 -23.59 8.30 -23.86
C ALA B 76 -22.28 8.18 -23.09
N MET B 77 -21.34 7.37 -23.60
CA MET B 77 -20.02 7.26 -22.97
C MET B 77 -19.25 8.57 -23.09
N HIS B 78 -19.34 9.24 -24.26
CA HIS B 78 -18.67 10.52 -24.43
C HIS B 78 -19.32 11.60 -23.58
N ASN B 79 -20.65 11.54 -23.42
CA ASN B 79 -21.35 12.52 -22.59
C ASN B 79 -21.04 12.30 -21.12
N SER B 80 -20.85 11.04 -20.70
CA SER B 80 -20.45 10.77 -19.32
C SER B 80 -19.01 11.22 -19.08
N LYS B 81 -18.14 11.05 -20.08
CA LYS B 81 -16.76 11.51 -19.94
C LYS B 81 -16.68 13.03 -19.92
N ALA B 82 -17.60 13.70 -20.62
CA ALA B 82 -17.66 15.16 -20.60
C ALA B 82 -18.35 15.71 -19.36
N ALA B 83 -19.30 14.96 -18.77
CA ALA B 83 -20.02 15.40 -17.58
C ALA B 83 -19.28 15.03 -16.30
N SER B 84 -18.28 14.16 -16.40
CA SER B 84 -17.39 13.91 -15.27
C SER B 84 -16.58 15.16 -14.96
N SER B 85 -16.74 15.66 -13.72
CA SER B 85 -16.13 16.92 -13.34
C SER B 85 -14.62 16.80 -13.21
N THR B 86 -13.91 17.17 -14.27
CA THR B 86 -12.45 17.14 -14.30
C THR B 86 -11.95 18.51 -14.72
N ARG B 87 -10.78 18.89 -14.21
CA ARG B 87 -10.18 20.15 -14.60
C ARG B 87 -9.55 20.05 -15.98
N ILE B 88 -9.17 21.22 -16.52
CA ILE B 88 -8.36 21.22 -17.73
C ILE B 88 -6.91 20.90 -17.38
N PHE B 89 -6.56 21.03 -16.09
CA PHE B 89 -5.28 20.55 -15.59
C PHE B 89 -5.15 19.04 -15.75
N GLN B 90 -6.28 18.33 -15.68
CA GLN B 90 -6.27 16.90 -15.93
C GLN B 90 -6.40 16.59 -17.42
N ALA B 91 -6.57 17.63 -18.24
CA ALA B 91 -6.68 17.41 -19.69
C ALA B 91 -5.30 17.22 -20.31
N LEU B 92 -4.25 17.59 -19.60
CA LEU B 92 -2.89 17.37 -20.08
C LEU B 92 -2.56 15.88 -20.03
N PRO B 93 -1.64 15.40 -20.89
CA PRO B 93 -1.19 14.01 -20.79
C PRO B 93 -0.43 13.74 -19.51
N ARG B 94 -0.29 12.45 -19.14
CA ARG B 94 0.24 12.09 -17.82
C ARG B 94 1.73 12.37 -17.71
N LYS B 95 2.41 12.53 -18.85
CA LYS B 95 3.82 12.91 -18.83
C LYS B 95 3.97 14.40 -18.52
N LEU B 96 3.00 15.22 -18.94
CA LEU B 96 3.12 16.66 -18.87
C LEU B 96 2.33 17.29 -17.72
N ARG B 97 1.67 16.48 -16.90
CA ARG B 97 0.90 16.97 -15.76
C ARG B 97 1.78 17.65 -14.71
N ARG B 98 1.43 18.88 -14.37
CA ARG B 98 2.21 19.69 -13.43
C ARG B 98 1.41 19.91 -12.17
N ARG B 99 2.01 19.58 -11.01
CA ARG B 99 1.32 19.75 -9.75
C ARG B 99 1.29 21.22 -9.33
N THR B 100 2.35 21.96 -9.64
CA THR B 100 2.42 23.39 -9.31
C THR B 100 1.69 24.27 -10.33
N ALA B 101 0.97 23.68 -11.28
CA ALA B 101 0.26 24.48 -12.28
C ALA B 101 -0.98 25.13 -11.68
N SER B 102 -1.47 24.61 -10.55
CA SER B 102 -2.56 25.29 -9.85
C SER B 102 -2.06 26.57 -9.19
N HIS B 103 -0.78 26.61 -8.82
CA HIS B 103 -0.24 27.82 -8.21
C HIS B 103 -0.01 28.91 -9.24
N ASN B 104 0.86 28.67 -10.22
CA ASN B 104 1.12 29.61 -11.31
C ASN B 104 0.70 29.00 -12.63
N VAL B 105 0.27 29.85 -13.56
CA VAL B 105 -0.43 29.39 -14.75
C VAL B 105 0.56 29.04 -15.87
N ARG B 106 1.84 29.37 -15.67
CA ARG B 106 2.82 29.32 -16.75
C ARG B 106 3.24 27.90 -17.14
N ARG B 107 2.83 26.90 -16.36
CA ARG B 107 3.09 25.51 -16.75
C ARG B 107 2.11 25.03 -17.81
N ILE B 108 0.92 25.62 -17.85
CA ILE B 108 -0.18 25.22 -18.72
C ILE B 108 0.08 25.72 -20.13
N PRO B 109 -0.30 24.97 -21.20
CA PRO B 109 -0.21 25.53 -22.56
C PRO B 109 -1.07 26.77 -22.77
N LYS B 110 -0.60 27.66 -23.66
CA LYS B 110 -1.13 29.03 -23.77
C LYS B 110 -2.58 29.04 -24.27
N ARG B 111 -2.95 28.05 -25.07
CA ARG B 111 -4.33 27.85 -25.51
C ARG B 111 -5.23 27.53 -24.32
N MET B 112 -4.66 26.88 -23.30
CA MET B 112 -5.45 26.38 -22.19
C MET B 112 -5.35 27.30 -20.96
N ARG B 113 -4.43 28.27 -21.01
CA ARG B 113 -4.19 29.14 -19.86
C ARG B 113 -5.34 30.11 -19.63
N ASN B 114 -6.09 30.47 -20.66
CA ASN B 114 -7.24 31.37 -20.51
C ASN B 114 -8.34 30.66 -19.72
N ARG B 115 -8.57 29.39 -20.06
CA ARG B 115 -9.57 28.61 -19.33
C ARG B 115 -9.09 28.33 -17.92
N ALA B 116 -7.77 28.14 -17.75
CA ALA B 116 -7.21 27.96 -16.42
C ALA B 116 -7.36 29.21 -15.55
N LEU B 117 -7.17 30.40 -16.14
CA LEU B 117 -7.38 31.65 -15.41
C LEU B 117 -8.84 31.85 -15.04
N ARG B 118 -9.76 31.58 -15.96
CA ARG B 118 -11.17 31.82 -15.65
C ARG B 118 -11.71 30.81 -14.66
N GLU B 119 -11.20 29.57 -14.68
CA GLU B 119 -11.67 28.59 -13.69
C GLU B 119 -10.97 28.78 -12.35
N MET B 120 -9.77 29.37 -12.36
CA MET B 120 -9.11 29.70 -11.10
C MET B 120 -9.79 30.89 -10.44
N ARG B 121 -10.31 31.83 -11.25
CA ARG B 121 -11.07 32.93 -10.68
C ARG B 121 -12.47 32.47 -10.26
N LYS B 122 -13.02 31.46 -10.93
CA LYS B 122 -14.32 30.92 -10.53
C LYS B 122 -14.21 30.10 -9.25
N SER B 123 -13.09 29.39 -9.08
CA SER B 123 -12.93 28.53 -7.91
C SER B 123 -12.67 29.35 -6.65
N ASP B 124 -11.97 30.46 -6.77
CA ASP B 124 -11.69 31.33 -5.63
C ASP B 124 -12.88 32.21 -5.30
N ALA B 139 14.83 40.90 4.16
CA ALA B 139 13.54 41.46 4.56
C ALA B 139 12.97 40.71 5.76
N HIS B 140 13.78 39.83 6.35
CA HIS B 140 13.39 39.03 7.49
C HIS B 140 14.23 39.42 8.71
N GLY B 141 13.87 38.84 9.85
CA GLY B 141 14.58 39.09 11.09
C GLY B 141 15.93 38.40 11.13
N LEU B 142 17.01 39.18 11.05
CA LEU B 142 18.36 38.66 11.07
C LEU B 142 19.18 39.41 12.09
N ASN B 143 20.06 38.70 12.79
CA ASN B 143 20.91 39.33 13.80
C ASN B 143 22.06 40.09 13.16
N ALA B 144 22.95 40.60 14.01
CA ALA B 144 24.07 41.40 13.51
C ALA B 144 25.15 40.54 12.87
N LYS B 145 25.15 39.23 13.14
CA LYS B 145 26.20 38.35 12.64
C LYS B 145 25.73 37.55 11.42
N GLN B 146 24.51 36.99 11.47
CA GLN B 146 24.03 36.19 10.36
C GLN B 146 23.65 37.04 9.16
N LEU B 147 23.41 38.34 9.37
CA LEU B 147 23.22 39.26 8.25
C LEU B 147 24.50 39.38 7.43
N TYR B 148 25.64 39.53 8.10
CA TYR B 148 26.91 39.59 7.39
C TYR B 148 27.30 38.22 6.84
N LYS B 149 26.89 37.15 7.54
CA LYS B 149 27.10 35.81 7.03
C LYS B 149 26.32 35.55 5.74
N ALA B 150 25.12 36.12 5.62
CA ALA B 150 24.37 36.06 4.37
C ALA B 150 24.91 37.00 3.30
N ARG B 151 25.37 38.19 3.68
CA ARG B 151 25.93 39.14 2.72
C ARG B 151 27.29 38.71 2.18
N MET B 152 28.04 37.91 2.95
CA MET B 152 29.30 37.35 2.47
C MET B 152 29.10 36.48 1.23
N SER B 153 28.08 35.62 1.25
CA SER B 153 27.79 34.76 0.10
C SER B 153 27.33 35.57 -1.10
N ILE B 154 26.54 36.63 -0.86
CA ILE B 154 26.03 37.46 -1.95
C ILE B 154 27.17 38.26 -2.59
N LYS B 155 28.06 38.80 -1.76
CA LYS B 155 29.23 39.51 -2.28
C LYS B 155 30.18 38.56 -3.01
N LEU B 156 30.33 37.33 -2.51
CA LEU B 156 31.18 36.35 -3.17
C LEU B 156 30.60 35.94 -4.52
N LEU B 157 29.28 35.75 -4.59
CA LEU B 157 28.62 35.45 -5.86
C LEU B 157 28.75 36.60 -6.85
N ARG B 158 28.61 37.86 -6.38
CA ARG B 158 28.70 39.00 -7.27
C ARG B 158 30.12 39.18 -7.80
N LEU B 159 31.12 39.08 -6.92
CA LEU B 159 32.51 39.23 -7.33
C LEU B 159 32.95 38.06 -8.21
N ALA B 160 32.41 36.87 -7.95
CA ALA B 160 32.72 35.71 -8.78
C ALA B 160 32.11 35.84 -10.17
N SER B 161 30.87 36.35 -10.25
CA SER B 161 30.24 36.61 -11.54
C SER B 161 31.00 37.66 -12.34
N LYS B 162 31.39 38.75 -11.68
CA LYS B 162 32.12 39.82 -12.37
C LYS B 162 33.52 39.36 -12.80
N SER B 163 34.17 38.52 -11.98
CA SER B 163 35.51 38.03 -12.30
C SER B 163 35.48 37.02 -13.44
N THR B 164 34.52 36.09 -13.42
CA THR B 164 34.43 35.12 -14.50
C THR B 164 33.83 35.73 -15.75
N SER B 165 33.17 36.89 -15.62
CA SER B 165 32.55 37.49 -16.78
C SER B 165 33.47 38.48 -17.51
N MET B 166 34.19 39.33 -16.79
CA MET B 166 34.91 40.43 -17.43
C MET B 166 36.09 39.99 -18.30
N LYS B 167 37.19 39.52 -17.71
CA LYS B 167 38.34 39.16 -18.52
C LYS B 167 38.99 37.83 -18.16
N LEU B 168 39.09 37.53 -16.87
CA LEU B 168 40.12 36.60 -16.40
C LEU B 168 39.59 35.28 -15.85
N SER B 169 40.51 34.36 -15.58
CA SER B 169 40.28 32.97 -15.23
C SER B 169 40.17 32.82 -13.71
N MET B 170 40.24 31.59 -13.20
CA MET B 170 40.06 31.33 -11.78
C MET B 170 41.39 31.06 -11.09
N PRO B 171 41.61 31.67 -9.92
CA PRO B 171 42.78 31.32 -9.11
C PRO B 171 42.62 29.93 -8.51
N PRO B 172 43.73 29.26 -8.16
CA PRO B 172 43.61 27.92 -7.59
C PRO B 172 43.16 27.91 -6.13
N GLU B 173 43.38 29.01 -5.42
CA GLU B 173 43.03 29.09 -4.00
C GLU B 173 41.52 29.14 -3.81
N VAL B 174 40.80 29.74 -4.76
CA VAL B 174 39.35 29.77 -4.70
C VAL B 174 38.80 28.39 -5.08
N THR B 175 39.52 27.67 -5.94
CA THR B 175 39.10 26.35 -6.39
C THR B 175 39.16 25.32 -5.25
N SER B 176 40.25 25.34 -4.47
CA SER B 176 40.41 24.37 -3.40
C SER B 176 39.43 24.59 -2.26
N SER B 177 39.19 25.86 -1.89
CA SER B 177 38.12 26.29 -0.98
C SER B 177 38.23 25.65 0.40
N ASN B 178 39.45 25.57 0.92
CA ASN B 178 39.71 24.88 2.18
C ASN B 178 40.55 25.74 3.11
N CYS B 179 40.71 27.02 2.76
CA CYS B 179 41.48 27.90 3.63
C CYS B 179 40.63 28.99 4.25
N HIS B 180 40.03 29.85 3.42
CA HIS B 180 39.28 31.03 3.88
C HIS B 180 38.26 31.47 2.83
N VAL B 181 37.35 32.35 3.22
CA VAL B 181 36.48 33.01 2.24
C VAL B 181 36.88 34.48 2.10
N ARG B 182 37.52 35.03 3.13
CA ARG B 182 37.97 36.41 3.07
C ARG B 182 39.18 36.53 2.15
N GLN B 183 40.00 35.47 2.09
CA GLN B 183 41.08 35.43 1.11
C GLN B 183 40.52 35.33 -0.31
N LYS B 184 39.37 34.66 -0.48
CA LYS B 184 38.70 34.62 -1.78
C LYS B 184 38.21 36.01 -2.18
N ILE B 185 37.60 36.73 -1.22
CA ILE B 185 37.13 38.09 -1.48
C ILE B 185 38.30 39.01 -1.81
N LYS B 186 39.42 38.87 -1.08
CA LYS B 186 40.59 39.70 -1.33
C LYS B 186 41.24 39.38 -2.67
N THR B 187 41.23 38.10 -3.07
CA THR B 187 41.80 37.73 -4.36
C THR B 187 40.94 38.23 -5.52
N LEU B 188 39.61 38.13 -5.38
CA LEU B 188 38.72 38.62 -6.43
C LEU B 188 38.72 40.16 -6.48
N LYS B 189 39.02 40.80 -5.35
CA LYS B 189 39.20 42.25 -5.36
C LYS B 189 40.53 42.64 -5.99
N ARG B 190 41.56 41.81 -5.78
CA ARG B 190 42.90 42.15 -6.27
C ARG B 190 43.02 41.94 -7.77
N MET B 191 42.32 40.93 -8.31
CA MET B 191 42.41 40.65 -9.74
C MET B 191 41.77 41.77 -10.58
N ILE B 192 40.67 42.34 -10.09
CA ILE B 192 40.01 43.45 -10.79
C ILE B 192 40.91 44.70 -10.77
N LYS B 193 41.58 44.94 -9.64
CA LYS B 193 42.48 46.08 -9.54
C LYS B 193 43.72 45.90 -10.41
N GLU B 194 44.22 44.67 -10.51
CA GLU B 194 45.36 44.40 -11.37
C GLU B 194 44.98 44.49 -12.85
N SER B 195 43.74 44.15 -13.18
CA SER B 195 43.27 44.37 -14.55
C SER B 195 43.06 45.85 -14.83
N SER B 196 42.74 46.62 -13.80
CA SER B 196 42.54 48.06 -13.98
C SER B 196 43.86 48.80 -14.12
N THR B 197 44.90 48.35 -13.41
CA THR B 197 46.13 49.14 -13.38
C THR B 197 47.12 48.72 -14.46
N ALA B 198 46.97 47.52 -15.01
CA ALA B 198 47.98 47.01 -15.94
C ALA B 198 47.38 45.95 -16.85
N ASN B 199 47.90 45.89 -18.07
CA ASN B 199 47.58 44.85 -19.05
C ASN B 199 48.35 43.53 -18.84
N PRO B 200 49.67 43.48 -18.58
CA PRO B 200 50.31 42.17 -18.38
C PRO B 200 50.00 41.58 -17.01
N ASN B 201 50.63 40.42 -16.75
CA ASN B 201 50.49 39.60 -15.54
C ASN B 201 49.05 39.19 -15.29
N ILE B 202 48.30 38.88 -16.36
CA ILE B 202 46.90 38.48 -16.24
C ILE B 202 46.69 37.19 -17.00
N LYS B 203 46.11 36.18 -16.35
CA LYS B 203 45.66 34.97 -17.03
C LYS B 203 44.33 35.23 -17.72
N LEU B 204 44.36 36.00 -18.81
CA LEU B 204 43.14 36.53 -19.42
C LEU B 204 42.53 35.50 -20.36
N LEU B 205 41.21 35.29 -20.22
CA LEU B 205 40.49 34.27 -20.97
C LEU B 205 40.16 34.71 -22.39
N ASN B 206 39.31 33.94 -23.07
CA ASN B 206 38.97 34.22 -24.46
C ASN B 206 37.48 34.45 -24.66
N ASN B 207 36.69 34.51 -23.60
CA ASN B 207 35.24 34.58 -23.74
C ASN B 207 34.63 35.28 -22.53
N ARG B 208 33.30 35.39 -22.55
CA ARG B 208 32.57 36.03 -21.46
C ARG B 208 32.13 35.01 -20.42
N MET B 209 31.60 33.87 -20.87
CA MET B 209 31.20 32.81 -19.96
C MET B 209 32.44 32.13 -19.39
N GLY B 210 32.38 31.69 -18.13
CA GLY B 210 33.54 31.16 -17.45
C GLY B 210 33.94 29.77 -17.90
N SER B 211 34.49 29.66 -19.11
CA SER B 211 34.94 28.41 -19.67
C SER B 211 36.46 28.40 -19.72
N TYR B 212 37.06 27.27 -19.36
CA TYR B 212 38.51 27.13 -19.36
C TYR B 212 38.86 25.79 -19.98
N ASP B 213 40.15 25.45 -19.94
CA ASP B 213 40.68 24.24 -20.56
C ASP B 213 41.21 23.32 -19.48
N CYS B 214 40.42 22.30 -19.12
CA CYS B 214 40.83 21.32 -18.12
C CYS B 214 41.41 20.11 -18.85
N THR B 215 42.63 20.29 -19.34
CA THR B 215 43.35 19.25 -20.07
C THR B 215 44.68 18.98 -19.39
N GLY B 216 44.90 17.73 -19.00
CA GLY B 216 46.11 17.33 -18.30
C GLY B 216 47.01 16.50 -19.20
N VAL B 217 48.15 17.08 -19.58
CA VAL B 217 49.11 16.45 -20.47
C VAL B 217 50.06 15.61 -19.61
N ASN B 218 50.16 14.32 -19.96
CA ASN B 218 50.99 13.26 -19.36
C ASN B 218 50.60 12.90 -17.93
N GLU B 219 49.54 13.50 -17.37
CA GLU B 219 49.07 13.15 -16.04
C GLU B 219 47.55 13.12 -16.05
N LEU B 220 46.98 12.61 -14.97
CA LEU B 220 45.53 12.52 -14.86
C LEU B 220 44.91 13.89 -14.59
N ALA B 221 43.67 14.06 -15.01
CA ALA B 221 42.99 15.32 -14.82
C ALA B 221 42.53 15.46 -13.38
N PRO B 222 42.80 16.60 -12.73
CA PRO B 222 42.38 16.80 -11.34
C PRO B 222 40.91 17.17 -11.24
N ILE B 223 40.51 17.50 -10.02
CA ILE B 223 39.15 17.97 -9.71
C ILE B 223 38.91 19.29 -10.42
N PRO B 224 37.83 19.41 -11.20
CA PRO B 224 37.63 20.63 -11.99
C PRO B 224 37.22 21.81 -11.12
N LYS B 225 37.41 23.02 -11.66
CA LYS B 225 37.16 24.25 -10.91
C LYS B 225 35.67 24.51 -10.75
N GLY B 226 34.92 24.40 -11.85
CA GLY B 226 33.48 24.58 -11.83
C GLY B 226 33.01 25.98 -11.50
N ARG B 227 32.19 26.10 -10.45
CA ARG B 227 31.62 27.39 -10.06
C ARG B 227 31.97 27.67 -8.61
N VAL B 228 32.08 28.95 -8.25
CA VAL B 228 32.50 29.36 -6.90
C VAL B 228 31.44 29.03 -5.87
N LYS B 229 30.16 29.20 -6.22
CA LYS B 229 29.05 28.89 -5.31
C LYS B 229 28.95 27.39 -5.04
N TYR B 230 28.96 26.58 -6.10
CA TYR B 230 28.81 25.13 -5.96
C TYR B 230 30.19 24.50 -6.04
N THR B 231 31.00 24.76 -5.02
CA THR B 231 32.37 24.26 -4.94
C THR B 231 32.53 23.21 -3.85
N LYS B 232 32.04 23.48 -2.63
CA LYS B 232 32.12 22.49 -1.57
C LYS B 232 31.11 21.36 -1.77
N ARG B 233 30.12 21.56 -2.65
CA ARG B 233 29.27 20.48 -3.09
C ARG B 233 29.98 19.52 -4.04
N GLN B 234 31.13 19.94 -4.60
CA GLN B 234 31.96 19.10 -5.43
C GLN B 234 33.22 18.62 -4.69
N LYS B 235 33.17 18.60 -3.35
CA LYS B 235 34.36 18.27 -2.56
C LYS B 235 34.69 16.79 -2.58
N HIS B 236 33.70 15.90 -2.53
CA HIS B 236 33.95 14.47 -2.47
C HIS B 236 33.74 13.90 -3.86
N PHE B 237 32.59 14.10 -4.48
CA PHE B 237 32.33 13.56 -5.80
C PHE B 237 32.21 14.68 -6.83
N ALA B 238 32.67 14.39 -8.05
CA ALA B 238 32.54 15.34 -9.15
C ALA B 238 31.15 15.27 -9.76
N TRP B 239 30.89 16.17 -10.72
CA TRP B 239 29.58 16.31 -11.31
C TRP B 239 29.64 16.08 -12.82
N LEU B 240 28.47 15.79 -13.40
CA LEU B 240 28.29 15.86 -14.83
C LEU B 240 28.20 17.32 -15.27
N PRO B 241 28.46 17.62 -16.55
CA PRO B 241 28.19 19.01 -17.01
C PRO B 241 26.72 19.35 -17.02
N THR B 242 25.86 18.34 -17.11
CA THR B 242 24.41 18.49 -17.02
C THR B 242 23.87 18.01 -15.67
N HIS B 243 24.58 18.30 -14.57
CA HIS B 243 24.28 17.70 -13.27
C HIS B 243 22.96 18.19 -12.69
N ILE B 244 22.76 19.51 -12.67
CA ILE B 244 21.55 20.08 -12.07
C ILE B 244 20.35 19.85 -12.97
N TRP B 245 20.58 19.91 -14.30
CA TRP B 245 19.52 19.66 -15.27
C TRP B 245 18.99 18.23 -15.15
N ASN B 246 19.90 17.25 -15.11
CA ASN B 246 19.50 15.86 -14.89
C ASN B 246 18.97 15.63 -13.48
N ALA B 247 19.44 16.44 -12.52
CA ALA B 247 19.01 16.28 -11.14
C ALA B 247 17.57 16.74 -10.95
N LYS B 248 17.12 17.68 -11.78
CA LYS B 248 15.74 18.14 -11.69
C LYS B 248 14.78 17.12 -12.31
N ARG B 249 15.28 16.19 -13.11
CA ARG B 249 14.44 15.32 -13.91
C ARG B 249 14.74 13.83 -13.74
N SER B 250 15.68 13.46 -12.88
CA SER B 250 16.02 12.05 -12.77
C SER B 250 16.53 11.74 -11.36
N HIS B 251 16.58 10.45 -11.07
CA HIS B 251 17.16 9.89 -9.85
C HIS B 251 18.58 9.44 -10.18
N MET B 252 19.54 9.98 -9.42
CA MET B 252 20.95 9.65 -9.56
C MET B 252 21.39 8.87 -8.33
N MET B 253 22.41 8.02 -8.49
CA MET B 253 23.02 7.32 -7.38
C MET B 253 24.51 7.67 -7.35
N LYS B 254 25.09 7.71 -6.15
CA LYS B 254 26.51 8.02 -5.99
C LYS B 254 27.28 6.73 -5.82
N ARG B 255 27.90 6.25 -6.89
CA ARG B 255 28.66 5.01 -6.84
C ARG B 255 30.14 5.25 -7.06
N TRP B 256 30.49 5.85 -8.20
CA TRP B 256 31.87 6.19 -8.50
C TRP B 256 32.10 7.66 -8.18
N GLY B 257 33.24 8.19 -8.63
CA GLY B 257 33.60 9.58 -8.38
C GLY B 257 32.72 10.62 -9.04
N TYR B 258 31.94 10.22 -10.04
CA TYR B 258 30.94 11.09 -10.64
C TYR B 258 29.60 10.83 -9.96
N GLN B 259 28.57 11.52 -10.43
CA GLN B 259 27.19 11.23 -10.04
C GLN B 259 26.34 11.16 -11.30
N MET B 260 26.18 9.96 -11.82
CA MET B 260 25.46 9.73 -13.07
C MET B 260 24.02 9.38 -12.75
N VAL B 261 23.17 9.50 -13.78
CA VAL B 261 21.75 9.23 -13.60
C VAL B 261 21.52 7.73 -13.41
N TRP B 262 20.46 7.38 -12.69
CA TRP B 262 20.12 5.98 -12.53
C TRP B 262 18.77 5.66 -13.19
N ALA B 263 17.76 6.48 -12.95
CA ALA B 263 16.43 6.19 -13.47
C ALA B 263 15.65 7.49 -13.59
N PRO B 264 14.79 7.63 -14.59
CA PRO B 264 13.93 8.81 -14.67
C PRO B 264 12.89 8.82 -13.57
N THR B 265 12.40 10.03 -13.25
CA THR B 265 11.41 10.18 -12.19
C THR B 265 10.07 9.60 -12.59
N GLN B 266 9.58 9.93 -13.78
CA GLN B 266 8.38 9.31 -14.32
C GLN B 266 8.71 7.89 -14.77
N LYS B 267 7.71 7.01 -14.73
CA LYS B 267 7.92 5.62 -15.09
C LYS B 267 8.14 5.47 -16.59
N CYS B 268 9.28 4.89 -16.95
CA CYS B 268 9.65 4.76 -18.35
C CYS B 268 10.19 3.38 -18.71
N PHE B 269 9.73 2.31 -18.06
CA PHE B 269 10.15 0.96 -18.45
C PHE B 269 9.65 0.61 -19.85
N LYS B 270 8.34 0.52 -20.01
CA LYS B 270 7.76 0.19 -21.31
C LYS B 270 7.92 1.33 -22.31
N LEU B 271 8.03 2.56 -21.81
CA LEU B 271 8.18 3.72 -22.67
C LEU B 271 9.52 3.72 -23.39
N THR B 272 10.62 3.56 -22.65
CA THR B 272 11.93 3.46 -23.25
C THR B 272 12.07 2.14 -24.01
N HIS B 273 11.37 1.10 -23.55
CA HIS B 273 11.36 -0.18 -24.26
C HIS B 273 10.74 -0.06 -25.65
N ARG B 274 9.71 0.77 -25.80
CA ARG B 274 9.06 0.88 -27.10
C ARG B 274 9.69 1.96 -27.97
N LEU B 275 10.22 3.03 -27.37
CA LEU B 275 10.71 4.14 -28.18
C LEU B 275 12.20 4.03 -28.49
N GLY B 276 12.99 3.53 -27.54
CA GLY B 276 14.41 3.37 -27.76
C GLY B 276 14.80 1.95 -28.10
N GLY B 277 13.85 1.02 -27.94
CA GLY B 277 14.13 -0.38 -28.14
C GLY B 277 14.30 -0.84 -29.58
N ASP B 278 14.30 -2.15 -29.77
CA ASP B 278 14.48 -2.75 -31.09
C ASP B 278 13.13 -2.95 -31.75
N THR B 279 12.06 -2.49 -31.10
CA THR B 279 10.73 -2.55 -31.68
C THR B 279 10.61 -1.56 -32.85
N CYS B 280 9.73 -1.89 -33.78
CA CYS B 280 9.54 -1.05 -34.97
C CYS B 280 8.79 0.23 -34.62
N SER B 281 7.76 0.12 -33.78
CA SER B 281 7.03 1.30 -33.34
C SER B 281 7.86 2.10 -32.34
N SER B 282 8.82 2.86 -32.85
CA SER B 282 9.80 3.56 -32.03
C SER B 282 9.82 5.04 -32.39
N ASP B 283 8.64 5.66 -32.47
CA ASP B 283 8.50 7.05 -32.88
C ASP B 283 8.98 7.98 -31.77
N GLY B 284 10.29 8.09 -31.60
CA GLY B 284 10.84 8.99 -30.61
C GLY B 284 12.36 9.04 -30.65
N ALA B 285 12.96 9.47 -29.54
CA ALA B 285 14.41 9.54 -29.43
C ALA B 285 14.75 9.48 -27.95
N LEU B 286 15.84 8.81 -27.61
CA LEU B 286 16.27 8.62 -26.23
C LEU B 286 17.73 9.02 -26.10
N CYS B 287 18.02 9.88 -25.12
CA CYS B 287 19.34 10.46 -24.94
C CYS B 287 19.91 10.08 -23.59
N MET B 288 21.16 9.63 -23.58
CA MET B 288 21.88 9.20 -22.39
C MET B 288 23.10 10.08 -22.20
N ASP B 289 23.26 10.63 -21.01
CA ASP B 289 24.44 11.39 -20.63
C ASP B 289 25.53 10.40 -20.26
N SER B 290 26.48 10.21 -21.17
CA SER B 290 27.54 9.22 -21.03
C SER B 290 28.89 9.91 -20.87
N SER B 291 28.90 10.97 -20.05
CA SER B 291 30.15 11.68 -19.76
C SER B 291 31.06 10.89 -18.83
N TYR B 292 30.52 9.86 -18.17
CA TYR B 292 31.33 9.07 -17.25
C TYR B 292 32.32 8.17 -17.99
N ILE B 293 32.01 7.80 -19.23
CA ILE B 293 32.90 6.96 -20.02
C ILE B 293 34.17 7.72 -20.35
N GLY B 294 35.30 7.26 -19.81
CA GLY B 294 36.56 7.96 -19.90
C GLY B 294 37.38 7.50 -21.09
N THR B 295 38.04 8.46 -21.73
CA THR B 295 38.85 8.22 -22.92
C THR B 295 40.29 8.68 -22.67
N ILE B 296 41.24 8.01 -23.32
CA ILE B 296 42.63 8.44 -23.38
C ILE B 296 43.06 8.53 -24.84
N ILE B 297 43.93 9.49 -25.13
CA ILE B 297 44.44 9.74 -26.47
C ILE B 297 45.92 9.43 -26.48
N VAL B 298 46.36 8.53 -27.34
CA VAL B 298 47.76 8.13 -27.43
C VAL B 298 48.29 8.50 -28.81
N LYS B 299 49.49 9.05 -28.86
CA LYS B 299 50.15 9.45 -30.09
C LYS B 299 51.62 9.07 -30.00
N ASP B 300 52.21 8.68 -31.13
CA ASP B 300 53.59 8.23 -31.14
C ASP B 300 54.52 9.43 -31.31
N LYS B 301 55.29 9.71 -30.25
CA LYS B 301 56.25 10.82 -30.25
C LYS B 301 57.60 10.43 -30.86
N SER B 302 57.92 9.14 -30.88
CA SER B 302 59.21 8.63 -31.34
C SER B 302 59.47 8.90 -32.81
N ASN B 303 58.52 8.55 -33.67
CA ASN B 303 58.70 8.73 -35.10
C ASN B 303 57.56 9.53 -35.69
N ASP B 304 57.91 10.42 -36.64
CA ASP B 304 56.92 11.16 -37.41
C ASP B 304 56.37 10.33 -38.57
N SER B 305 57.03 9.21 -38.88
CA SER B 305 56.59 8.27 -39.90
C SER B 305 55.52 7.33 -39.35
N GLU B 306 55.32 6.21 -40.05
CA GLU B 306 54.35 5.16 -39.73
C GLU B 306 54.47 4.65 -38.29
N GLY B 307 53.34 4.30 -37.68
CA GLY B 307 53.33 3.91 -36.28
C GLY B 307 53.72 2.47 -36.04
N ASP B 308 54.95 2.26 -35.55
CA ASP B 308 55.44 0.92 -35.31
C ASP B 308 55.00 0.39 -33.95
N PHE B 309 55.00 1.27 -32.94
CA PHE B 309 54.74 0.81 -31.58
C PHE B 309 53.25 0.81 -31.27
N LEU B 310 52.44 1.46 -32.11
CA LEU B 310 51.00 1.52 -31.87
C LEU B 310 50.34 0.16 -32.03
N LYS B 311 50.67 -0.54 -33.12
CA LYS B 311 50.13 -1.89 -33.35
C LYS B 311 50.59 -2.85 -32.25
N SER B 312 51.82 -2.67 -31.77
CA SER B 312 52.33 -3.52 -30.69
C SER B 312 51.60 -3.25 -29.37
N ILE B 313 51.32 -1.97 -29.06
CA ILE B 313 50.70 -1.68 -27.77
C ILE B 313 49.20 -2.00 -27.83
N ILE B 314 48.61 -1.98 -29.03
CA ILE B 314 47.23 -2.47 -29.17
C ILE B 314 47.19 -3.98 -29.02
N GLY B 315 48.17 -4.69 -29.59
CA GLY B 315 48.27 -6.12 -29.40
C GLY B 315 48.68 -6.55 -28.00
N LYS B 316 49.22 -5.63 -27.21
CA LYS B 316 49.50 -5.93 -25.80
C LYS B 316 48.32 -5.62 -24.90
N LEU B 317 47.65 -4.48 -25.12
CA LEU B 317 46.47 -4.13 -24.31
C LEU B 317 45.30 -5.06 -24.59
N THR B 318 44.99 -5.30 -25.86
CA THR B 318 43.94 -6.23 -26.26
C THR B 318 44.56 -7.49 -26.81
N ALA B 319 43.70 -8.38 -27.32
CA ALA B 319 44.13 -9.59 -28.00
C ALA B 319 44.45 -9.30 -29.46
N GLU B 320 44.59 -10.35 -30.27
CA GLU B 320 44.72 -10.20 -31.71
C GLU B 320 43.34 -10.13 -32.39
N ARG B 321 42.32 -9.85 -31.59
CA ARG B 321 40.92 -9.70 -31.98
C ARG B 321 40.58 -8.29 -32.42
N ALA B 322 41.22 -7.27 -31.83
CA ALA B 322 40.93 -5.89 -32.19
C ALA B 322 42.09 -5.21 -32.90
N ASN B 323 43.09 -5.97 -33.35
CA ASN B 323 44.26 -5.40 -34.02
C ASN B 323 44.24 -5.68 -35.53
N LEU B 324 43.07 -5.57 -36.15
CA LEU B 324 42.92 -5.96 -37.56
C LEU B 324 43.53 -4.91 -38.49
N ARG B 325 43.93 -5.39 -39.67
CA ARG B 325 44.31 -4.48 -40.75
C ARG B 325 43.08 -3.80 -41.35
N LYS B 326 41.93 -4.48 -41.27
CA LYS B 326 40.67 -3.90 -41.72
C LYS B 326 40.28 -2.69 -40.88
N TYR B 327 40.58 -2.74 -39.57
CA TYR B 327 40.27 -1.60 -38.71
C TYR B 327 41.29 -0.48 -38.89
N ARG B 328 42.46 -0.81 -39.44
CA ARG B 328 43.41 0.22 -39.83
C ARG B 328 42.97 0.92 -41.10
N GLU B 329 42.44 0.15 -42.06
CA GLU B 329 42.07 0.71 -43.36
C GLU B 329 40.74 1.47 -43.27
N GLY B 330 39.70 0.83 -42.74
CA GLY B 330 38.38 1.45 -42.77
C GLY B 330 38.11 2.34 -41.57
N GLN B 331 39.08 2.45 -40.65
CA GLN B 331 39.13 3.27 -39.42
C GLN B 331 37.85 3.28 -38.58
N VAL B 332 37.08 2.21 -38.56
CA VAL B 332 35.84 2.17 -37.78
C VAL B 332 36.18 1.91 -36.32
N LEU B 333 35.42 2.50 -35.40
CA LEU B 333 35.52 2.20 -33.97
C LEU B 333 35.06 0.77 -33.74
N PHE B 334 35.76 0.08 -32.85
CA PHE B 334 35.37 -1.25 -32.45
C PHE B 334 35.26 -1.32 -30.94
N GLN B 335 34.17 -1.93 -30.46
CA GLN B 335 33.98 -2.21 -29.05
C GLN B 335 34.18 -3.69 -28.81
N GLY B 336 34.97 -4.02 -27.81
CA GLY B 336 35.30 -5.41 -27.54
C GLY B 336 35.78 -5.63 -26.12
N LEU B 337 36.43 -6.76 -25.93
CA LEU B 337 36.85 -7.18 -24.60
C LEU B 337 38.35 -6.94 -24.42
N ILE B 338 38.69 -6.16 -23.40
CA ILE B 338 40.07 -5.90 -23.03
C ILE B 338 40.40 -6.73 -21.79
N TYR B 339 41.63 -7.23 -21.73
CA TYR B 339 42.14 -7.97 -20.59
C TYR B 339 43.46 -7.35 -20.15
N SER B 340 43.64 -7.25 -18.84
CA SER B 340 44.79 -6.56 -18.25
C SER B 340 46.01 -7.47 -18.29
N PHE B 341 47.06 -7.02 -18.96
CA PHE B 341 48.31 -7.77 -19.00
C PHE B 341 49.24 -7.31 -17.88
N ASN B 342 50.17 -8.18 -17.51
CA ASN B 342 51.16 -7.87 -16.49
C ASN B 342 52.42 -8.68 -16.77
N GLU B 343 53.48 -7.99 -17.17
CA GLU B 343 54.77 -8.61 -17.44
C GLU B 343 55.83 -7.97 -16.57
N GLU B 344 56.34 -8.73 -15.59
CA GLU B 344 57.33 -8.20 -14.66
C GLU B 344 58.69 -8.66 -15.12
N ASN B 345 58.95 -9.97 -15.20
CA ASN B 345 60.24 -10.48 -15.66
C ASN B 345 60.01 -11.89 -16.20
N GLY B 346 59.89 -11.99 -17.53
CA GLY B 346 59.78 -13.29 -18.17
C GLY B 346 58.48 -14.02 -17.98
N GLU B 347 57.48 -13.42 -17.32
CA GLU B 347 56.22 -14.08 -17.07
C GLU B 347 55.10 -13.11 -17.44
N ASP B 348 54.03 -13.63 -18.02
CA ASP B 348 52.88 -12.83 -18.44
C ASP B 348 51.63 -13.42 -17.81
N SER B 349 50.94 -12.60 -17.01
CA SER B 349 49.71 -13.00 -16.35
C SER B 349 48.56 -12.16 -16.92
N THR B 350 47.56 -12.84 -17.47
CA THR B 350 46.43 -12.18 -18.11
C THR B 350 45.17 -12.43 -17.30
N LYS B 351 44.48 -11.35 -16.94
CA LYS B 351 43.22 -11.38 -16.23
C LYS B 351 42.15 -10.65 -17.04
N PRO B 352 40.91 -11.15 -17.06
CA PRO B 352 39.84 -10.46 -17.80
C PRO B 352 39.48 -9.12 -17.20
N LEU B 353 39.56 -8.05 -18.00
CA LEU B 353 39.47 -6.72 -17.43
C LEU B 353 38.09 -6.10 -17.65
N GLY B 354 37.62 -6.05 -18.89
CA GLY B 354 36.30 -5.51 -19.13
C GLY B 354 36.04 -5.10 -20.57
N PRO B 355 35.16 -4.09 -20.75
CA PRO B 355 34.89 -3.59 -22.10
C PRO B 355 35.88 -2.53 -22.53
N CYS B 356 35.93 -2.27 -23.83
CA CYS B 356 36.86 -1.30 -24.41
C CYS B 356 36.30 -0.77 -25.72
N ASP B 357 36.54 0.51 -26.01
CA ASP B 357 36.22 1.10 -27.29
C ASP B 357 37.49 1.70 -27.89
N VAL B 358 37.85 1.21 -29.07
CA VAL B 358 39.09 1.59 -29.75
C VAL B 358 38.74 2.32 -31.04
N PHE B 359 39.37 3.48 -31.26
CA PHE B 359 39.17 4.25 -32.48
C PHE B 359 40.51 4.87 -32.91
N TRP B 360 40.74 4.94 -34.21
CA TRP B 360 42.02 5.30 -34.80
C TRP B 360 41.84 6.45 -35.78
N VAL B 361 42.90 7.25 -35.99
CA VAL B 361 42.90 8.32 -36.98
C VAL B 361 43.94 7.99 -38.04
N GLN B 362 43.51 7.22 -39.03
CA GLN B 362 44.11 6.87 -40.34
C GLN B 362 45.34 5.98 -40.20
N LYS B 363 46.22 6.19 -39.20
CA LYS B 363 47.28 5.22 -38.88
C LYS B 363 47.72 5.21 -37.42
N ASP B 364 47.71 6.35 -36.72
CA ASP B 364 48.74 6.54 -35.70
C ASP B 364 48.17 6.98 -34.35
N THR B 365 47.15 7.83 -34.35
CA THR B 365 46.65 8.33 -33.08
C THR B 365 45.37 7.58 -32.75
N ALA B 366 45.17 7.33 -31.46
CA ALA B 366 44.12 6.44 -31.01
C ALA B 366 43.42 7.01 -29.78
N ILE B 367 42.10 6.92 -29.78
CA ILE B 367 41.30 7.19 -28.59
C ILE B 367 40.73 5.86 -28.10
N ILE B 368 40.83 5.65 -26.79
CA ILE B 368 40.35 4.44 -26.13
C ILE B 368 39.48 4.86 -24.96
N ARG B 369 38.22 4.42 -24.98
CA ARG B 369 37.26 4.83 -23.97
C ARG B 369 36.49 3.64 -23.40
N LEU B 370 36.30 3.65 -22.08
CA LEU B 370 35.75 2.53 -21.31
C LEU B 370 35.37 2.97 -19.89
N HIS B 371 35.11 1.96 -19.06
CA HIS B 371 34.54 2.12 -17.72
C HIS B 371 35.51 2.84 -16.77
N PRO B 372 34.99 3.72 -15.88
CA PRO B 372 35.89 4.62 -15.11
C PRO B 372 36.89 3.98 -14.17
N SER B 373 36.52 2.92 -13.44
CA SER B 373 37.53 2.23 -12.62
C SER B 373 38.51 1.47 -13.51
N ILE B 374 37.99 0.85 -14.57
CA ILE B 374 38.82 0.25 -15.60
C ILE B 374 39.65 1.33 -16.30
N TYR B 375 39.12 2.55 -16.39
CA TYR B 375 39.88 3.68 -16.93
C TYR B 375 41.06 4.05 -16.04
N THR B 376 40.85 4.05 -14.71
CA THR B 376 41.95 4.31 -13.79
C THR B 376 43.00 3.20 -13.86
N GLN B 377 42.56 1.95 -13.99
CA GLN B 377 43.51 0.84 -14.08
C GLN B 377 44.29 0.83 -15.38
N VAL B 378 43.62 1.11 -16.51
CA VAL B 378 44.29 1.18 -17.80
C VAL B 378 45.23 2.39 -17.85
N PHE B 379 44.84 3.50 -17.20
CA PHE B 379 45.72 4.66 -17.15
C PHE B 379 46.95 4.39 -16.29
N ASN B 380 46.79 3.58 -15.22
CA ASN B 380 47.93 3.22 -14.40
C ASN B 380 48.88 2.29 -15.15
N ILE B 381 48.35 1.30 -15.88
CA ILE B 381 49.19 0.40 -16.68
C ILE B 381 49.86 1.16 -17.82
N LEU B 382 49.18 2.14 -18.41
CA LEU B 382 49.76 2.90 -19.51
C LEU B 382 50.80 3.89 -19.00
N LEU B 383 50.61 4.40 -17.78
CA LEU B 383 51.61 5.29 -17.17
C LEU B 383 52.79 4.49 -16.64
N GLN B 384 52.60 3.19 -16.45
CA GLN B 384 53.74 2.33 -16.09
C GLN B 384 54.73 2.25 -17.25
N HIS B 385 54.25 1.97 -18.45
CA HIS B 385 55.08 1.96 -19.65
C HIS B 385 54.73 3.18 -20.51
N LYS B 386 55.37 4.30 -20.21
CA LYS B 386 55.12 5.57 -20.89
C LYS B 386 56.37 6.17 -21.51
N GLU B 387 57.32 5.32 -21.92
CA GLU B 387 58.71 5.68 -22.27
C GLU B 387 58.71 6.62 -23.48
N LYS B 388 58.08 6.27 -24.60
CA LYS B 388 58.23 7.09 -25.79
C LYS B 388 56.95 7.87 -26.11
N LEU B 389 55.79 7.19 -26.09
CA LEU B 389 54.56 7.81 -26.52
C LEU B 389 54.00 8.75 -25.47
N THR B 390 53.39 9.85 -25.93
CA THR B 390 52.77 10.82 -25.06
C THR B 390 51.29 10.48 -24.86
N VAL B 391 50.88 10.37 -23.60
CA VAL B 391 49.52 10.03 -23.23
C VAL B 391 48.74 11.33 -23.03
N GLN B 392 47.42 11.24 -23.15
CA GLN B 392 46.54 12.40 -22.99
C GLN B 392 45.30 11.97 -22.23
N ASP B 393 45.18 12.41 -20.98
CA ASP B 393 44.03 12.11 -20.14
C ASP B 393 42.93 13.13 -20.40
N CYS B 394 41.72 12.64 -20.68
CA CYS B 394 40.59 13.54 -20.99
C CYS B 394 39.39 13.07 -20.16
N ARG B 395 39.30 13.60 -18.93
CA ARG B 395 38.17 13.34 -18.06
C ARG B 395 37.21 14.51 -17.97
N TYR B 396 37.71 15.75 -18.13
CA TYR B 396 36.88 16.93 -18.00
C TYR B 396 37.04 17.88 -19.17
N SER B 397 37.46 17.39 -20.34
CA SER B 397 37.60 18.21 -21.53
C SER B 397 36.94 17.61 -22.75
N LEU B 398 36.43 16.37 -22.64
CA LEU B 398 35.80 15.69 -23.76
C LEU B 398 34.85 14.62 -23.23
N ALA B 399 33.63 14.59 -23.77
CA ALA B 399 32.60 13.66 -23.34
C ALA B 399 31.61 13.42 -24.48
N SER B 400 30.95 12.27 -24.46
CA SER B 400 29.99 11.90 -25.49
C SER B 400 28.62 11.67 -24.85
N VAL B 401 27.57 11.86 -25.63
CA VAL B 401 26.21 11.50 -25.23
C VAL B 401 25.64 10.56 -26.29
N THR B 402 24.74 9.69 -25.86
CA THR B 402 24.28 8.55 -26.66
C THR B 402 22.82 8.74 -27.04
N LEU B 403 22.55 8.79 -28.34
CA LEU B 403 21.19 8.85 -28.87
C LEU B 403 20.79 7.47 -29.39
N LYS B 404 19.52 7.14 -29.19
CA LYS B 404 19.00 5.82 -29.52
C LYS B 404 17.54 5.93 -29.93
N GLY B 405 17.19 5.23 -30.99
CA GLY B 405 15.82 5.18 -31.47
C GLY B 405 15.79 5.27 -32.98
N ALA B 406 14.60 5.59 -33.49
CA ALA B 406 14.39 5.79 -34.92
C ALA B 406 14.49 7.23 -35.36
N LYS B 407 13.98 8.18 -34.55
CA LYS B 407 14.02 9.60 -34.89
C LYS B 407 15.10 10.33 -34.09
N ALA B 408 16.12 9.61 -33.63
CA ALA B 408 17.23 10.27 -32.94
C ALA B 408 18.11 11.05 -33.91
N LEU B 409 18.28 10.51 -35.13
CA LEU B 409 19.08 11.19 -36.13
C LEU B 409 18.38 12.44 -36.64
N GLU B 410 17.04 12.41 -36.71
CA GLU B 410 16.29 13.58 -37.15
C GLU B 410 16.34 14.69 -36.12
N SER B 411 16.23 14.34 -34.83
CA SER B 411 16.33 15.34 -33.77
C SER B 411 17.77 15.86 -33.65
N LEU B 412 18.76 15.00 -33.91
CA LEU B 412 20.15 15.43 -33.84
C LEU B 412 20.51 16.37 -34.98
N ALA B 413 19.98 16.10 -36.19
CA ALA B 413 20.17 17.02 -37.29
C ALA B 413 19.31 18.27 -37.13
N SER B 414 18.23 18.17 -36.35
CA SER B 414 17.45 19.36 -36.01
C SER B 414 18.19 20.26 -35.04
N CYS B 415 19.02 19.66 -34.18
CA CYS B 415 19.68 20.44 -33.14
C CYS B 415 20.88 21.22 -33.68
N LEU B 416 21.48 20.75 -34.78
CA LEU B 416 22.68 21.37 -35.34
C LEU B 416 22.35 22.00 -36.69
N ARG B 417 23.16 22.99 -37.09
CA ARG B 417 23.09 23.58 -38.42
C ARG B 417 24.49 23.67 -39.01
N SER B 418 24.57 23.99 -40.30
CA SER B 418 25.84 24.03 -41.02
C SER B 418 26.43 25.44 -41.00
N THR B 419 27.75 25.50 -41.06
CA THR B 419 28.49 26.75 -41.20
C THR B 419 29.29 26.79 -42.49
N GLU B 420 29.33 25.67 -43.22
CA GLU B 420 30.07 25.55 -44.47
C GLU B 420 29.47 24.43 -45.31
N TYR B 421 29.47 24.59 -46.63
CA TYR B 421 28.99 23.55 -47.53
C TYR B 421 30.10 22.52 -47.70
N SER B 422 29.92 21.35 -47.08
CA SER B 422 30.89 20.27 -47.17
C SER B 422 30.14 18.95 -47.42
N LYS B 423 30.92 17.89 -47.66
CA LYS B 423 30.35 16.58 -47.96
C LYS B 423 29.76 15.89 -46.75
N SER B 424 30.35 16.05 -45.56
CA SER B 424 29.90 15.36 -44.37
C SER B 424 28.51 15.83 -43.95
N PHE B 425 28.21 17.10 -44.21
CA PHE B 425 26.87 17.62 -44.00
C PHE B 425 25.85 16.91 -44.91
N GLU B 426 26.22 16.67 -46.16
CA GLU B 426 25.32 16.00 -47.11
C GLU B 426 25.11 14.54 -46.72
N GLN B 427 26.19 13.85 -46.32
CA GLN B 427 26.06 12.47 -45.85
C GLN B 427 25.19 12.37 -44.60
N PHE B 428 25.40 13.27 -43.62
CA PHE B 428 24.64 13.19 -42.39
C PHE B 428 23.19 13.59 -42.60
N LYS B 429 22.92 14.54 -43.51
CA LYS B 429 21.55 14.93 -43.78
C LYS B 429 20.80 13.86 -44.57
N MET B 430 21.51 13.07 -45.38
CA MET B 430 20.81 11.96 -46.02
C MET B 430 20.61 10.79 -45.05
N VAL B 431 21.55 10.57 -44.13
CA VAL B 431 21.40 9.56 -43.08
C VAL B 431 20.23 9.92 -42.17
N SER B 432 20.03 11.21 -41.91
CA SER B 432 18.99 11.66 -40.98
C SER B 432 17.57 11.49 -41.51
N MET B 433 17.41 11.17 -42.81
CA MET B 433 16.07 11.14 -43.38
C MET B 433 15.56 9.71 -43.56
N ILE B 434 16.44 8.70 -43.49
CA ILE B 434 16.03 7.35 -43.84
C ILE B 434 15.26 6.70 -42.70
N THR B 435 15.45 7.20 -41.47
CA THR B 435 14.83 6.70 -40.23
C THR B 435 15.08 5.19 -40.05
N ASP B 436 16.35 4.82 -40.00
CA ASP B 436 16.77 3.41 -39.92
C ASP B 436 18.21 3.37 -39.41
N HIS B 437 18.58 2.25 -38.78
CA HIS B 437 19.91 2.11 -38.21
C HIS B 437 20.73 1.04 -38.92
N ASN B 438 20.20 -0.19 -39.00
CA ASN B 438 21.05 -1.33 -39.34
C ASN B 438 21.25 -1.47 -40.85
N ALA B 439 20.48 -0.71 -41.65
CA ALA B 439 20.66 -0.77 -43.10
C ALA B 439 21.93 -0.03 -43.53
N LEU B 440 22.39 0.90 -42.70
CA LEU B 440 23.65 1.57 -42.93
C LEU B 440 24.81 0.60 -42.69
N PRO B 441 25.97 0.83 -43.32
CA PRO B 441 27.10 -0.08 -43.11
C PRO B 441 27.73 0.06 -41.72
N GLN B 442 28.80 -0.71 -41.52
CA GLN B 442 29.44 -0.79 -40.21
C GLN B 442 30.16 0.52 -39.87
N ARG B 443 30.78 1.16 -40.86
CA ARG B 443 31.49 2.41 -40.63
C ARG B 443 30.56 3.58 -40.98
N CYS B 444 30.27 4.37 -39.94
CA CYS B 444 29.62 5.67 -40.12
C CYS B 444 30.18 6.61 -39.05
N THR B 445 31.25 7.32 -39.40
CA THR B 445 31.94 8.22 -38.49
C THR B 445 32.02 9.59 -39.14
N PHE B 446 31.09 10.47 -38.83
CA PHE B 446 31.01 11.77 -39.49
C PHE B 446 31.51 12.85 -38.54
N ALA B 447 32.14 13.87 -39.10
CA ALA B 447 32.69 14.96 -38.31
C ALA B 447 32.71 16.22 -39.15
N PHE B 448 32.48 17.36 -38.50
CA PHE B 448 32.35 18.63 -39.19
C PHE B 448 32.53 19.77 -38.20
N GLU B 449 32.42 21.00 -38.71
CA GLU B 449 32.43 22.19 -37.88
C GLU B 449 31.04 22.81 -37.93
N ALA B 450 30.50 23.16 -36.76
CA ALA B 450 29.13 23.62 -36.65
C ALA B 450 29.05 24.84 -35.76
N ILE B 451 27.83 25.37 -35.62
CA ILE B 451 27.62 26.57 -34.83
C ILE B 451 27.21 26.17 -33.40
N ASP B 452 27.38 27.11 -32.48
CA ASP B 452 26.88 26.94 -31.12
C ASP B 452 25.36 26.84 -31.13
N PRO B 453 24.78 25.78 -30.57
CA PRO B 453 23.30 25.62 -30.63
C PRO B 453 22.52 26.61 -29.77
N ARG B 454 23.17 27.51 -29.03
CA ARG B 454 22.47 28.59 -28.37
C ARG B 454 21.99 29.67 -29.34
N HIS B 455 22.44 29.64 -30.60
CA HIS B 455 21.93 30.57 -31.60
C HIS B 455 20.46 30.27 -31.93
N LEU B 456 20.06 29.00 -31.88
CA LEU B 456 18.72 28.64 -32.32
C LEU B 456 17.70 28.81 -31.21
N ALA B 457 17.87 28.06 -30.10
CA ALA B 457 17.01 28.06 -28.92
C ALA B 457 15.54 27.79 -29.23
N ALA B 458 15.25 26.99 -30.27
CA ALA B 458 13.88 26.69 -30.66
C ALA B 458 13.81 25.35 -31.36
N PRO B 459 12.75 24.56 -31.14
CA PRO B 459 12.64 23.27 -31.85
C PRO B 459 12.25 23.44 -33.31
N LYS B 460 13.23 23.28 -34.20
CA LYS B 460 13.05 23.43 -35.64
C LYS B 460 13.86 22.37 -36.36
N LYS B 461 13.29 21.81 -37.43
CA LYS B 461 13.99 20.85 -38.28
C LYS B 461 14.15 21.45 -39.68
N LEU B 462 15.25 21.08 -40.34
CA LEU B 462 15.56 21.55 -41.68
C LEU B 462 15.63 20.34 -42.60
N ASN B 463 14.77 20.32 -43.62
CA ASN B 463 14.69 19.20 -44.56
C ASN B 463 14.53 19.77 -45.96
N ASP B 464 15.31 19.26 -46.91
CA ASP B 464 15.24 19.67 -48.31
C ASP B 464 14.14 18.87 -49.00
N SER B 465 13.93 19.17 -50.28
CA SER B 465 12.89 18.52 -51.10
C SER B 465 13.26 17.05 -51.30
N GLN B 466 14.37 16.73 -51.96
CA GLN B 466 14.94 15.40 -52.21
C GLN B 466 14.06 14.47 -53.05
N ARG B 467 12.92 14.95 -53.58
CA ARG B 467 12.08 14.26 -54.58
C ARG B 467 11.44 12.97 -54.05
N LYS B 468 11.47 12.79 -52.73
CA LYS B 468 10.89 11.66 -51.99
C LYS B 468 11.41 10.33 -52.53
N THR B 469 12.70 10.07 -52.38
CA THR B 469 13.30 8.82 -52.82
C THR B 469 14.42 8.40 -51.86
N VAL B 470 14.36 7.14 -51.42
CA VAL B 470 15.37 6.54 -50.55
C VAL B 470 15.67 5.14 -51.07
N ASN B 471 16.92 4.93 -51.46
CA ASN B 471 17.33 3.62 -51.97
C ASN B 471 18.69 3.26 -51.38
N SER B 472 19.10 2.01 -51.62
CA SER B 472 20.39 1.56 -51.12
C SER B 472 21.53 1.97 -52.05
N ASP B 473 21.18 2.43 -53.26
CA ASP B 473 22.20 2.86 -54.22
C ASP B 473 22.89 4.14 -53.76
N ASP B 474 22.12 5.07 -53.19
CA ASP B 474 22.73 6.29 -52.65
C ASP B 474 23.55 5.99 -51.38
N ILE B 475 23.14 4.98 -50.62
CA ILE B 475 23.90 4.56 -49.44
C ILE B 475 25.23 3.95 -49.87
N LEU B 476 25.23 3.15 -50.93
CA LEU B 476 26.49 2.62 -51.47
C LEU B 476 27.33 3.72 -52.10
N SER B 477 26.68 4.75 -52.66
CA SER B 477 27.42 5.87 -53.21
C SER B 477 28.10 6.69 -52.13
N LEU B 478 27.47 6.81 -50.96
CA LEU B 478 28.14 7.47 -49.85
C LEU B 478 29.17 6.56 -49.21
N HIS B 479 29.01 5.24 -49.38
CA HIS B 479 30.00 4.29 -48.89
C HIS B 479 31.26 4.33 -49.75
N GLU B 480 31.11 4.63 -51.05
CA GLU B 480 32.27 4.72 -51.94
C GLU B 480 33.09 5.98 -51.67
N ASN B 481 32.43 7.12 -51.48
CA ASN B 481 33.09 8.40 -51.30
C ASN B 481 33.00 8.82 -49.84
N TYR B 482 34.12 8.77 -49.14
CA TYR B 482 34.17 9.12 -47.72
C TYR B 482 35.19 10.23 -47.50
N PRO B 483 34.78 11.40 -47.00
CA PRO B 483 35.71 12.55 -46.81
C PRO B 483 36.62 12.35 -45.60
N GLN B 484 37.74 11.65 -45.84
CA GLN B 484 38.66 11.32 -44.75
C GLN B 484 39.36 12.55 -44.19
N ASP B 485 39.68 13.52 -45.07
CA ASP B 485 40.58 14.60 -44.69
C ASP B 485 39.94 15.56 -43.69
N GLU B 486 38.71 16.01 -43.97
CA GLU B 486 38.06 16.99 -43.09
C GLU B 486 37.62 16.35 -41.78
N ILE B 487 37.12 15.12 -41.84
CA ILE B 487 36.71 14.39 -40.64
C ILE B 487 37.89 14.11 -39.73
N ASN B 488 39.03 13.72 -40.32
CA ASN B 488 40.22 13.47 -39.51
C ASN B 488 40.87 14.77 -39.06
N ALA B 489 40.62 15.87 -39.78
CA ALA B 489 41.06 17.18 -39.29
C ALA B 489 40.26 17.62 -38.08
N VAL B 490 38.97 17.31 -38.06
CA VAL B 490 38.15 17.57 -36.87
C VAL B 490 38.59 16.68 -35.71
N PHE B 491 39.00 15.44 -36.01
CA PHE B 491 39.60 14.56 -35.01
C PHE B 491 40.89 15.15 -34.44
N ASN B 492 41.73 15.72 -35.30
CA ASN B 492 42.98 16.32 -34.87
C ASN B 492 42.73 17.60 -34.08
N GLU B 493 41.64 18.31 -34.39
CA GLU B 493 41.25 19.47 -33.61
C GLU B 493 40.79 19.07 -32.21
N LEU B 494 40.03 17.97 -32.11
CA LEU B 494 39.51 17.58 -30.81
C LEU B 494 40.56 16.87 -29.95
N CYS B 495 41.58 16.26 -30.57
CA CYS B 495 42.58 15.57 -29.77
C CYS B 495 43.57 16.56 -29.16
N ASP B 496 43.92 17.61 -29.91
CA ASP B 496 44.90 18.61 -29.46
C ASP B 496 44.27 19.56 -28.45
N PRO B 497 45.03 19.98 -27.42
CA PRO B 497 44.46 20.91 -26.43
C PRO B 497 44.42 22.34 -26.91
N GLU B 498 45.20 22.66 -27.94
CA GLU B 498 45.26 24.04 -28.43
C GLU B 498 44.00 24.40 -29.22
N SER B 499 43.47 23.46 -30.01
CA SER B 499 42.31 23.77 -30.85
C SER B 499 41.04 23.85 -30.02
N ARG B 500 40.91 23.01 -28.99
CA ARG B 500 39.73 23.11 -28.12
C ARG B 500 39.78 24.38 -27.28
N THR B 501 40.98 24.87 -26.99
CA THR B 501 41.11 26.16 -26.31
C THR B 501 40.79 27.31 -27.27
N GLN B 502 41.18 27.17 -28.54
CA GLN B 502 40.86 28.17 -29.54
C GLN B 502 39.36 28.20 -29.87
N SER B 503 38.67 27.08 -29.61
CA SER B 503 37.23 27.01 -29.87
C SER B 503 36.43 27.95 -28.96
N TYR B 504 36.96 28.27 -27.77
CA TYR B 504 36.26 29.15 -26.84
C TYR B 504 36.60 30.62 -27.05
N ASN B 505 37.05 31.00 -28.25
CA ASN B 505 37.47 32.37 -28.51
C ASN B 505 36.29 33.34 -28.69
N ASN B 506 35.07 32.83 -28.88
CA ASN B 506 33.93 33.70 -29.14
C ASN B 506 32.68 33.23 -28.40
N GLN B 507 32.85 32.51 -27.29
CA GLN B 507 31.71 32.05 -26.51
C GLN B 507 31.00 33.22 -25.83
N ASN B 508 29.69 33.31 -26.05
CA ASN B 508 28.88 34.42 -25.56
C ASN B 508 27.98 33.96 -24.41
N THR B 509 27.46 34.94 -23.67
CA THR B 509 26.51 34.69 -22.61
C THR B 509 25.10 34.59 -23.22
N LEU B 510 24.14 34.08 -22.44
CA LEU B 510 22.75 34.02 -22.90
C LEU B 510 22.17 35.42 -23.08
N LYS B 511 22.66 36.39 -22.29
CA LYS B 511 22.29 37.78 -22.49
C LYS B 511 22.78 38.30 -23.84
N GLU B 512 23.98 37.86 -24.25
CA GLU B 512 24.56 38.32 -25.50
C GLU B 512 23.82 37.74 -26.71
N ILE B 513 23.45 36.45 -26.64
CA ILE B 513 22.74 35.84 -27.76
C ILE B 513 21.29 36.32 -27.78
N SER B 514 20.74 36.69 -26.62
CA SER B 514 19.42 37.30 -26.60
C SER B 514 19.46 38.71 -27.18
N ALA B 515 20.55 39.43 -26.94
CA ALA B 515 20.73 40.75 -27.54
C ALA B 515 20.91 40.66 -29.05
N ARG B 516 21.62 39.63 -29.51
CA ARG B 516 21.79 39.42 -30.96
C ARG B 516 20.48 39.03 -31.61
N ARG B 517 19.66 38.23 -30.91
CA ARG B 517 18.33 37.89 -31.42
C ARG B 517 17.42 39.11 -31.46
N TYR B 518 17.58 40.01 -30.49
CA TYR B 518 16.83 41.27 -30.50
C TYR B 518 17.29 42.18 -31.63
N LYS B 519 18.60 42.15 -31.93
CA LYS B 519 19.12 42.93 -33.05
C LYS B 519 18.60 42.41 -34.40
N LEU B 520 18.48 41.09 -34.52
CA LEU B 520 17.90 40.53 -35.75
C LEU B 520 16.40 40.80 -35.82
N LEU B 521 15.72 40.82 -34.67
CA LEU B 521 14.30 41.14 -34.66
C LEU B 521 14.05 42.61 -35.00
N THR B 522 14.98 43.49 -34.61
CA THR B 522 14.87 44.91 -34.93
C THR B 522 15.24 45.20 -36.38
N ALA B 523 16.34 44.63 -36.87
CA ALA B 523 16.78 44.90 -38.23
C ALA B 523 15.90 44.18 -39.25
N THR B 524 15.84 42.86 -39.18
CA THR B 524 15.03 42.09 -40.12
C THR B 524 13.59 41.96 -39.62
N LYS B 530 11.67 35.56 -39.15
CA LYS B 530 12.72 34.55 -39.04
C LYS B 530 13.21 34.43 -37.60
N THR B 531 13.56 33.21 -37.20
CA THR B 531 14.02 32.92 -35.84
C THR B 531 15.38 32.23 -35.96
N THR B 532 16.43 33.05 -36.03
CA THR B 532 17.80 32.55 -36.17
C THR B 532 18.81 33.63 -35.76
N VAL B 533 20.06 33.24 -35.60
CA VAL B 533 21.17 34.17 -35.42
C VAL B 533 22.24 33.80 -36.44
N PRO B 534 22.66 34.74 -37.29
CA PRO B 534 23.55 34.40 -38.39
C PRO B 534 24.99 34.12 -37.94
N PHE B 535 25.70 33.41 -38.80
CA PHE B 535 27.08 33.01 -38.55
C PHE B 535 28.05 34.03 -39.11
N LYS B 536 29.11 34.29 -38.34
CA LYS B 536 30.17 35.21 -38.77
C LYS B 536 31.49 34.44 -38.61
N GLU B 537 32.31 34.49 -39.67
CA GLU B 537 33.59 33.78 -39.63
C GLU B 537 34.60 34.43 -38.70
N SER B 538 34.39 35.69 -38.32
CA SER B 538 35.32 36.40 -37.45
C SER B 538 34.99 36.26 -35.97
N ASP B 539 33.71 36.39 -35.61
CA ASP B 539 33.36 36.50 -34.20
C ASP B 539 32.25 35.54 -33.76
N ASP B 540 32.28 34.30 -34.24
CA ASP B 540 31.37 33.27 -33.78
C ASP B 540 32.14 31.98 -33.49
N PRO B 541 31.80 31.28 -32.41
CA PRO B 541 32.61 30.13 -31.98
C PRO B 541 32.31 28.83 -32.73
N SER B 542 32.95 28.64 -33.88
CA SER B 542 32.82 27.40 -34.63
C SER B 542 33.43 26.24 -33.85
N ILE B 543 32.60 25.25 -33.53
CA ILE B 543 32.99 24.12 -32.69
C ILE B 543 33.33 22.93 -33.58
N PRO B 544 34.13 21.98 -33.11
CA PRO B 544 34.21 20.69 -33.80
C PRO B 544 33.13 19.75 -33.28
N LEU B 545 32.50 19.00 -34.18
CA LEU B 545 31.43 18.10 -33.80
C LEU B 545 31.59 16.77 -34.50
N VAL B 546 31.50 15.69 -33.72
CA VAL B 546 31.75 14.32 -34.17
C VAL B 546 30.58 13.44 -33.77
N ILE B 547 29.96 12.80 -34.76
CA ILE B 547 28.85 11.87 -34.57
C ILE B 547 29.24 10.54 -35.20
N ILE B 548 29.32 9.49 -34.39
CA ILE B 548 29.76 8.18 -34.87
C ILE B 548 28.73 7.13 -34.48
N ARG B 549 28.72 6.03 -35.23
CA ARG B 549 27.86 4.88 -34.94
C ARG B 549 28.60 3.89 -34.05
N ARG B 550 27.90 3.32 -33.08
CA ARG B 550 28.43 2.26 -32.25
C ARG B 550 27.67 0.99 -32.60
N LEU B 551 28.41 -0.08 -32.92
CA LEU B 551 27.85 -1.18 -33.71
C LEU B 551 26.97 -2.11 -32.88
N LYS B 552 27.54 -2.77 -31.87
CA LYS B 552 26.83 -3.85 -31.19
C LYS B 552 25.74 -3.31 -30.26
N THR B 553 25.93 -2.10 -29.74
CA THR B 553 24.93 -1.52 -28.84
C THR B 553 23.86 -0.75 -29.63
N ARG B 554 23.99 -0.71 -30.95
CA ARG B 554 23.01 -0.22 -31.93
C ARG B 554 22.65 1.25 -31.75
N ASP B 555 23.56 2.09 -31.26
CA ASP B 555 23.24 3.45 -30.86
C ASP B 555 24.25 4.45 -31.41
N TRP B 556 23.81 5.68 -31.62
CA TRP B 556 24.66 6.73 -32.19
C TRP B 556 25.26 7.56 -31.06
N ILE B 557 26.58 7.62 -30.94
CA ILE B 557 27.17 8.43 -29.88
C ILE B 557 27.84 9.65 -30.51
N VAL B 558 27.64 10.82 -29.89
CA VAL B 558 28.17 12.08 -30.37
C VAL B 558 29.04 12.69 -29.29
N VAL B 559 30.28 13.00 -29.65
CA VAL B 559 31.29 13.43 -28.69
C VAL B 559 31.58 14.91 -28.93
N LEU B 560 31.96 15.62 -27.86
CA LEU B 560 32.08 17.07 -27.85
C LEU B 560 32.85 17.48 -26.60
N PRO B 561 33.47 18.66 -26.59
CA PRO B 561 34.09 19.15 -25.36
C PRO B 561 33.11 19.37 -24.20
N TRP B 562 33.67 19.45 -23.00
CA TRP B 562 32.93 19.42 -21.73
C TRP B 562 31.97 20.59 -21.56
N PHE B 563 32.47 21.81 -21.76
CA PHE B 563 31.62 22.99 -21.59
C PHE B 563 30.77 23.28 -22.81
N TRP B 564 31.01 22.57 -23.93
CA TRP B 564 30.15 22.70 -25.10
C TRP B 564 28.96 21.76 -25.10
N LEU B 565 28.94 20.77 -24.18
CA LEU B 565 27.96 19.71 -24.25
C LEU B 565 26.57 20.20 -23.89
N LEU B 566 26.46 21.02 -22.85
CA LEU B 566 25.21 21.56 -22.35
C LEU B 566 24.47 22.49 -23.33
N PRO B 567 25.12 23.38 -24.11
CA PRO B 567 24.36 24.07 -25.18
C PRO B 567 23.85 23.13 -26.27
N LEU B 568 24.54 22.02 -26.53
CA LEU B 568 24.00 21.01 -27.40
C LEU B 568 22.89 20.19 -26.72
N TRP B 569 23.08 19.82 -25.45
CA TRP B 569 22.19 18.94 -24.71
C TRP B 569 20.87 19.58 -24.34
N HIS B 570 20.84 20.90 -24.09
CA HIS B 570 19.59 21.55 -23.67
C HIS B 570 18.61 21.66 -24.83
N LEU B 571 19.13 21.74 -26.06
CA LEU B 571 18.27 21.91 -27.22
C LEU B 571 17.76 20.57 -27.74
N LEU B 572 18.27 19.47 -27.18
CA LEU B 572 17.92 18.14 -27.69
C LEU B 572 16.47 17.77 -27.39
N ASN B 573 16.10 17.68 -26.12
CA ASN B 573 14.75 17.20 -25.82
C ASN B 573 13.68 18.28 -25.88
N ARG B 574 14.01 19.48 -26.36
CA ARG B 574 12.99 20.50 -26.59
C ARG B 574 12.26 20.18 -27.89
N ILE B 575 12.88 19.33 -28.71
CA ILE B 575 12.17 18.55 -29.71
C ILE B 575 11.17 17.69 -28.95
N PRO B 576 9.88 17.73 -29.30
CA PRO B 576 8.85 17.12 -28.43
C PRO B 576 8.78 15.60 -28.46
N ARG B 577 9.70 14.92 -29.13
CA ARG B 577 9.72 13.46 -29.19
C ARG B 577 11.11 12.95 -28.79
N MET B 578 11.63 13.44 -27.67
CA MET B 578 12.95 13.05 -27.20
C MET B 578 12.97 13.07 -25.67
N TYR B 579 13.33 11.93 -25.10
CA TYR B 579 13.32 11.72 -23.65
C TYR B 579 14.70 11.28 -23.22
N HIS B 580 14.92 11.24 -21.91
CA HIS B 580 16.24 10.95 -21.34
C HIS B 580 16.28 9.53 -20.78
N ILE B 581 17.50 9.00 -20.65
CA ILE B 581 17.74 7.62 -20.27
C ILE B 581 18.38 7.58 -18.89
N GLY B 582 17.98 6.61 -18.07
CA GLY B 582 18.69 6.29 -16.84
C GLY B 582 19.59 5.09 -17.03
N LEU B 583 20.40 4.82 -16.00
CA LEU B 583 21.36 3.72 -16.08
C LEU B 583 20.65 2.37 -16.01
N ARG B 584 19.56 2.30 -15.23
CA ARG B 584 18.70 1.12 -15.28
C ARG B 584 18.01 1.00 -16.63
N GLN B 585 17.66 2.14 -17.24
CA GLN B 585 17.09 2.12 -18.57
C GLN B 585 18.11 1.72 -19.61
N PHE B 586 19.37 2.12 -19.42
CA PHE B 586 20.44 1.69 -20.32
C PHE B 586 20.70 0.19 -20.17
N GLN B 587 20.56 -0.32 -18.94
CA GLN B 587 20.64 -1.77 -18.72
C GLN B 587 19.48 -2.49 -19.39
N GLN B 588 18.30 -1.87 -19.41
CA GLN B 588 17.15 -2.44 -20.11
C GLN B 588 17.38 -2.45 -21.62
N ILE B 589 17.99 -1.39 -22.16
CA ILE B 589 18.31 -1.34 -23.59
C ILE B 589 19.35 -2.39 -23.96
N GLN B 590 20.35 -2.58 -23.11
CA GLN B 590 21.34 -3.63 -23.35
C GLN B 590 20.75 -5.02 -23.17
N TYR B 591 19.70 -5.14 -22.34
CA TYR B 591 19.03 -6.42 -22.15
C TYR B 591 18.12 -6.74 -23.33
N GLU B 592 17.55 -5.71 -23.97
CA GLU B 592 16.59 -5.94 -25.04
C GLU B 592 17.28 -6.37 -26.33
N ASN B 593 18.45 -5.79 -26.62
CA ASN B 593 19.16 -6.06 -27.87
C ASN B 593 20.07 -7.28 -27.80
N LYS B 594 19.84 -8.18 -26.83
CA LYS B 594 20.64 -9.37 -26.52
C LYS B 594 22.11 -9.03 -26.24
N GLN B 595 22.38 -7.84 -25.71
CA GLN B 595 23.75 -7.40 -25.48
C GLN B 595 24.15 -7.62 -24.03
N LEU B 596 25.29 -7.06 -23.63
CA LEU B 596 25.85 -7.33 -22.31
C LEU B 596 26.20 -6.00 -21.63
N TYR B 597 26.36 -6.07 -20.32
CA TYR B 597 26.55 -4.91 -19.46
C TYR B 597 27.61 -5.23 -18.41
N PHE B 598 28.47 -4.25 -18.13
CA PHE B 598 29.67 -4.57 -17.34
C PHE B 598 29.44 -4.72 -15.83
N PRO B 599 28.71 -3.81 -15.09
CA PRO B 599 28.54 -4.05 -13.65
C PRO B 599 27.65 -5.23 -13.30
N ASP B 600 26.79 -5.68 -14.23
CA ASP B 600 25.82 -6.72 -13.94
C ASP B 600 26.05 -7.98 -14.77
N ASP B 601 26.15 -7.86 -16.09
CA ASP B 601 26.18 -9.04 -16.95
C ASP B 601 27.60 -9.50 -17.25
N TYR B 602 28.61 -8.93 -16.58
CA TYR B 602 29.97 -9.43 -16.67
C TYR B 602 30.44 -10.00 -15.34
N PRO B 603 30.19 -11.28 -15.05
CA PRO B 603 30.66 -11.86 -13.80
C PRO B 603 32.04 -12.48 -13.91
N PHE B 604 32.53 -12.70 -15.14
CA PHE B 604 33.78 -13.41 -15.35
C PHE B 604 34.99 -12.54 -14.98
N THR B 605 34.90 -11.25 -15.24
CA THR B 605 36.02 -10.34 -15.01
C THR B 605 36.22 -10.10 -13.52
N GLN B 606 37.37 -9.52 -13.16
CA GLN B 606 37.73 -9.32 -11.76
C GLN B 606 36.82 -8.30 -11.08
N LEU B 607 36.77 -7.08 -11.63
CA LEU B 607 36.00 -6.00 -11.00
C LEU B 607 34.51 -6.29 -11.03
N GLY B 608 34.02 -6.90 -12.11
CA GLY B 608 32.62 -7.24 -12.20
C GLY B 608 32.20 -8.26 -11.16
N TYR B 609 33.01 -9.31 -10.98
CA TYR B 609 32.78 -10.32 -9.95
C TYR B 609 32.82 -9.71 -8.55
N ILE B 610 33.83 -8.90 -8.26
CA ILE B 610 34.00 -8.27 -6.95
C ILE B 610 32.80 -7.37 -6.62
N GLU B 611 32.50 -6.42 -7.52
CA GLU B 611 31.41 -5.47 -7.30
C GLU B 611 30.06 -6.15 -7.20
N ASN B 612 29.73 -6.99 -8.19
CA ASN B 612 28.44 -7.68 -8.24
C ASN B 612 28.25 -8.58 -7.04
N SER B 613 29.22 -9.46 -6.76
CA SER B 613 29.10 -10.42 -5.67
C SER B 613 29.03 -9.73 -4.32
N PHE B 614 29.93 -8.76 -4.07
CA PHE B 614 29.99 -8.11 -2.77
C PHE B 614 28.74 -7.26 -2.51
N TYR B 615 28.37 -6.39 -3.46
CA TYR B 615 27.23 -5.50 -3.24
C TYR B 615 25.91 -6.26 -3.19
N LYS B 616 25.68 -7.21 -4.11
CA LYS B 616 24.42 -7.93 -4.10
C LYS B 616 24.32 -8.88 -2.91
N LYS B 617 25.45 -9.48 -2.49
CA LYS B 617 25.43 -10.37 -1.33
C LYS B 617 25.17 -9.60 -0.04
N GLU B 618 25.83 -8.45 0.14
CA GLU B 618 25.63 -7.64 1.34
C GLU B 618 24.23 -7.02 1.37
N ALA B 619 23.73 -6.53 0.23
CA ALA B 619 22.41 -5.96 0.15
C ALA B 619 21.32 -7.00 0.41
N SER B 620 21.47 -8.19 -0.18
CA SER B 620 20.48 -9.24 0.02
C SER B 620 20.55 -9.82 1.43
N LYS B 621 21.75 -9.83 2.02
CA LYS B 621 21.86 -10.33 3.40
C LYS B 621 21.28 -9.34 4.39
N THR B 622 21.45 -8.04 4.12
CA THR B 622 20.84 -7.01 4.95
C THR B 622 19.32 -7.04 4.83
N LYS B 623 18.81 -7.30 3.61
CA LYS B 623 17.37 -7.41 3.41
C LYS B 623 16.82 -8.69 4.05
N TRP B 624 17.62 -9.77 4.06
CA TRP B 624 17.17 -11.04 4.59
C TRP B 624 17.13 -11.02 6.12
N ASP B 625 18.17 -10.47 6.75
CA ASP B 625 18.16 -10.30 8.19
C ASP B 625 17.27 -9.14 8.62
N ARG B 626 16.87 -8.28 7.68
CA ARG B 626 15.98 -7.16 7.97
C ARG B 626 14.51 -7.58 8.09
N LYS B 627 14.04 -8.50 7.24
CA LYS B 627 12.66 -8.97 7.26
C LYS B 627 12.41 -9.83 8.49
N PRO B 628 11.20 -9.79 9.07
CA PRO B 628 10.91 -10.64 10.23
C PRO B 628 10.68 -12.09 9.83
N MET B 629 10.53 -12.96 10.83
CA MET B 629 10.40 -14.40 10.58
C MET B 629 8.95 -14.73 10.26
N GLY B 630 8.74 -15.45 9.16
CA GLY B 630 7.42 -15.93 8.81
C GLY B 630 6.65 -15.05 7.85
N LYS B 631 7.35 -14.12 7.20
CA LYS B 631 6.70 -13.28 6.20
C LYS B 631 7.48 -13.33 4.88
N ARG B 632 8.77 -13.57 4.95
CA ARG B 632 9.62 -13.76 3.79
C ARG B 632 9.70 -15.24 3.44
N ILE B 633 10.23 -15.54 2.26
CA ILE B 633 10.46 -16.92 1.86
C ILE B 633 11.62 -17.48 2.67
N ASN B 634 11.44 -18.68 3.21
CA ASN B 634 12.41 -19.29 4.12
C ASN B 634 13.28 -20.25 3.33
N PHE B 635 14.55 -19.91 3.19
CA PHE B 635 15.46 -20.66 2.33
C PHE B 635 15.95 -21.94 2.99
N GLU B 636 15.84 -22.04 4.31
CA GLU B 636 16.42 -23.15 5.05
C GLU B 636 15.62 -24.44 4.91
N LYS B 637 14.28 -24.37 4.91
CA LYS B 637 13.47 -25.58 4.90
C LYS B 637 12.62 -25.58 3.63
N ILE B 638 13.19 -26.11 2.54
CA ILE B 638 12.47 -26.29 1.28
C ILE B 638 12.55 -27.76 0.90
N LYS B 639 11.41 -28.45 0.91
CA LYS B 639 11.39 -29.87 0.58
C LYS B 639 11.26 -30.08 -0.92
N ASP B 640 11.68 -31.28 -1.39
CA ASP B 640 11.59 -31.74 -2.77
C ASP B 640 12.28 -30.80 -3.76
N ILE B 641 13.60 -30.67 -3.64
CA ILE B 641 14.37 -29.82 -4.55
C ILE B 641 15.00 -30.67 -5.63
N HIS B 642 15.71 -31.72 -5.23
CA HIS B 642 16.33 -32.65 -6.16
C HIS B 642 15.95 -34.08 -5.77
N ASN B 643 16.05 -34.99 -6.73
CA ASN B 643 15.83 -36.41 -6.46
C ASN B 643 16.99 -36.95 -5.62
N THR B 644 16.68 -37.91 -4.75
CA THR B 644 17.60 -38.55 -3.79
C THR B 644 18.30 -37.51 -2.93
N LYS B 645 17.53 -36.84 -2.05
CA LYS B 645 17.99 -35.75 -1.19
C LYS B 645 19.19 -36.13 -0.33
N LEU B 646 20.30 -35.43 -0.53
CA LEU B 646 21.61 -35.78 0.02
C LEU B 646 21.68 -35.44 1.50
N PRO B 647 22.40 -36.24 2.31
CA PRO B 647 22.43 -35.99 3.76
C PRO B 647 23.25 -34.75 4.14
N ALA B 648 22.93 -34.18 5.31
CA ALA B 648 23.50 -32.93 5.83
C ALA B 648 23.35 -31.77 4.85
N TYR B 649 22.27 -31.76 4.09
CA TYR B 649 22.05 -30.76 3.04
C TYR B 649 20.56 -30.67 2.71
N SER B 650 19.94 -29.56 3.09
CA SER B 650 18.50 -29.37 2.89
C SER B 650 18.17 -28.12 2.08
N GLY B 651 19.14 -27.25 1.82
CA GLY B 651 18.91 -25.99 1.17
C GLY B 651 19.10 -26.04 -0.33
N GLU B 652 19.17 -24.86 -0.93
CA GLU B 652 19.33 -24.70 -2.37
C GLU B 652 20.82 -24.63 -2.71
N ILE B 653 21.13 -24.90 -3.98
CA ILE B 653 22.48 -24.88 -4.56
C ILE B 653 23.22 -23.58 -4.27
N GLY B 654 24.40 -23.69 -3.65
CA GLY B 654 25.24 -22.63 -3.15
C GLY B 654 24.51 -21.79 -2.12
N ASP B 655 24.98 -20.55 -1.98
CA ASP B 655 24.20 -19.57 -1.25
C ASP B 655 22.99 -19.17 -2.08
N PHE B 656 21.95 -18.72 -1.39
CA PHE B 656 20.65 -18.44 -2.00
C PHE B 656 20.69 -17.14 -2.78
N PHE B 657 21.71 -16.32 -2.52
CA PHE B 657 21.86 -15.01 -3.12
C PHE B 657 22.71 -15.09 -4.38
N SER B 658 23.27 -13.93 -4.77
CA SER B 658 24.06 -13.68 -5.98
C SER B 658 25.08 -14.77 -6.34
N SER B 659 25.29 -14.93 -7.65
CA SER B 659 25.85 -16.10 -8.32
C SER B 659 27.18 -16.59 -7.72
N ASP B 660 27.17 -17.84 -7.27
CA ASP B 660 28.32 -18.48 -6.64
C ASP B 660 29.07 -19.25 -7.72
N TRP B 661 29.94 -18.53 -8.44
CA TRP B 661 30.77 -19.17 -9.46
C TRP B 661 31.84 -20.05 -8.84
N ARG B 662 32.21 -19.76 -7.59
CA ARG B 662 33.14 -20.60 -6.84
C ARG B 662 32.55 -21.99 -6.60
N PHE B 663 31.28 -22.05 -6.16
CA PHE B 663 30.56 -23.30 -5.97
C PHE B 663 30.47 -24.09 -7.27
N LEU B 664 30.17 -23.38 -8.37
CA LEU B 664 30.01 -24.03 -9.67
C LEU B 664 31.33 -24.61 -10.16
N GLN B 665 32.44 -23.89 -9.96
CA GLN B 665 33.71 -24.40 -10.48
C GLN B 665 34.27 -25.51 -9.58
N ILE B 666 34.02 -25.45 -8.27
CA ILE B 666 34.44 -26.56 -7.40
C ILE B 666 33.63 -27.82 -7.70
N LEU B 667 32.31 -27.66 -7.94
CA LEU B 667 31.49 -28.82 -8.30
C LEU B 667 31.86 -29.37 -9.68
N ARG B 668 32.25 -28.48 -10.60
CA ARG B 668 32.65 -28.94 -11.94
C ARG B 668 33.97 -29.70 -11.88
N ASN B 669 34.93 -29.22 -11.09
CA ASN B 669 36.18 -29.95 -10.92
C ASN B 669 35.98 -31.23 -10.13
N GLY B 670 34.98 -31.26 -9.25
CA GLY B 670 34.66 -32.50 -8.55
C GLY B 670 34.08 -33.56 -9.47
N ILE B 671 33.17 -33.16 -10.36
CA ILE B 671 32.62 -34.09 -11.34
C ILE B 671 33.69 -34.51 -12.35
N ASP B 672 34.62 -33.60 -12.66
CA ASP B 672 35.74 -33.94 -13.54
C ASP B 672 36.68 -34.94 -12.86
N TYR B 673 36.90 -34.79 -11.55
CA TYR B 673 37.72 -35.74 -10.80
C TYR B 673 37.03 -37.09 -10.69
N LEU B 674 35.69 -37.10 -10.62
CA LEU B 674 34.95 -38.36 -10.61
C LEU B 674 35.01 -39.04 -11.97
N GLN B 675 34.99 -38.26 -13.05
CA GLN B 675 35.10 -38.85 -14.39
C GLN B 675 36.52 -39.34 -14.67
N ARG B 676 37.52 -38.68 -14.09
CA ARG B 676 38.89 -39.16 -14.24
C ARG B 676 39.17 -40.35 -13.33
N ASN B 677 38.40 -40.48 -12.24
CA ASN B 677 38.60 -41.59 -11.32
C ASN B 677 37.95 -42.87 -11.84
N ASP B 678 36.76 -42.76 -12.43
CA ASP B 678 36.03 -43.93 -12.92
C ASP B 678 35.18 -43.50 -14.10
N LYS B 679 34.79 -44.48 -14.92
CA LYS B 679 33.97 -44.22 -16.10
C LYS B 679 32.56 -43.76 -15.73
N THR B 680 32.04 -44.15 -14.57
CA THR B 680 30.76 -43.68 -14.08
C THR B 680 30.96 -42.91 -12.79
N LEU B 681 29.89 -42.32 -12.29
CA LEU B 681 29.93 -41.51 -11.07
C LEU B 681 28.96 -42.12 -10.06
N GLU B 682 29.40 -42.24 -8.82
CA GLU B 682 28.54 -42.74 -7.75
C GLU B 682 27.60 -41.65 -7.27
N LEU B 683 26.41 -42.03 -6.79
CA LEU B 683 25.42 -41.04 -6.36
C LEU B 683 25.75 -40.50 -4.98
N MET B 684 25.79 -41.37 -3.97
CA MET B 684 26.02 -40.96 -2.60
C MET B 684 26.88 -42.03 -1.91
N ASP B 685 26.98 -41.93 -0.58
CA ASP B 685 27.76 -42.88 0.20
C ASP B 685 27.09 -44.25 0.27
N GLY B 696 44.63 -33.95 3.91
CA GLY B 696 43.56 -33.67 4.85
C GLY B 696 42.18 -33.82 4.25
N VAL B 697 42.11 -33.71 2.92
CA VAL B 697 40.85 -33.86 2.21
C VAL B 697 40.46 -35.33 2.14
N ARG B 698 39.19 -35.61 2.46
CA ARG B 698 38.67 -36.97 2.43
C ARG B 698 38.59 -37.49 1.00
N ASP B 699 38.51 -38.82 0.87
CA ASP B 699 38.51 -39.49 -0.43
C ASP B 699 37.24 -39.19 -1.21
N ILE B 700 37.36 -38.42 -2.29
CA ILE B 700 36.19 -38.04 -3.08
C ILE B 700 35.74 -39.22 -3.91
N ASN B 701 34.51 -39.67 -3.69
CA ASN B 701 33.91 -40.74 -4.46
C ASN B 701 32.50 -40.45 -4.94
N CYS B 702 31.89 -39.35 -4.50
CA CYS B 702 30.52 -39.00 -4.87
C CYS B 702 30.29 -37.51 -4.62
N VAL B 703 29.02 -37.11 -4.64
CA VAL B 703 28.66 -35.70 -4.76
C VAL B 703 28.78 -34.98 -3.42
N ASN B 704 28.33 -35.63 -2.33
CA ASN B 704 28.20 -34.92 -1.05
C ASN B 704 29.55 -34.63 -0.40
N ASP B 705 30.57 -35.41 -0.76
CA ASP B 705 31.92 -35.09 -0.28
C ASP B 705 32.44 -33.83 -0.94
N VAL B 706 32.04 -33.57 -2.19
CA VAL B 706 32.36 -32.31 -2.84
C VAL B 706 31.54 -31.18 -2.23
N LEU B 707 30.27 -31.45 -1.90
CA LEU B 707 29.39 -30.40 -1.40
C LEU B 707 29.77 -29.98 0.02
N GLU B 708 30.27 -30.91 0.83
CA GLU B 708 30.74 -30.57 2.17
C GLU B 708 32.02 -29.74 2.10
N PHE B 709 32.89 -30.03 1.11
CA PHE B 709 34.06 -29.19 0.90
C PHE B 709 33.67 -27.79 0.43
N CYS B 710 32.61 -27.71 -0.39
CA CYS B 710 32.07 -26.42 -0.79
C CYS B 710 31.54 -25.62 0.41
N LYS B 711 30.79 -26.29 1.30
CA LYS B 711 30.25 -25.62 2.47
C LYS B 711 31.35 -25.22 3.44
N ASP B 712 32.41 -26.03 3.55
CA ASP B 712 33.54 -25.69 4.41
C ASP B 712 34.32 -24.51 3.85
N TYR B 713 34.51 -24.46 2.52
CA TYR B 713 35.21 -23.33 1.92
C TYR B 713 34.39 -22.05 2.03
N GLU B 714 33.06 -22.15 1.92
CA GLU B 714 32.21 -20.99 2.13
C GLU B 714 32.25 -20.52 3.59
N ALA B 715 32.29 -21.46 4.53
CA ALA B 715 32.38 -21.09 5.95
C ALA B 715 33.74 -20.49 6.28
N LYS B 716 34.78 -20.90 5.54
CA LYS B 716 36.10 -20.30 5.76
C LYS B 716 36.21 -18.92 5.11
N THR B 717 35.52 -18.72 3.97
CA THR B 717 35.65 -17.43 3.30
C THR B 717 34.65 -16.41 3.83
N LYS B 718 33.70 -16.85 4.67
CA LYS B 718 32.90 -15.88 5.41
C LYS B 718 33.70 -15.17 6.48
N ALA B 719 34.79 -15.77 6.96
CA ALA B 719 35.62 -15.11 7.97
C ALA B 719 36.65 -14.18 7.33
N MET B 720 37.27 -14.62 6.23
CA MET B 720 38.26 -13.81 5.52
C MET B 720 37.86 -13.70 4.06
N SER B 721 37.82 -12.47 3.55
CA SER B 721 37.38 -12.23 2.18
C SER B 721 38.43 -12.72 1.19
N LEU B 722 37.95 -13.14 0.02
CA LEU B 722 38.81 -13.69 -1.03
C LEU B 722 39.15 -12.57 -2.02
N SER B 723 40.46 -12.35 -2.20
CA SER B 723 40.94 -11.37 -3.18
C SER B 723 42.20 -11.88 -3.86
N ILE B 724 42.31 -13.19 -4.03
CA ILE B 724 43.55 -13.79 -4.52
C ILE B 724 43.52 -13.88 -6.04
N GLU B 725 42.57 -14.66 -6.58
CA GLU B 725 42.48 -14.88 -8.02
C GLU B 725 41.01 -14.95 -8.41
N GLU B 726 40.78 -15.09 -9.72
CA GLU B 726 39.43 -15.29 -10.22
C GLU B 726 39.06 -16.78 -10.18
N ASN B 727 37.85 -17.08 -10.63
CA ASN B 727 37.38 -18.47 -10.64
C ASN B 727 36.77 -18.92 -11.97
N ILE B 728 36.18 -18.03 -12.77
CA ILE B 728 35.52 -18.40 -14.02
C ILE B 728 35.92 -17.39 -15.10
N PRO B 729 36.79 -17.75 -16.04
CA PRO B 729 36.99 -16.90 -17.23
C PRO B 729 36.04 -17.28 -18.36
N VAL B 730 36.14 -16.59 -19.50
CA VAL B 730 35.36 -16.93 -20.68
C VAL B 730 36.06 -18.03 -21.47
N ALA B 731 35.33 -18.60 -22.44
CA ALA B 731 35.85 -19.63 -23.31
C ALA B 731 35.94 -19.21 -24.77
N LEU B 732 35.22 -18.16 -25.17
CA LEU B 732 35.13 -17.79 -26.58
C LEU B 732 36.46 -17.27 -27.14
N CYS B 733 37.34 -16.77 -26.27
CA CYS B 733 38.70 -16.47 -26.71
C CYS B 733 39.60 -17.69 -26.58
N LYS B 734 39.15 -18.71 -25.84
CA LYS B 734 40.00 -19.86 -25.58
C LYS B 734 39.69 -21.02 -26.53
N ASN B 735 38.45 -21.08 -27.02
CA ASN B 735 38.02 -22.21 -27.85
C ASN B 735 38.67 -22.17 -29.24
N ARG B 736 38.94 -20.98 -29.75
CA ARG B 736 39.38 -20.85 -31.14
C ARG B 736 40.83 -21.25 -31.30
N LYS B 737 41.67 -20.87 -30.33
CA LYS B 737 43.12 -21.03 -30.47
C LYS B 737 43.72 -21.94 -29.40
N CYS B 738 43.34 -21.76 -28.14
CA CYS B 738 44.01 -22.48 -27.05
C CYS B 738 43.47 -23.90 -26.91
N GLN B 739 42.40 -24.22 -27.65
CA GLN B 739 41.74 -25.53 -27.77
C GLN B 739 41.15 -25.95 -26.43
N PHE B 740 40.79 -24.98 -25.58
CA PHE B 740 40.11 -25.09 -24.27
C PHE B 740 40.69 -26.20 -23.36
N ARG B 741 42.00 -26.40 -23.37
CA ARG B 741 42.60 -27.46 -22.56
C ARG B 741 42.61 -27.06 -21.09
N THR B 742 42.28 -28.01 -20.22
CA THR B 742 42.25 -27.77 -18.79
C THR B 742 43.65 -27.74 -18.20
N SER B 752 49.42 -34.10 -8.12
CA SER B 752 48.93 -32.99 -7.31
C SER B 752 47.52 -33.26 -6.80
N PHE B 753 47.28 -32.95 -5.54
CA PHE B 753 45.97 -33.10 -4.91
C PHE B 753 45.25 -31.77 -5.04
N SER B 754 44.54 -31.60 -6.15
CA SER B 754 43.92 -30.33 -6.49
C SER B 754 42.41 -30.47 -6.51
N LEU B 755 41.74 -29.43 -5.99
CA LEU B 755 40.29 -29.34 -6.11
C LEU B 755 39.88 -28.03 -6.78
N THR B 756 40.58 -26.93 -6.50
CA THR B 756 40.37 -25.68 -7.21
C THR B 756 41.66 -24.87 -7.37
N PHE B 757 42.38 -25.13 -8.45
CA PHE B 757 43.51 -24.30 -8.87
C PHE B 757 43.32 -23.81 -10.30
N PHE B 758 42.97 -24.73 -11.19
CA PHE B 758 42.77 -24.43 -12.61
C PHE B 758 41.30 -24.06 -12.85
N PRO B 759 41.02 -22.83 -13.28
CA PRO B 759 39.63 -22.37 -13.40
C PRO B 759 38.87 -22.98 -14.56
N ARG B 760 37.57 -22.68 -14.66
CA ARG B 760 36.71 -23.23 -15.69
C ARG B 760 36.18 -22.12 -16.61
N CYS B 761 36.18 -22.39 -17.91
CA CYS B 761 35.84 -21.39 -18.92
C CYS B 761 34.39 -21.58 -19.38
N ILE B 762 33.73 -20.48 -19.73
CA ILE B 762 32.31 -20.47 -20.09
C ILE B 762 32.10 -19.74 -21.41
N ILE B 763 31.01 -20.08 -22.10
CA ILE B 763 30.50 -19.31 -23.22
C ILE B 763 29.20 -18.63 -22.79
N ALA B 764 28.93 -17.47 -23.38
CA ALA B 764 27.76 -16.68 -23.04
C ALA B 764 26.60 -17.06 -23.94
N VAL B 765 25.44 -17.32 -23.34
CA VAL B 765 24.24 -17.76 -24.06
C VAL B 765 23.07 -16.87 -23.68
N SER B 766 22.07 -16.82 -24.55
CA SER B 766 20.79 -16.19 -24.28
C SER B 766 19.69 -17.21 -24.54
N CYS B 767 19.03 -17.65 -23.47
CA CYS B 767 18.02 -18.69 -23.56
C CYS B 767 16.64 -18.08 -23.48
N THR B 768 15.74 -18.50 -24.38
CA THR B 768 14.39 -17.98 -24.46
C THR B 768 13.43 -19.07 -23.98
N LEU B 769 12.44 -18.67 -23.19
CA LEU B 769 11.47 -19.61 -22.63
C LEU B 769 10.47 -20.09 -23.69
N LEU B 770 10.37 -21.41 -23.84
CA LEU B 770 9.33 -22.02 -24.67
C LEU B 770 8.16 -22.50 -23.84
N GLU B 771 8.38 -22.72 -22.54
CA GLU B 771 7.36 -23.18 -21.61
C GLU B 771 6.81 -21.96 -20.87
N ARG B 772 5.69 -22.11 -20.16
CA ARG B 772 5.07 -21.03 -19.40
C ARG B 772 5.99 -20.61 -18.25
N GLY B 773 6.00 -19.31 -17.96
CA GLY B 773 6.81 -18.78 -16.88
C GLY B 773 7.79 -17.71 -17.34
N HIS B 774 8.40 -17.03 -16.36
CA HIS B 774 9.40 -16.01 -16.60
C HIS B 774 10.59 -16.23 -15.68
N PRO B 775 11.81 -15.90 -16.11
CA PRO B 775 12.98 -16.04 -15.24
C PRO B 775 13.15 -14.82 -14.34
N LYS B 776 14.01 -14.97 -13.34
CA LYS B 776 14.37 -13.88 -12.45
C LYS B 776 15.89 -13.79 -12.33
N ASP B 777 16.39 -12.88 -11.50
CA ASP B 777 17.82 -12.76 -11.28
C ASP B 777 18.33 -13.95 -10.47
N ASN B 778 19.60 -14.32 -10.70
CA ASN B 778 20.32 -15.40 -10.03
C ASN B 778 19.60 -16.74 -10.20
N ALA B 779 19.36 -17.14 -11.44
CA ALA B 779 18.57 -18.33 -11.76
C ALA B 779 19.49 -19.47 -12.12
N ARG B 780 19.14 -20.69 -11.72
CA ARG B 780 19.96 -21.85 -11.99
C ARG B 780 19.65 -22.41 -13.38
N ILE B 781 20.69 -22.95 -14.04
CA ILE B 781 20.62 -23.42 -15.41
C ILE B 781 21.14 -24.85 -15.44
N TYR B 782 20.25 -25.79 -15.79
CA TYR B 782 20.53 -27.22 -15.72
C TYR B 782 20.41 -27.87 -17.09
N GLN B 783 21.00 -29.06 -17.20
CA GLN B 783 20.98 -29.88 -18.41
C GLN B 783 19.61 -30.53 -18.58
N VAL B 784 19.32 -30.97 -19.80
CA VAL B 784 18.21 -31.89 -20.05
C VAL B 784 18.70 -33.29 -19.70
N PRO B 785 17.90 -34.12 -19.05
CA PRO B 785 18.35 -35.48 -18.74
C PRO B 785 18.35 -36.35 -20.00
N GLU B 786 19.35 -37.24 -20.09
CA GLU B 786 19.45 -38.12 -21.24
C GLU B 786 18.44 -39.27 -21.17
N LYS B 787 17.98 -39.64 -19.98
CA LYS B 787 16.92 -40.63 -19.86
C LYS B 787 15.57 -40.01 -20.15
N ASP B 788 15.45 -38.71 -19.98
CA ASP B 788 14.19 -37.98 -20.16
C ASP B 788 14.21 -37.05 -21.36
N LEU B 789 15.11 -37.28 -22.33
CA LEU B 789 15.25 -36.37 -23.45
C LEU B 789 14.04 -36.42 -24.38
N GLU B 790 13.47 -37.62 -24.56
CA GLU B 790 12.32 -37.76 -25.46
C GLU B 790 11.08 -37.11 -24.86
N HIS B 791 10.97 -37.08 -23.53
CA HIS B 791 9.85 -36.41 -22.88
C HIS B 791 9.92 -34.90 -23.07
N TRP B 792 11.11 -34.32 -22.99
CA TRP B 792 11.23 -32.89 -23.21
C TRP B 792 11.12 -32.54 -24.69
N LEU B 793 11.50 -33.48 -25.58
CA LEU B 793 11.25 -33.28 -27.00
C LEU B 793 9.76 -33.31 -27.31
N GLN B 794 9.01 -34.19 -26.64
CA GLN B 794 7.56 -34.23 -26.82
C GLN B 794 6.89 -33.00 -26.22
N LEU B 795 7.44 -32.47 -25.12
CA LEU B 795 6.92 -31.22 -24.56
C LEU B 795 7.25 -30.03 -25.46
N ALA B 796 8.39 -30.08 -26.15
CA ALA B 796 8.74 -29.04 -27.10
C ALA B 796 7.87 -29.11 -28.36
N LYS B 797 7.51 -30.31 -28.81
CA LYS B 797 6.61 -30.43 -29.96
C LYS B 797 5.17 -30.13 -29.53
N GLY B 798 4.61 -30.98 -28.68
CA GLY B 798 3.35 -30.65 -28.03
C GLY B 798 2.72 -31.80 -27.28
N VAL B 799 2.29 -31.54 -26.05
CA VAL B 799 1.49 -32.45 -25.24
C VAL B 799 0.68 -31.64 -24.24
N TYR B 800 -0.64 -31.85 -24.22
CA TYR B 800 -1.53 -31.11 -23.34
C TYR B 800 -2.83 -31.89 -23.18
N ARG B 801 -3.66 -31.46 -22.21
CA ARG B 801 -4.88 -32.18 -21.84
C ARG B 801 -5.91 -32.01 -22.96
N PRO B 802 -6.90 -32.92 -23.11
CA PRO B 802 -7.78 -32.81 -24.29
C PRO B 802 -8.80 -31.67 -24.28
N ASN B 803 -8.71 -30.75 -23.31
CA ASN B 803 -9.57 -29.57 -23.30
C ASN B 803 -9.31 -28.63 -24.48
N GLY B 804 -8.05 -28.35 -24.78
CA GLY B 804 -7.71 -27.46 -25.88
C GLY B 804 -6.64 -26.44 -25.54
N ARG B 805 -6.28 -26.30 -24.27
CA ARG B 805 -5.26 -25.35 -23.85
C ARG B 805 -4.07 -26.10 -23.26
N LYS B 806 -2.92 -25.42 -23.21
CA LYS B 806 -1.64 -26.05 -22.87
C LYS B 806 -1.58 -26.52 -21.43
N ASP B 807 -0.93 -27.67 -21.21
CA ASP B 807 -0.88 -28.31 -19.90
C ASP B 807 0.57 -28.54 -19.51
N HIS B 808 0.92 -28.14 -18.30
CA HIS B 808 2.17 -28.53 -17.68
C HIS B 808 2.00 -28.97 -16.23
N ASP B 809 0.79 -29.32 -15.81
CA ASP B 809 0.54 -29.90 -14.49
C ASP B 809 0.70 -31.42 -14.58
N LEU B 810 1.97 -31.82 -14.70
CA LEU B 810 2.34 -33.23 -14.83
C LEU B 810 3.48 -33.55 -13.88
N LYS B 811 3.75 -34.85 -13.72
CA LYS B 811 4.86 -35.27 -12.89
C LYS B 811 6.19 -35.00 -13.58
N ILE B 812 6.80 -33.86 -13.27
CA ILE B 812 8.07 -33.45 -13.87
C ILE B 812 9.18 -34.30 -13.26
N PRO B 813 9.96 -35.02 -14.06
CA PRO B 813 11.06 -35.83 -13.51
C PRO B 813 12.23 -34.98 -13.05
N LEU B 814 12.68 -35.18 -11.82
CA LEU B 814 13.72 -34.35 -11.26
C LEU B 814 15.11 -34.92 -11.58
N PRO B 815 15.97 -34.14 -12.24
CA PRO B 815 17.37 -34.60 -12.42
C PRO B 815 18.20 -34.42 -11.16
N GLU B 816 19.46 -34.84 -11.21
CA GLU B 816 20.30 -34.81 -10.02
C GLU B 816 20.89 -33.43 -9.79
N VAL B 817 21.69 -33.31 -8.72
CA VAL B 817 22.25 -32.02 -8.32
C VAL B 817 23.34 -31.56 -9.27
N HIS B 818 24.20 -32.47 -9.72
CA HIS B 818 25.37 -32.12 -10.52
C HIS B 818 25.06 -31.83 -11.98
N ASP B 819 23.79 -31.70 -12.37
CA ASP B 819 23.46 -31.37 -13.75
C ASP B 819 23.43 -29.86 -13.97
N LEU B 820 23.90 -29.07 -13.01
CA LEU B 820 23.93 -27.62 -13.16
C LEU B 820 25.03 -27.21 -14.13
N ILE B 821 24.72 -26.27 -15.02
CA ILE B 821 25.70 -25.75 -15.97
C ILE B 821 25.79 -24.23 -16.00
N GLY B 822 24.87 -23.50 -15.38
CA GLY B 822 25.05 -22.06 -15.47
C GLY B 822 24.16 -21.25 -14.56
N PHE B 823 24.38 -19.93 -14.65
CA PHE B 823 23.68 -18.93 -13.83
C PHE B 823 23.18 -17.81 -14.72
N ILE B 824 21.88 -17.49 -14.60
CA ILE B 824 21.29 -16.30 -15.17
C ILE B 824 21.44 -15.17 -14.17
N THR B 825 22.13 -14.10 -14.56
CA THR B 825 22.33 -12.95 -13.70
C THR B 825 21.18 -11.96 -13.87
N SER B 826 20.79 -11.69 -15.11
CA SER B 826 19.72 -10.72 -15.38
C SER B 826 18.45 -11.45 -15.81
N GLY B 827 17.41 -11.36 -14.99
CA GLY B 827 16.14 -11.95 -15.34
C GLY B 827 15.01 -10.94 -15.40
N THR B 828 14.52 -10.67 -16.61
CA THR B 828 13.43 -9.72 -16.81
C THR B 828 12.57 -10.26 -17.94
N TYR B 829 11.24 -10.09 -17.78
CA TYR B 829 10.29 -10.55 -18.79
C TYR B 829 10.48 -9.80 -20.10
N HIS B 830 10.83 -10.53 -21.16
CA HIS B 830 11.20 -9.94 -22.43
C HIS B 830 9.94 -9.59 -23.22
N LEU B 831 9.66 -8.29 -23.34
CA LEU B 831 8.42 -7.83 -23.97
C LEU B 831 8.48 -7.82 -25.49
N ASN B 832 9.68 -7.80 -26.08
CA ASN B 832 9.79 -7.78 -27.54
C ASN B 832 9.58 -9.15 -28.16
N CYS B 833 9.61 -10.22 -27.36
CA CYS B 833 9.38 -11.56 -27.84
C CYS B 833 8.08 -12.17 -27.31
N GLY B 834 7.58 -11.67 -26.19
CA GLY B 834 6.39 -12.21 -25.57
C GLY B 834 6.70 -13.40 -24.68
N ASN B 835 7.98 -13.61 -24.39
CA ASN B 835 8.43 -14.73 -23.57
C ASN B 835 9.48 -14.26 -22.57
N GLY B 836 10.16 -15.20 -21.93
CA GLY B 836 11.19 -14.86 -20.97
C GLY B 836 12.59 -15.02 -21.51
N MET B 837 13.45 -14.03 -21.26
CA MET B 837 14.84 -14.07 -21.68
C MET B 837 15.75 -14.18 -20.46
N GLY B 838 16.72 -15.08 -20.54
CA GLY B 838 17.73 -15.21 -19.51
C GLY B 838 19.14 -15.24 -20.07
N ILE B 839 19.98 -14.30 -19.64
CA ILE B 839 21.37 -14.25 -20.09
C ILE B 839 22.20 -15.16 -19.20
N GLY B 840 22.61 -16.32 -19.73
CA GLY B 840 23.34 -17.29 -18.95
C GLY B 840 24.75 -17.51 -19.43
N PHE B 841 25.52 -18.28 -18.67
CA PHE B 841 26.92 -18.57 -18.99
C PHE B 841 27.19 -20.03 -18.70
N ILE B 842 27.38 -20.82 -19.76
CA ILE B 842 27.44 -22.28 -19.62
C ILE B 842 28.83 -22.78 -20.01
N ASP B 843 29.18 -23.96 -19.51
CA ASP B 843 30.48 -24.54 -19.80
C ASP B 843 30.54 -25.03 -21.24
N HIS B 844 31.71 -24.88 -21.86
CA HIS B 844 31.88 -25.27 -23.25
C HIS B 844 31.96 -26.79 -23.41
N HIS B 845 32.58 -27.47 -22.43
CA HIS B 845 32.58 -28.92 -22.43
C HIS B 845 31.17 -29.47 -22.28
N ALA B 846 30.37 -28.83 -21.41
CA ALA B 846 28.96 -29.21 -21.27
C ALA B 846 28.18 -28.83 -22.52
N ALA B 847 28.59 -27.77 -23.21
CA ALA B 847 27.91 -27.38 -24.44
C ALA B 847 28.19 -28.37 -25.56
N ILE B 848 29.37 -29.00 -25.54
CA ILE B 848 29.68 -29.97 -26.58
C ILE B 848 29.26 -31.37 -26.13
N ARG B 849 28.79 -31.50 -24.88
CA ARG B 849 28.19 -32.77 -24.45
C ARG B 849 26.87 -33.04 -25.17
N GLN B 850 25.89 -32.13 -25.07
CA GLN B 850 24.59 -32.40 -25.65
C GLN B 850 24.60 -32.11 -27.15
N PRO B 851 23.90 -32.93 -27.95
CA PRO B 851 23.73 -32.62 -29.37
C PRO B 851 22.61 -31.64 -29.67
N THR B 852 21.84 -31.21 -28.68
CA THR B 852 20.69 -30.35 -28.88
C THR B 852 20.80 -29.20 -27.87
N ARG B 853 20.21 -28.05 -28.20
CA ARG B 853 20.36 -26.82 -27.43
C ARG B 853 19.22 -26.63 -26.43
N TYR B 854 18.69 -27.73 -25.88
CA TYR B 854 17.53 -27.66 -24.99
C TYR B 854 18.00 -27.76 -23.54
N VAL B 855 17.77 -26.69 -22.78
CA VAL B 855 18.39 -26.46 -21.49
C VAL B 855 17.31 -25.92 -20.55
N LEU B 856 17.23 -26.45 -19.32
CA LEU B 856 16.14 -26.08 -18.43
C LEU B 856 16.60 -25.06 -17.39
N ILE B 857 15.65 -24.28 -16.87
CA ILE B 857 15.88 -23.13 -16.02
C ILE B 857 15.09 -23.35 -14.73
N ARG B 858 15.65 -22.93 -13.60
CA ARG B 858 14.94 -22.97 -12.31
C ARG B 858 15.17 -21.67 -11.54
N ASN B 859 14.08 -21.10 -11.03
CA ASN B 859 14.08 -19.77 -10.43
C ASN B 859 14.57 -19.82 -8.98
N VAL B 860 14.41 -18.68 -8.30
CA VAL B 860 14.85 -18.56 -6.91
C VAL B 860 13.74 -18.98 -5.97
N GLY B 861 14.00 -20.01 -5.17
CA GLY B 861 13.04 -20.49 -4.19
C GLY B 861 11.79 -21.14 -4.78
N THR B 862 11.85 -21.51 -6.05
CA THR B 862 10.74 -22.11 -6.76
C THR B 862 11.19 -23.46 -7.30
N ASN B 863 10.38 -24.49 -7.06
CA ASN B 863 10.77 -25.87 -7.37
C ASN B 863 10.18 -26.38 -8.68
N THR B 864 10.06 -25.53 -9.70
CA THR B 864 9.61 -25.96 -11.02
C THR B 864 10.75 -25.81 -12.01
N TYR B 865 10.69 -26.60 -13.08
CA TYR B 865 11.74 -26.65 -14.10
C TYR B 865 11.13 -26.26 -15.44
N ARG B 866 11.76 -25.32 -16.14
CA ARG B 866 11.20 -24.77 -17.37
C ARG B 866 12.21 -24.86 -18.51
N LEU B 867 11.84 -25.58 -19.57
CA LEU B 867 12.73 -25.84 -20.69
C LEU B 867 12.84 -24.61 -21.59
N GLY B 868 14.00 -24.44 -22.22
CA GLY B 868 14.19 -23.37 -23.19
C GLY B 868 15.32 -23.71 -24.14
N GLU B 869 15.54 -22.80 -25.08
CA GLU B 869 16.57 -22.96 -26.12
C GLU B 869 17.46 -21.72 -26.10
N TRP B 870 18.77 -21.93 -26.24
CA TRP B 870 19.73 -20.85 -26.15
C TRP B 870 20.31 -20.51 -27.53
N SER B 871 20.74 -19.27 -27.68
CA SER B 871 21.51 -18.81 -28.82
C SER B 871 22.81 -18.20 -28.31
N LYS B 872 23.90 -18.39 -29.05
CA LYS B 872 25.20 -17.94 -28.60
C LYS B 872 25.34 -16.42 -28.71
N ILE B 873 25.85 -15.80 -27.66
CA ILE B 873 26.13 -14.37 -27.62
C ILE B 873 27.60 -14.20 -27.98
N SER B 874 27.88 -13.60 -29.14
CA SER B 874 29.25 -13.37 -29.59
C SER B 874 29.68 -11.96 -29.20
N VAL B 875 29.64 -11.67 -27.89
CA VAL B 875 30.08 -10.36 -27.39
C VAL B 875 31.21 -10.56 -26.40
N LYS C 14 -16.08 59.69 34.99
CA LYS C 14 -16.70 59.51 36.30
C LYS C 14 -15.96 58.44 37.11
N ARG C 15 -15.88 58.62 38.42
CA ARG C 15 -15.16 57.72 39.29
C ARG C 15 -16.13 56.73 39.93
N ARG C 16 -15.75 55.46 39.96
CA ARG C 16 -16.55 54.41 40.59
C ARG C 16 -15.65 53.60 41.52
N GLN C 17 -16.18 53.21 42.67
CA GLN C 17 -15.39 52.49 43.66
C GLN C 17 -15.71 51.00 43.61
N VAL C 18 -14.67 50.19 43.45
CA VAL C 18 -14.76 48.74 43.31
C VAL C 18 -13.95 48.11 44.43
N TYR C 19 -14.53 47.09 45.07
CA TYR C 19 -13.85 46.35 46.12
C TYR C 19 -13.25 45.08 45.53
N LYS C 20 -11.92 44.93 45.67
CA LYS C 20 -11.17 43.82 45.11
C LYS C 20 -10.74 42.85 46.22
N PRO C 21 -11.01 41.55 46.06
CA PRO C 21 -10.60 40.57 47.08
C PRO C 21 -9.11 40.22 47.01
N VAL C 22 -8.43 40.31 48.15
CA VAL C 22 -6.99 40.11 48.27
C VAL C 22 -6.75 39.16 49.44
N LEU C 23 -5.89 38.15 49.23
CA LEU C 23 -5.60 37.15 50.24
C LEU C 23 -4.72 37.75 51.34
N ASP C 24 -5.15 37.59 52.59
CA ASP C 24 -4.37 38.02 53.73
C ASP C 24 -3.48 36.88 54.21
N ASN C 25 -2.37 37.25 54.83
CA ASN C 25 -1.56 36.37 55.67
C ASN C 25 -2.46 35.94 56.83
N PRO C 26 -2.85 34.65 56.93
CA PRO C 26 -3.89 34.28 57.91
C PRO C 26 -3.40 34.26 59.34
N PHE C 27 -2.09 34.32 59.55
CA PHE C 27 -1.56 34.20 60.90
C PHE C 27 -0.73 35.42 61.32
N THR C 28 -0.71 36.49 60.51
CA THR C 28 0.11 37.64 60.86
C THR C 28 -0.48 38.41 62.04
N ASN C 29 -1.80 38.31 62.22
CA ASN C 29 -2.43 38.90 63.41
C ASN C 29 -2.03 38.12 64.66
N GLU C 30 -1.95 36.80 64.55
CA GLU C 30 -1.55 35.98 65.68
C GLU C 30 -0.04 35.95 65.84
N ALA C 31 0.71 36.16 64.75
CA ALA C 31 2.15 36.30 64.88
C ALA C 31 2.53 37.65 65.46
N HIS C 32 1.66 38.65 65.32
CA HIS C 32 1.88 39.95 65.95
C HIS C 32 0.93 40.19 67.12
N MET C 33 0.51 39.12 67.81
CA MET C 33 -0.10 39.29 69.13
C MET C 33 0.92 39.61 70.18
N TRP C 34 1.22 40.91 70.31
CA TRP C 34 2.15 41.46 71.29
C TRP C 34 1.75 41.02 72.70
N PRO C 35 2.73 40.67 73.57
CA PRO C 35 2.40 39.98 74.82
C PRO C 35 1.62 40.81 75.82
N ARG C 36 0.94 40.13 76.74
CA ARG C 36 0.02 40.76 77.68
C ARG C 36 0.83 41.47 78.75
N VAL C 37 0.70 42.80 78.81
CA VAL C 37 1.40 43.60 79.79
C VAL C 37 0.39 44.42 80.60
N HIS C 38 0.53 44.36 81.91
CA HIS C 38 -0.34 45.08 82.84
C HIS C 38 0.50 45.48 84.05
N ASP C 39 0.00 46.49 84.77
CA ASP C 39 0.65 47.11 85.94
C ASP C 39 2.05 47.61 85.61
N GLN C 40 2.14 48.17 84.40
CA GLN C 40 3.34 48.72 83.76
C GLN C 40 3.88 50.05 84.29
N PRO C 41 3.09 51.00 84.84
CA PRO C 41 3.73 52.18 85.48
C PRO C 41 4.57 51.90 86.72
N LEU C 42 4.58 50.68 87.25
CA LEU C 42 5.55 50.31 88.28
C LEU C 42 6.93 50.05 87.69
N ILE C 43 7.06 50.00 86.36
CA ILE C 43 8.31 49.62 85.73
C ILE C 43 9.03 50.79 85.05
N TRP C 44 8.29 51.72 84.44
CA TRP C 44 8.92 52.82 83.72
C TRP C 44 9.67 53.78 84.64
N GLN C 45 9.27 53.85 85.91
CA GLN C 45 9.98 54.68 86.89
C GLN C 45 11.43 54.21 87.05
N LEU C 46 11.61 52.93 87.38
CA LEU C 46 12.94 52.35 87.53
C LEU C 46 13.71 52.36 86.22
N LEU C 47 13.04 52.03 85.10
CA LEU C 47 13.71 51.99 83.80
C LEU C 47 14.19 53.36 83.36
N GLN C 48 13.33 54.38 83.44
CA GLN C 48 13.66 55.72 83.00
C GLN C 48 14.70 56.35 83.90
N SER C 49 14.61 56.12 85.22
CA SER C 49 15.60 56.64 86.16
C SER C 49 16.98 56.03 85.89
N SER C 50 17.01 54.71 85.63
CA SER C 50 18.29 54.05 85.33
C SER C 50 18.87 54.53 84.01
N ILE C 51 18.04 54.70 82.97
CA ILE C 51 18.53 55.13 81.66
C ILE C 51 19.04 56.57 81.71
N ILE C 52 18.35 57.45 82.46
CA ILE C 52 18.82 58.83 82.62
C ILE C 52 20.13 58.86 83.40
N ASN C 53 20.24 58.08 84.48
CA ASN C 53 21.48 58.03 85.25
C ASN C 53 22.64 57.46 84.46
N LYS C 54 22.35 56.59 83.49
CA LYS C 54 23.36 56.22 82.50
C LYS C 54 23.74 57.40 81.62
N LEU C 55 22.74 58.09 81.06
CA LEU C 55 22.98 59.07 80.00
C LEU C 55 23.46 60.43 80.50
N ILE C 56 23.57 60.64 81.81
CA ILE C 56 24.06 61.91 82.33
C ILE C 56 25.57 62.08 82.16
N HIS C 57 26.38 61.16 82.71
CA HIS C 57 27.77 61.47 83.03
C HIS C 57 28.70 61.46 81.82
N ILE C 58 28.95 60.29 81.23
CA ILE C 58 30.00 60.07 80.24
C ILE C 58 29.51 58.98 79.28
N GLN C 59 29.74 59.17 77.98
CA GLN C 59 29.30 58.21 76.97
C GLN C 59 29.98 56.84 77.11
N SER C 60 31.20 56.83 77.67
CA SER C 60 31.84 55.57 78.03
C SER C 60 31.16 54.97 79.25
N LYS C 61 30.77 55.83 80.20
CA LYS C 61 30.09 55.36 81.40
C LYS C 61 28.62 55.06 81.16
N GLU C 62 28.11 55.31 79.95
CA GLU C 62 26.77 54.87 79.57
C GLU C 62 26.76 53.34 79.45
N ASN C 63 27.74 52.79 78.75
CA ASN C 63 27.79 51.36 78.46
C ASN C 63 28.87 50.60 79.22
N TYR C 64 29.65 51.26 80.08
CA TYR C 64 30.68 50.55 80.82
C TYR C 64 30.17 49.77 82.03
N PRO C 65 29.29 50.31 82.94
CA PRO C 65 28.77 49.43 84.00
C PRO C 65 27.57 48.59 83.56
N TRP C 66 26.78 49.09 82.60
CA TRP C 66 25.65 48.35 82.07
C TRP C 66 25.79 48.23 80.56
N GLU C 67 26.08 47.03 80.07
CA GLU C 67 26.28 46.78 78.64
C GLU C 67 24.91 46.67 77.98
N LEU C 68 24.59 47.64 77.12
CA LEU C 68 23.36 47.65 76.36
C LEU C 68 23.63 48.10 74.93
N TYR C 69 22.88 47.53 73.98
CA TYR C 69 23.00 47.87 72.57
C TYR C 69 21.72 48.52 72.10
N THR C 70 21.84 49.69 71.47
CA THR C 70 20.70 50.48 70.99
C THR C 70 20.82 50.83 69.51
N ASP C 71 21.40 49.91 68.73
CA ASP C 71 21.47 50.05 67.27
C ASP C 71 21.12 48.69 66.68
N PHE C 72 20.19 48.66 65.72
CA PHE C 72 19.56 47.42 65.29
C PHE C 72 20.56 46.50 64.58
N ASN C 73 21.58 47.07 63.94
CA ASN C 73 22.65 46.26 63.35
C ASN C 73 23.43 45.53 64.45
N GLU C 74 23.65 46.20 65.57
CA GLU C 74 24.29 45.55 66.71
C GLU C 74 23.35 44.54 67.37
N ILE C 75 22.04 44.74 67.23
CA ILE C 75 21.07 43.77 67.76
C ILE C 75 21.12 42.49 66.94
N VAL C 76 21.23 42.63 65.62
CA VAL C 76 21.32 41.46 64.75
C VAL C 76 22.66 40.75 64.91
N GLN C 77 23.75 41.52 65.02
CA GLN C 77 25.08 40.92 65.20
C GLN C 77 25.25 40.32 66.59
N TYR C 78 24.48 40.80 67.58
CA TYR C 78 24.56 40.22 68.91
C TYR C 78 23.73 38.94 69.01
N LEU C 79 22.60 38.88 68.31
CA LEU C 79 21.73 37.70 68.33
C LEU C 79 22.07 36.70 67.24
N SER C 80 23.13 36.94 66.46
CA SER C 80 23.49 36.02 65.40
C SER C 80 24.16 34.77 65.95
N GLY C 81 24.86 34.90 67.08
CA GLY C 81 25.55 33.78 67.68
C GLY C 81 27.00 34.06 68.01
N ALA C 82 27.38 35.35 67.98
CA ALA C 82 28.76 35.72 68.30
C ALA C 82 29.04 35.59 69.78
N HIS C 83 28.11 36.01 70.63
CA HIS C 83 28.22 35.90 72.08
C HIS C 83 27.16 34.91 72.57
N GLY C 84 27.62 33.79 73.12
CA GLY C 84 26.72 32.75 73.58
C GLY C 84 26.74 32.52 75.08
N ASN C 85 27.59 33.27 75.79
CA ASN C 85 27.73 33.11 77.22
C ASN C 85 26.52 33.63 77.97
N SER C 86 26.12 34.87 77.70
CA SER C 86 24.99 35.49 78.39
C SER C 86 23.66 34.91 77.90
N ASP C 87 23.09 33.99 78.66
CA ASP C 87 21.81 33.40 78.24
C ASP C 87 20.61 34.29 78.58
N PRO C 88 20.43 34.87 79.82
CA PRO C 88 19.30 35.79 79.97
C PRO C 88 19.58 37.19 79.43
N VAL C 89 18.95 37.52 78.30
CA VAL C 89 19.11 38.82 77.64
C VAL C 89 17.70 39.39 77.44
N CYS C 90 17.49 40.64 77.84
CA CYS C 90 16.16 41.23 77.84
C CYS C 90 16.05 42.35 76.82
N LEU C 91 14.87 42.47 76.21
CA LEU C 91 14.57 43.46 75.19
C LEU C 91 13.31 44.23 75.56
N PHE C 92 13.31 45.52 75.24
CA PHE C 92 12.19 46.42 75.48
C PHE C 92 11.88 47.15 74.19
N VAL C 93 10.66 46.98 73.67
CA VAL C 93 10.24 47.55 72.40
C VAL C 93 8.89 48.23 72.60
N CYS C 94 8.79 49.47 72.08
CA CYS C 94 7.58 50.28 72.19
C CYS C 94 6.68 50.03 70.99
N ASN C 95 5.43 49.65 71.26
CA ASN C 95 4.38 49.64 70.26
C ASN C 95 3.33 50.68 70.66
N LYS C 96 2.31 50.81 69.80
CA LYS C 96 1.20 51.77 69.89
C LYS C 96 1.72 53.21 69.92
N ASP C 97 2.90 53.45 69.36
CA ASP C 97 3.55 54.74 69.41
C ASP C 97 3.79 55.24 67.99
N PRO C 98 3.28 56.45 67.66
CA PRO C 98 3.60 57.05 66.35
C PRO C 98 5.06 57.44 66.21
N ASP C 99 5.46 57.78 64.98
CA ASP C 99 6.83 58.02 64.53
C ASP C 99 7.76 56.84 64.77
N VAL C 100 7.25 55.62 64.75
CA VAL C 100 8.05 54.40 64.90
C VAL C 100 7.96 53.62 63.59
N PRO C 101 9.09 53.21 62.99
CA PRO C 101 9.04 52.48 61.72
C PRO C 101 8.41 51.10 61.84
N LEU C 102 7.57 50.75 60.85
CA LEU C 102 6.88 49.47 60.91
C LEU C 102 7.67 48.36 60.23
N VAL C 103 8.74 48.73 59.51
CA VAL C 103 9.54 47.72 58.80
C VAL C 103 10.36 46.90 59.79
N LEU C 104 11.02 47.58 60.74
CA LEU C 104 11.72 46.87 61.81
C LEU C 104 10.74 46.17 62.74
N LEU C 105 9.63 46.84 63.04
CA LEU C 105 8.69 46.38 64.06
C LEU C 105 7.96 45.10 63.65
N GLN C 106 7.86 44.83 62.35
CA GLN C 106 7.33 43.55 61.90
C GLN C 106 8.39 42.45 61.87
N GLN C 107 9.63 42.76 62.25
CA GLN C 107 10.72 41.78 62.23
C GLN C 107 11.49 41.67 63.53
N ILE C 108 11.27 42.56 64.50
CA ILE C 108 11.90 42.47 65.81
C ILE C 108 11.41 41.25 66.61
N PRO C 109 10.06 40.97 66.79
CA PRO C 109 9.71 39.77 67.56
C PRO C 109 9.96 38.46 66.81
N LEU C 110 10.19 38.55 65.50
CA LEU C 110 10.51 37.38 64.70
C LEU C 110 11.97 36.94 64.84
N LEU C 111 12.91 37.87 64.88
CA LEU C 111 14.32 37.51 64.89
C LEU C 111 14.75 37.01 66.27
N CYS C 112 14.03 37.40 67.32
CA CYS C 112 14.37 36.94 68.67
C CYS C 112 13.88 35.52 68.91
N TYR C 113 12.98 35.02 68.08
CA TYR C 113 12.46 33.66 68.24
C TYR C 113 13.50 32.62 67.82
N MET C 114 14.22 32.90 66.74
CA MET C 114 15.24 31.97 66.27
C MET C 114 16.55 32.08 67.04
N ALA C 115 16.66 33.05 67.95
CA ALA C 115 17.85 33.19 68.78
C ALA C 115 17.88 32.08 69.82
N PRO C 116 19.01 31.40 70.01
CA PRO C 116 19.07 30.29 70.98
C PRO C 116 19.13 30.78 72.42
N MET C 117 19.53 32.04 72.60
CA MET C 117 19.61 32.62 73.94
C MET C 117 18.22 32.95 74.46
N THR C 118 18.10 32.98 75.79
CA THR C 118 16.83 33.32 76.44
C THR C 118 16.62 34.82 76.32
N VAL C 119 15.91 35.21 75.27
CA VAL C 119 15.65 36.61 74.96
C VAL C 119 14.23 36.93 75.40
N LYS C 120 14.07 37.97 76.22
CA LYS C 120 12.79 38.27 76.85
C LYS C 120 12.28 39.62 76.36
N LEU C 121 11.41 39.57 75.35
CA LEU C 121 10.81 40.77 74.79
C LEU C 121 9.70 41.31 75.68
N VAL C 122 9.70 42.62 75.92
CA VAL C 122 8.67 43.30 76.67
C VAL C 122 8.13 44.42 75.80
N GLN C 123 6.83 44.39 75.51
CA GLN C 123 6.16 45.40 74.72
C GLN C 123 5.62 46.50 75.63
N LEU C 124 6.11 47.72 75.43
CA LEU C 124 5.62 48.85 76.22
C LEU C 124 4.33 49.40 75.61
N PRO C 125 3.23 49.41 76.35
CA PRO C 125 1.90 49.68 75.76
C PRO C 125 1.45 51.14 75.73
N LYS C 126 2.19 52.06 76.35
CA LYS C 126 1.71 53.43 76.50
C LYS C 126 2.04 54.23 75.24
N SER C 127 1.05 54.97 74.75
CA SER C 127 1.24 55.75 73.52
C SER C 127 1.97 57.05 73.79
N ALA C 128 1.91 57.55 75.02
CA ALA C 128 2.52 58.83 75.34
C ALA C 128 4.03 58.71 75.57
N MET C 129 4.54 57.48 75.67
CA MET C 129 5.96 57.27 75.90
C MET C 129 6.79 57.47 74.63
N ASP C 130 6.88 58.72 74.18
CA ASP C 130 7.76 59.09 73.08
C ASP C 130 9.11 59.58 73.57
N THR C 131 9.36 59.49 74.89
CA THR C 131 10.58 60.03 75.46
C THR C 131 11.80 59.18 75.10
N PHE C 132 11.69 57.86 75.24
CA PHE C 132 12.83 56.96 75.04
C PHE C 132 13.26 56.91 73.58
N LYS C 133 12.33 57.12 72.65
CA LYS C 133 12.71 57.22 71.25
C LYS C 133 13.38 58.57 70.96
N SER C 134 12.87 59.65 71.54
CA SER C 134 13.40 60.97 71.23
C SER C 134 14.74 61.23 71.94
N VAL C 135 15.06 60.44 72.96
CA VAL C 135 16.26 60.66 73.75
C VAL C 135 17.41 59.72 73.40
N SER C 136 17.25 58.40 73.52
CA SER C 136 18.46 57.59 73.49
C SER C 136 18.96 57.28 72.09
N LYS C 137 18.34 56.34 71.36
CA LYS C 137 18.60 56.24 69.93
C LYS C 137 17.35 56.16 69.07
N TYR C 138 16.57 55.08 69.24
CA TYR C 138 15.57 54.65 68.26
C TYR C 138 14.26 54.21 68.92
N GLY C 139 14.27 54.00 70.24
CA GLY C 139 13.09 53.51 70.92
C GLY C 139 13.08 52.04 71.28
N MET C 140 14.24 51.38 71.28
CA MET C 140 14.35 49.99 71.67
C MET C 140 15.59 49.79 72.55
N LEU C 141 15.56 48.78 73.41
CA LEU C 141 16.64 48.57 74.37
C LEU C 141 16.91 47.09 74.58
N LEU C 142 18.14 46.65 74.31
CA LEU C 142 18.54 45.27 74.54
C LEU C 142 19.71 45.28 75.53
N LEU C 143 19.56 44.61 76.66
CA LEU C 143 20.66 44.54 77.63
C LEU C 143 20.74 43.16 78.25
N ARG C 144 21.77 42.96 79.06
CA ARG C 144 22.06 41.65 79.65
C ARG C 144 21.83 41.68 81.16
N CYS C 145 21.09 40.68 81.66
CA CYS C 145 20.96 40.46 83.10
C CYS C 145 21.82 39.25 83.52
N ASP C 146 23.13 39.47 83.59
CA ASP C 146 24.02 38.40 84.00
C ASP C 146 24.30 38.43 85.48
N ASP C 147 24.91 39.52 85.96
CA ASP C 147 25.21 39.70 87.37
C ASP C 147 24.79 41.06 87.90
N ARG C 148 24.01 41.82 87.12
CA ARG C 148 23.66 43.18 87.50
C ARG C 148 22.59 43.19 88.59
N VAL C 149 22.41 44.36 89.21
CA VAL C 149 21.48 44.54 90.32
C VAL C 149 20.06 44.53 89.78
N ASP C 150 19.90 44.97 88.52
CA ASP C 150 18.58 45.20 87.92
C ASP C 150 17.77 43.91 87.80
N LYS C 151 18.46 42.79 87.56
CA LYS C 151 17.81 41.47 87.48
C LYS C 151 17.10 41.11 88.78
N LYS C 152 17.56 41.67 89.91
CA LYS C 152 16.96 41.42 91.21
C LYS C 152 15.53 41.95 91.31
N PHE C 153 15.11 42.82 90.38
CA PHE C 153 13.68 43.02 90.24
C PHE C 153 13.14 42.54 88.88
N VAL C 154 14.01 42.35 87.88
CA VAL C 154 13.53 41.94 86.55
C VAL C 154 13.00 40.51 86.62
N SER C 155 13.67 39.65 87.39
CA SER C 155 13.16 38.29 87.60
C SER C 155 11.93 38.27 88.50
N GLN C 156 11.62 39.38 89.17
CA GLN C 156 10.47 39.40 90.07
C GLN C 156 9.15 39.49 89.29
N ILE C 157 9.08 40.40 88.31
CA ILE C 157 7.79 40.74 87.73
C ILE C 157 7.57 39.98 86.41
N GLN C 158 8.64 39.42 85.84
CA GLN C 158 8.56 38.79 84.52
C GLN C 158 7.77 37.49 84.57
N LYS C 159 7.68 36.88 85.76
CA LYS C 159 6.86 35.69 85.91
C LYS C 159 5.41 36.06 86.20
N ASN C 160 5.17 37.28 86.67
CA ASN C 160 3.83 37.66 87.12
C ASN C 160 2.86 37.92 85.97
N VAL C 161 3.14 38.93 85.14
CA VAL C 161 2.23 39.36 84.09
C VAL C 161 2.97 39.31 82.76
N ASP C 162 4.28 39.53 82.81
CA ASP C 162 5.08 39.79 81.61
C ASP C 162 5.63 38.53 80.97
N LEU C 163 4.91 37.41 81.10
CA LEU C 163 5.32 36.15 80.48
C LEU C 163 5.27 36.24 78.96
N LEU C 164 6.27 35.66 78.30
CA LEU C 164 6.34 35.60 76.85
C LEU C 164 6.51 34.15 76.41
N GLN C 165 5.46 33.58 75.83
CA GLN C 165 5.51 32.22 75.31
C GLN C 165 4.84 32.21 73.94
N PHE C 166 5.12 31.16 73.17
CA PHE C 166 4.59 31.04 71.81
C PHE C 166 3.51 29.95 71.77
N PRO C 167 2.26 30.29 71.47
CA PRO C 167 1.24 29.26 71.27
C PRO C 167 1.08 28.83 69.83
N TRP C 168 1.59 29.64 68.91
CA TRP C 168 1.23 29.51 67.49
C TRP C 168 2.05 28.42 66.79
N LEU C 169 3.30 28.25 67.18
CA LEU C 169 4.14 27.22 66.58
C LEU C 169 4.29 26.00 67.49
N ASN C 170 3.74 26.05 68.70
CA ASN C 170 4.01 25.01 69.69
C ASN C 170 3.26 23.73 69.36
N ALA C 171 1.97 23.82 69.04
CA ALA C 171 1.16 22.66 68.76
C ALA C 171 0.80 22.59 67.28
N ILE C 172 0.21 21.47 66.89
CA ILE C 172 -0.21 21.28 65.50
C ILE C 172 -1.67 21.70 65.36
N LYS C 173 -1.90 22.70 64.52
CA LYS C 173 -3.25 23.24 64.33
C LYS C 173 -3.44 23.83 62.95
N TYR C 174 -4.53 23.46 62.29
CA TYR C 174 -4.86 24.06 61.00
C TYR C 174 -5.41 25.46 61.20
N ARG C 175 -5.08 26.36 60.26
CA ARG C 175 -5.43 27.76 60.39
C ARG C 175 -6.47 28.13 59.33
N PRO C 176 -7.56 28.79 59.70
CA PRO C 176 -8.56 29.18 58.70
C PRO C 176 -8.05 30.30 57.80
N THR C 177 -8.52 30.30 56.55
CA THR C 177 -8.09 31.28 55.56
C THR C 177 -8.70 32.64 55.84
N SER C 178 -8.01 33.70 55.43
CA SER C 178 -8.47 35.08 55.60
C SER C 178 -8.34 35.80 54.27
N VAL C 179 -9.47 36.19 53.69
CA VAL C 179 -9.50 36.92 52.43
C VAL C 179 -10.15 38.27 52.69
N LYS C 180 -9.37 39.34 52.60
CA LYS C 180 -9.88 40.69 52.82
C LYS C 180 -10.20 41.33 51.47
N LEU C 181 -10.54 42.61 51.49
CA LEU C 181 -10.92 43.31 50.27
C LEU C 181 -10.53 44.78 50.39
N LEU C 182 -9.93 45.30 49.32
CA LEU C 182 -9.39 46.66 49.30
C LEU C 182 -10.22 47.56 48.39
N LYS C 183 -10.11 48.87 48.63
CA LYS C 183 -10.84 49.87 47.87
C LYS C 183 -10.06 50.20 46.60
N THR C 184 -10.77 50.46 45.50
CA THR C 184 -10.15 50.90 44.26
C THR C 184 -11.05 51.93 43.57
N THR C 185 -10.49 53.11 43.31
CA THR C 185 -11.22 54.16 42.61
C THR C 185 -10.84 54.16 41.14
N VAL C 186 -11.81 53.86 40.28
CA VAL C 186 -11.58 53.66 38.85
C VAL C 186 -12.25 54.82 38.11
N PRO C 187 -11.49 55.65 37.39
CA PRO C 187 -12.12 56.65 36.51
C PRO C 187 -12.43 56.09 35.13
N ILE C 188 -13.60 56.44 34.60
CA ILE C 188 -13.99 56.02 33.27
C ILE C 188 -14.22 57.24 32.39
N ASP D 77 28.91 26.65 46.77
CA ASP D 77 28.38 25.29 46.83
C ASP D 77 26.87 25.30 47.05
N TYR D 78 26.43 26.03 48.09
CA TYR D 78 25.00 26.09 48.39
C TYR D 78 24.28 27.02 47.41
N GLN D 79 24.99 28.01 46.86
CA GLN D 79 24.35 28.97 45.96
C GLN D 79 24.12 28.36 44.58
N ARG D 80 25.00 27.43 44.17
CA ARG D 80 24.88 26.86 42.83
C ARG D 80 23.77 25.83 42.76
N ILE D 81 23.36 25.27 43.90
CA ILE D 81 22.31 24.27 43.92
C ILE D 81 20.94 24.94 43.76
N ASN D 82 20.67 25.96 44.56
CA ASN D 82 19.34 26.58 44.60
C ASN D 82 19.18 27.74 43.61
N LYS D 83 19.95 27.75 42.52
CA LYS D 83 19.74 28.74 41.46
C LYS D 83 18.43 28.48 40.73
N ASN D 84 18.11 27.21 40.48
CA ASN D 84 16.83 26.81 39.94
C ASN D 84 16.19 25.85 40.94
N SER D 85 14.91 26.07 41.24
CA SER D 85 14.25 25.28 42.27
C SER D 85 13.93 23.88 41.77
N LYS D 86 13.67 23.75 40.47
CA LYS D 86 13.37 22.44 39.87
C LYS D 86 14.60 21.53 39.89
N ILE D 87 15.77 22.07 39.54
CA ILE D 87 16.99 21.26 39.49
C ILE D 87 17.42 20.87 40.90
N ALA D 88 17.21 21.77 41.87
CA ALA D 88 17.54 21.45 43.25
C ALA D 88 16.55 20.44 43.83
N LEU D 89 15.29 20.49 43.39
CA LEU D 89 14.31 19.48 43.77
C LEU D 89 14.69 18.11 43.20
N ARG D 90 15.17 18.10 41.95
CA ARG D 90 15.64 16.87 41.33
C ARG D 90 16.87 16.31 42.06
N GLU D 91 17.78 17.19 42.46
CA GLU D 91 18.95 16.77 43.22
C GLU D 91 18.56 16.23 44.59
N TYR D 92 17.53 16.81 45.21
CA TYR D 92 17.08 16.32 46.50
C TYR D 92 16.39 14.96 46.39
N ILE D 93 15.59 14.75 45.34
CA ILE D 93 14.90 13.47 45.22
C ILE D 93 15.85 12.39 44.72
N ASN D 94 16.96 12.78 44.09
CA ASN D 94 18.01 11.81 43.78
C ASN D 94 18.82 11.47 45.03
N ASN D 95 19.08 12.48 45.88
CA ASN D 95 19.86 12.27 47.09
C ASN D 95 19.09 11.41 48.10
N CYS D 96 17.76 11.55 48.13
CA CYS D 96 16.95 10.70 49.01
C CYS D 96 16.97 9.24 48.56
N LYS D 97 16.94 9.00 47.24
CA LYS D 97 17.02 7.63 46.74
C LYS D 97 18.39 7.02 46.98
N LYS D 98 19.46 7.81 46.79
CA LYS D 98 20.80 7.31 47.05
C LYS D 98 21.02 7.04 48.54
N ASN D 99 20.46 7.88 49.40
CA ASN D 99 20.57 7.68 50.84
C ASN D 99 19.74 6.48 51.28
N THR D 100 18.61 6.22 50.59
CA THR D 100 17.82 5.04 50.90
C THR D 100 18.54 3.76 50.47
N LYS D 101 19.24 3.80 49.34
CA LYS D 101 20.03 2.63 48.91
C LYS D 101 21.19 2.39 49.86
N LYS D 102 21.85 3.47 50.31
CA LYS D 102 22.90 3.33 51.31
C LYS D 102 22.36 2.85 52.65
N CYS D 103 21.12 3.24 52.97
CA CYS D 103 20.46 2.77 54.19
C CYS D 103 20.14 1.28 54.12
N LEU D 104 19.74 0.81 52.93
CA LEU D 104 19.50 -0.62 52.74
C LEU D 104 20.79 -1.42 52.84
N LYS D 105 21.89 -0.87 52.29
CA LYS D 105 23.18 -1.55 52.39
C LYS D 105 23.67 -1.60 53.84
N LEU D 106 23.55 -0.49 54.58
CA LEU D 106 23.96 -0.48 55.98
C LEU D 106 22.99 -1.28 56.85
N ALA D 107 21.76 -1.48 56.40
CA ALA D 107 20.81 -2.30 57.14
C ALA D 107 21.11 -3.78 56.95
N TYR D 108 21.52 -4.18 55.74
CA TYR D 108 21.95 -5.56 55.54
C TYR D 108 23.28 -5.81 56.23
N GLU D 109 24.12 -4.77 56.37
CA GLU D 109 25.32 -4.90 57.17
C GLU D 109 24.98 -4.98 58.67
N ASN D 110 23.88 -4.34 59.07
CA ASN D 110 23.50 -4.32 60.47
C ASN D 110 22.94 -5.67 60.91
N LYS D 111 22.23 -6.36 60.01
CA LYS D 111 21.50 -7.61 60.21
C LYS D 111 20.42 -7.49 61.29
N ILE D 112 19.83 -6.32 61.47
CA ILE D 112 18.72 -6.12 62.40
C ILE D 112 17.51 -5.70 61.59
N THR D 113 16.40 -6.42 61.76
CA THR D 113 15.23 -6.18 60.93
C THR D 113 14.38 -5.03 61.49
N ASP D 114 14.56 -4.69 62.76
CA ASP D 114 13.77 -3.62 63.36
C ASP D 114 14.24 -2.26 62.86
N LYS D 115 13.28 -1.43 62.46
CA LYS D 115 13.63 -0.12 61.91
C LYS D 115 13.91 0.90 63.02
N GLU D 116 13.30 0.71 64.19
CA GLU D 116 13.54 1.62 65.31
C GLU D 116 14.92 1.41 65.90
N ASP D 117 15.43 0.18 65.82
CA ASP D 117 16.81 -0.07 66.18
C ASP D 117 17.75 0.37 65.06
N LEU D 118 17.27 0.32 63.81
CA LEU D 118 18.09 0.69 62.67
C LEU D 118 18.36 2.20 62.65
N LEU D 119 17.35 3.01 62.99
CA LEU D 119 17.54 4.45 63.02
C LEU D 119 18.53 4.86 64.11
N HIS D 120 18.48 4.21 65.27
CA HIS D 120 19.44 4.50 66.33
C HIS D 120 20.83 3.97 65.98
N TYR D 121 20.89 2.88 65.20
CA TYR D 121 22.17 2.37 64.72
C TYR D 121 22.83 3.35 63.76
N ILE D 122 22.03 3.96 62.87
CA ILE D 122 22.55 4.97 61.96
C ILE D 122 22.94 6.23 62.72
N GLU D 123 22.17 6.60 63.76
CA GLU D 123 22.52 7.74 64.60
C GLU D 123 23.81 7.51 65.36
N GLU D 124 24.09 6.26 65.75
CA GLU D 124 25.32 5.99 66.48
C GLU D 124 26.53 5.93 65.55
N LYS D 125 26.40 5.23 64.42
CA LYS D 125 27.59 4.92 63.63
C LYS D 125 27.74 5.71 62.33
N HIS D 126 26.70 6.41 61.87
CA HIS D 126 26.77 7.13 60.61
C HIS D 126 26.08 8.49 60.73
N PRO D 127 26.79 9.51 61.21
CA PRO D 127 26.12 10.81 61.44
C PRO D 127 25.79 11.56 60.15
N THR D 128 26.69 11.56 59.17
CA THR D 128 26.46 12.34 57.94
C THR D 128 25.43 11.66 57.05
N ILE D 129 25.30 10.34 57.16
CA ILE D 129 24.33 9.60 56.35
C ILE D 129 22.93 9.81 56.91
N TYR D 130 22.82 10.04 58.21
CA TYR D 130 21.51 10.20 58.85
C TYR D 130 20.88 11.56 58.52
N GLU D 131 21.67 12.50 58.03
CA GLU D 131 21.20 13.89 57.89
C GLU D 131 20.17 14.05 56.78
N SER D 132 20.27 13.26 55.71
CA SER D 132 19.34 13.42 54.60
C SER D 132 18.22 12.38 54.60
N LEU D 133 18.07 11.62 55.68
CA LEU D 133 17.03 10.60 55.73
C LEU D 133 15.67 11.24 56.02
N PRO D 134 14.61 10.80 55.36
CA PRO D 134 13.27 11.31 55.66
C PRO D 134 12.76 10.79 57.00
N GLN D 135 11.72 11.46 57.49
CA GLN D 135 11.08 11.12 58.76
C GLN D 135 9.58 11.00 58.53
N TYR D 136 9.13 9.78 58.19
CA TYR D 136 7.73 9.51 57.86
C TYR D 136 6.82 9.66 59.08
N VAL D 137 7.36 9.29 60.26
CA VAL D 137 6.64 9.46 61.52
C VAL D 137 6.36 10.94 61.77
N ASP D 138 7.30 11.81 61.38
CA ASP D 138 7.03 13.25 61.41
C ASP D 138 6.13 13.66 60.24
N PHE D 139 6.22 12.95 59.11
CA PHE D 139 5.54 13.39 57.89
C PHE D 139 4.03 13.20 57.97
N VAL D 140 3.57 12.20 58.73
CA VAL D 140 2.12 11.91 58.76
C VAL D 140 1.29 12.99 59.45
N PRO D 141 1.60 13.44 60.70
CA PRO D 141 0.71 14.45 61.29
C PRO D 141 0.89 15.84 60.71
N MET D 142 2.04 16.12 60.09
CA MET D 142 2.28 17.47 59.57
C MET D 142 1.55 17.69 58.25
N TYR D 143 1.06 16.62 57.64
CA TYR D 143 0.40 16.67 56.34
C TYR D 143 -1.07 16.26 56.40
N LYS D 144 -1.38 15.16 57.10
CA LYS D 144 -2.72 14.60 57.07
C LYS D 144 -3.75 15.51 57.73
N GLU D 145 -3.41 16.10 58.87
CA GLU D 145 -4.36 16.97 59.58
C GLU D 145 -4.66 18.23 58.78
N LEU D 146 -3.63 18.84 58.20
CA LEU D 146 -3.81 20.04 57.38
C LEU D 146 -4.62 19.73 56.14
N TRP D 147 -4.36 18.58 55.51
CA TRP D 147 -5.07 18.20 54.28
C TRP D 147 -6.55 17.92 54.55
N ILE D 148 -6.83 17.16 55.63
CA ILE D 148 -8.21 16.82 55.96
C ILE D 148 -8.98 18.06 56.41
N ASN D 149 -8.34 18.95 57.19
CA ASN D 149 -9.04 20.15 57.64
C ASN D 149 -9.26 21.14 56.50
N TYR D 150 -8.32 21.19 55.54
CA TYR D 150 -8.50 22.04 54.37
C TYR D 150 -9.63 21.54 53.49
N ILE D 151 -9.77 20.21 53.38
CA ILE D 151 -10.87 19.68 52.58
C ILE D 151 -12.21 19.83 53.31
N LYS D 152 -12.22 19.71 54.65
CA LYS D 152 -13.43 19.94 55.41
C LYS D 152 -13.86 21.39 55.39
N GLU D 153 -12.93 22.33 55.25
CA GLU D 153 -13.33 23.73 55.11
C GLU D 153 -13.73 24.08 53.68
N LEU D 154 -13.01 23.54 52.69
CA LEU D 154 -13.20 23.96 51.31
C LEU D 154 -14.48 23.38 50.73
N LEU D 155 -14.72 22.08 50.93
CA LEU D 155 -15.90 21.44 50.34
C LEU D 155 -17.15 21.58 51.20
N ASN D 156 -17.09 22.43 52.24
CA ASN D 156 -18.19 22.72 53.17
C ASN D 156 -18.71 21.46 53.85
N ILE D 157 -17.82 20.52 54.16
CA ILE D 157 -18.17 19.28 54.83
C ILE D 157 -18.29 19.57 56.32
N THR D 158 -19.53 19.60 56.82
CA THR D 158 -19.80 19.94 58.21
C THR D 158 -20.60 18.79 58.83
N LYS D 159 -21.15 19.05 60.01
CA LYS D 159 -21.98 18.06 60.68
C LYS D 159 -23.30 17.84 59.94
N ASN D 160 -23.78 18.87 59.25
CA ASN D 160 -24.98 18.76 58.41
C ASN D 160 -24.56 18.28 57.04
N LEU D 161 -24.84 17.01 56.73
CA LEU D 161 -24.44 16.40 55.48
C LEU D 161 -25.58 16.35 54.47
N LYS D 162 -26.83 16.55 54.91
CA LYS D 162 -28.00 16.45 54.06
C LYS D 162 -28.23 17.69 53.20
N THR D 163 -27.38 18.71 53.33
CA THR D 163 -27.41 19.84 52.42
C THR D 163 -26.24 19.88 51.45
N PHE D 164 -25.67 18.73 51.10
CA PHE D 164 -24.47 18.65 50.27
C PHE D 164 -24.81 18.95 48.81
N ASN D 165 -23.81 19.36 48.03
CA ASN D 165 -23.99 19.57 46.59
C ASN D 165 -22.76 18.98 45.90
N GLY D 166 -22.95 17.89 45.17
CA GLY D 166 -21.86 17.11 44.63
C GLY D 166 -21.15 17.69 43.41
N SER D 167 -21.89 18.37 42.52
CA SER D 167 -21.29 18.87 41.29
C SER D 167 -20.34 20.02 41.55
N LEU D 168 -20.72 20.95 42.42
CA LEU D 168 -19.83 22.04 42.81
C LEU D 168 -18.65 21.51 43.63
N ALA D 169 -18.86 20.43 44.38
CA ALA D 169 -17.76 19.81 45.12
C ALA D 169 -16.74 19.18 44.18
N LEU D 170 -17.21 18.52 43.12
CA LEU D 170 -16.30 17.96 42.13
C LEU D 170 -15.61 19.05 41.33
N LEU D 171 -16.30 20.17 41.10
CA LEU D 171 -15.67 21.32 40.45
C LEU D 171 -14.58 21.93 41.33
N LYS D 172 -14.83 22.00 42.64
CA LYS D 172 -13.80 22.50 43.56
C LYS D 172 -12.61 21.55 43.65
N LEU D 173 -12.88 20.23 43.61
CA LEU D 173 -11.77 19.28 43.59
C LEU D 173 -11.00 19.34 42.27
N SER D 174 -11.68 19.72 41.18
CA SER D 174 -10.99 20.00 39.94
C SER D 174 -10.19 21.29 40.03
N MET D 175 -10.59 22.21 40.90
CA MET D 175 -9.87 23.47 41.10
C MET D 175 -8.86 23.42 42.24
N ALA D 176 -9.02 22.51 43.20
CA ALA D 176 -8.10 22.44 44.33
C ALA D 176 -6.80 21.74 43.96
N ASP D 177 -5.71 22.15 44.58
CA ASP D 177 -4.42 21.52 44.33
C ASP D 177 -4.28 20.26 45.18
N TYR D 178 -3.65 19.24 44.60
CA TYR D 178 -3.41 17.98 45.28
C TYR D 178 -2.01 17.88 45.87
N ASN D 179 -1.32 19.02 46.03
CA ASN D 179 -0.01 19.04 46.68
C ASN D 179 -0.20 18.90 48.19
N GLY D 180 0.24 17.77 48.72
CA GLY D 180 0.08 17.45 50.13
C GLY D 180 -1.02 16.44 50.42
N ALA D 181 -1.46 15.68 49.44
CA ALA D 181 -2.56 14.74 49.58
C ALA D 181 -2.06 13.35 49.89
N LEU D 182 -2.84 12.61 50.68
CA LEU D 182 -2.64 11.18 50.79
C LEU D 182 -3.43 10.47 49.70
N LEU D 183 -2.76 9.62 48.95
CA LEU D 183 -3.34 9.05 47.74
C LEU D 183 -2.83 7.62 47.58
N ARG D 184 -3.69 6.76 47.02
CA ARG D 184 -3.45 5.34 46.93
C ARG D 184 -3.63 4.85 45.51
N VAL D 185 -2.64 4.11 45.00
CA VAL D 185 -2.72 3.49 43.67
C VAL D 185 -3.63 2.27 43.82
N THR D 186 -4.85 2.34 43.29
CA THR D 186 -5.76 1.21 43.46
C THR D 186 -5.79 0.32 42.22
N LYS D 187 -5.65 0.90 41.02
CA LYS D 187 -5.62 0.14 39.78
C LYS D 187 -4.59 0.74 38.85
N SER D 188 -3.91 -0.12 38.09
CA SER D 188 -2.81 0.30 37.24
C SER D 188 -2.63 -0.70 36.12
N LYS D 189 -1.92 -0.26 35.07
CA LYS D 189 -1.52 -1.18 34.01
C LYS D 189 -0.42 -2.11 34.50
N ASN D 190 0.45 -1.62 35.38
CA ASN D 190 1.46 -2.45 36.02
C ASN D 190 0.87 -3.07 37.28
N LYS D 191 1.07 -4.37 37.46
CA LYS D 191 0.49 -5.07 38.59
C LYS D 191 1.24 -4.79 39.89
N THR D 192 2.44 -4.22 39.81
CA THR D 192 3.24 -3.97 41.00
C THR D 192 3.03 -2.59 41.59
N LEU D 193 2.39 -1.68 40.85
CA LEU D 193 2.21 -0.32 41.35
C LEU D 193 1.06 -0.21 42.35
N ILE D 194 0.13 -1.17 42.32
CA ILE D 194 -1.08 -1.07 43.12
C ILE D 194 -0.76 -1.39 44.59
N GLY D 195 -1.54 -0.82 45.49
CA GLY D 195 -1.36 -1.07 46.91
C GLY D 195 -0.48 -0.05 47.61
N LEU D 196 -0.04 0.97 46.87
CA LEU D 196 0.87 1.98 47.39
C LEU D 196 0.10 3.22 47.85
N GLN D 197 0.27 3.57 49.12
CA GLN D 197 -0.25 4.81 49.67
C GLN D 197 0.91 5.77 49.86
N GLY D 198 0.64 7.07 49.71
CA GLY D 198 1.70 8.03 49.89
C GLY D 198 1.18 9.45 49.88
N ILE D 199 2.01 10.36 50.39
CA ILE D 199 1.65 11.76 50.56
C ILE D 199 2.47 12.57 49.56
N VAL D 200 1.79 13.48 48.86
CA VAL D 200 2.36 14.27 47.79
C VAL D 200 3.37 15.29 48.32
N ILE D 201 4.59 15.25 47.80
CA ILE D 201 5.53 16.33 48.08
C ILE D 201 5.63 17.28 46.89
N TRP D 202 5.32 16.79 45.69
CA TRP D 202 5.32 17.58 44.47
C TRP D 202 4.55 16.86 43.39
N ASP D 203 3.77 17.63 42.62
CA ASP D 203 3.02 17.12 41.47
C ASP D 203 3.79 17.43 40.21
N SER D 204 4.13 16.38 39.45
CA SER D 204 4.74 16.54 38.15
C SER D 204 3.66 16.73 37.07
N GLN D 205 4.08 16.74 35.81
CA GLN D 205 3.12 16.87 34.72
C GLN D 205 2.48 15.53 34.39
N LYS D 206 3.29 14.49 34.16
CA LYS D 206 2.77 13.20 33.75
C LYS D 206 3.19 12.06 34.69
N PHE D 207 4.06 12.31 35.66
CA PHE D 207 4.32 11.33 36.71
C PHE D 207 3.78 11.81 38.05
N PHE D 208 4.04 11.01 39.08
CA PHE D 208 3.51 11.24 40.41
C PHE D 208 4.58 10.85 41.43
N ILE D 209 4.69 11.62 42.51
CA ILE D 209 5.73 11.42 43.51
C ILE D 209 5.04 11.22 44.85
N MET D 210 5.29 10.09 45.50
CA MET D 210 4.81 9.83 46.86
C MET D 210 5.95 9.33 47.72
N ILE D 211 5.65 9.06 48.98
CA ILE D 211 6.58 8.44 49.92
C ILE D 211 5.84 7.39 50.73
N VAL D 212 6.43 6.20 50.85
CA VAL D 212 5.84 5.09 51.57
C VAL D 212 6.94 4.41 52.39
N LYS D 213 6.56 3.83 53.52
CA LYS D 213 7.48 3.08 54.37
C LYS D 213 7.29 1.59 54.11
N GLY D 214 8.35 0.82 54.27
CA GLY D 214 8.28 -0.62 54.28
C GLY D 214 8.64 -1.14 55.65
N ASN D 215 9.34 -2.28 55.70
CA ASN D 215 9.96 -2.75 56.95
C ASN D 215 11.11 -1.79 57.22
N ILE D 216 12.03 -1.59 56.27
CA ILE D 216 13.16 -0.66 56.45
C ILE D 216 13.30 0.32 55.29
N ILE D 217 12.42 0.26 54.30
CA ILE D 217 12.54 1.07 53.09
C ILE D 217 11.87 2.42 53.33
N ASP D 218 12.56 3.50 52.97
CA ASP D 218 12.04 4.87 53.05
C ASP D 218 12.33 5.59 51.74
N GLU D 219 12.00 4.95 50.62
CA GLU D 219 12.36 5.48 49.31
C GLU D 219 11.29 6.41 48.77
N ILE D 220 11.74 7.51 48.16
CA ILE D 220 10.83 8.35 47.39
C ILE D 220 10.37 7.58 46.17
N LYS D 221 9.05 7.43 46.04
CA LYS D 221 8.45 6.53 45.04
C LYS D 221 7.89 7.36 43.90
N CYS D 222 8.40 7.11 42.69
CA CYS D 222 7.86 7.72 41.48
C CYS D 222 6.97 6.71 40.77
N ILE D 223 5.75 7.13 40.44
CA ILE D 223 4.75 6.26 39.85
C ILE D 223 4.20 6.95 38.60
N PRO D 224 4.13 6.26 37.45
CA PRO D 224 3.52 6.87 36.26
C PRO D 224 2.03 7.11 36.43
N LYS D 225 1.48 8.08 35.71
CA LYS D 225 0.06 8.38 35.76
C LYS D 225 -0.69 7.87 34.53
N LYS D 226 0.02 7.60 33.44
CA LYS D 226 -0.61 7.15 32.19
C LYS D 226 -1.02 5.69 32.37
N GLY D 227 -2.28 5.50 32.73
CA GLY D 227 -2.85 4.16 32.87
C GLY D 227 -2.98 3.69 34.31
N THR D 228 -3.16 4.63 35.24
CA THR D 228 -3.30 4.30 36.65
C THR D 228 -4.55 4.94 37.22
N VAL D 229 -5.10 4.34 38.28
CA VAL D 229 -6.28 4.85 38.97
C VAL D 229 -5.90 5.06 40.44
N PHE D 230 -6.20 6.26 40.95
CA PHE D 230 -5.81 6.66 42.29
C PHE D 230 -7.08 6.92 43.10
N GLN D 231 -7.00 6.73 44.41
CA GLN D 231 -8.14 6.95 45.30
C GLN D 231 -7.67 7.57 46.61
N PHE D 232 -8.54 8.35 47.23
CA PHE D 232 -8.25 9.01 48.49
C PHE D 232 -9.50 9.10 49.35
N GLU D 233 -9.32 8.91 50.66
CA GLU D 233 -10.44 8.94 51.60
C GLU D 233 -10.59 10.32 52.22
N ILE D 234 -11.85 10.79 52.27
CA ILE D 234 -12.20 12.01 52.97
C ILE D 234 -12.99 11.59 54.21
N PRO D 235 -12.41 11.65 55.40
CA PRO D 235 -13.13 11.21 56.61
C PRO D 235 -14.13 12.26 57.10
N ILE D 236 -15.10 11.77 57.87
CA ILE D 236 -16.07 12.62 58.54
C ILE D 236 -15.77 12.51 60.03
N SER D 237 -16.16 13.55 60.79
CA SER D 237 -15.71 13.70 62.17
C SER D 237 -16.31 12.66 63.10
N ASP D 238 -17.40 12.01 62.69
CA ASP D 238 -17.95 10.93 63.49
C ASP D 238 -17.07 9.68 63.39
N ASP D 239 -17.10 8.86 64.44
CA ASP D 239 -16.20 7.71 64.56
C ASP D 239 -16.92 6.46 64.09
N ASP D 240 -16.41 5.85 63.03
CA ASP D 240 -16.80 4.58 62.43
C ASP D 240 -18.24 4.56 61.90
N ASP D 241 -18.86 5.72 61.70
CA ASP D 241 -20.25 5.73 61.21
C ASP D 241 -20.29 5.95 59.70
N SER D 242 -19.65 7.01 59.21
CA SER D 242 -19.68 7.32 57.78
C SER D 242 -18.41 8.05 57.35
N ALA D 243 -17.94 7.75 56.14
CA ALA D 243 -16.80 8.44 55.54
C ALA D 243 -16.93 8.36 54.02
N LEU D 244 -16.20 9.23 53.33
CA LEU D 244 -16.27 9.33 51.88
C LEU D 244 -14.98 8.81 51.27
N ARG D 245 -15.06 8.34 50.03
CA ARG D 245 -13.89 7.92 49.27
C ARG D 245 -14.06 8.36 47.82
N TYR D 246 -13.11 9.15 47.32
CA TYR D 246 -13.15 9.67 45.97
C TYR D 246 -11.98 9.07 45.18
N SER D 247 -12.08 9.15 43.85
CA SER D 247 -11.08 8.58 42.96
C SER D 247 -10.74 9.55 41.84
N ILE D 248 -9.45 9.62 41.52
CA ILE D 248 -8.97 10.37 40.37
C ILE D 248 -8.23 9.42 39.46
N LEU D 249 -7.94 9.87 38.25
CA LEU D 249 -7.20 9.08 37.27
C LEU D 249 -6.14 9.97 36.64
N GLY D 250 -4.87 9.60 36.82
CA GLY D 250 -3.76 10.39 36.34
C GLY D 250 -3.56 10.37 34.84
N ASP D 251 -4.19 9.42 34.14
CA ASP D 251 -4.13 9.43 32.68
C ASP D 251 -5.10 10.45 32.09
N ARG D 252 -6.06 10.91 32.90
CA ARG D 252 -7.04 11.87 32.42
C ARG D 252 -6.48 13.29 32.43
N PHE D 253 -6.01 13.74 33.59
CA PHE D 253 -5.34 15.03 33.69
C PHE D 253 -3.84 14.82 33.70
N LYS D 254 -3.14 15.49 32.77
CA LYS D 254 -1.72 15.27 32.58
C LYS D 254 -0.99 16.60 32.48
N TYR D 255 -1.25 17.51 33.41
CA TYR D 255 -0.68 18.85 33.34
C TYR D 255 -0.18 19.30 34.70
N ARG D 256 0.46 20.47 34.70
CA ARG D 256 0.94 21.09 35.93
C ARG D 256 -0.24 21.63 36.74
N SER D 257 0.03 21.94 38.01
CA SER D 257 -1.00 22.55 38.86
C SER D 257 -1.31 23.96 38.40
N VAL D 258 -0.33 24.62 37.78
CA VAL D 258 -0.48 26.00 37.31
C VAL D 258 -1.51 26.07 36.19
N ASP D 259 -1.40 25.15 35.23
CA ASP D 259 -2.38 25.08 34.16
C ASP D 259 -3.71 24.56 34.67
N ARG D 260 -3.67 23.65 35.67
CA ARG D 260 -4.88 23.08 36.24
C ARG D 260 -5.68 24.10 37.05
N ALA D 261 -5.05 25.21 37.47
CA ALA D 261 -5.80 26.30 38.08
C ALA D 261 -6.73 26.99 37.08
N GLY D 262 -6.36 27.03 35.81
CA GLY D 262 -7.16 27.73 34.82
C GLY D 262 -7.90 26.83 33.84
N ARG D 263 -7.48 25.57 33.73
CA ARG D 263 -8.03 24.66 32.73
C ARG D 263 -9.45 24.23 33.06
N LYS D 264 -10.33 24.27 32.06
CA LYS D 264 -11.67 23.68 32.14
C LYS D 264 -11.59 22.35 31.39
N PHE D 265 -11.66 21.25 32.14
CA PHE D 265 -11.46 19.92 31.59
C PHE D 265 -12.61 19.51 30.68
N LYS D 266 -12.26 18.90 29.54
CA LYS D 266 -13.21 18.57 28.50
C LYS D 266 -13.17 17.08 28.19
N SER D 267 -13.95 16.69 27.19
CA SER D 267 -14.10 15.28 26.85
C SER D 267 -12.87 14.73 26.14
N ARG D 268 -12.70 13.42 26.20
CA ARG D 268 -11.59 12.74 25.54
C ARG D 268 -12.15 11.50 24.84
N ARG D 269 -11.35 10.86 23.98
CA ARG D 269 -11.73 9.63 23.28
C ARG D 269 -11.91 8.48 24.26
N CYS D 270 -11.10 8.48 25.33
CA CYS D 270 -11.05 7.51 26.43
C CYS D 270 -11.04 6.05 25.97
N ASP D 271 -10.32 5.77 24.88
CA ASP D 271 -10.26 4.42 24.34
C ASP D 271 -9.25 3.54 25.08
N ASP D 272 -8.22 4.13 25.69
CA ASP D 272 -7.18 3.37 26.35
C ASP D 272 -7.50 2.99 27.79
N MET D 273 -8.77 3.07 28.20
CA MET D 273 -9.13 2.81 29.59
C MET D 273 -9.66 1.39 29.80
N LEU D 274 -9.38 0.50 28.84
CA LEU D 274 -9.86 -0.87 28.87
C LEU D 274 -9.33 -1.63 30.09
N TYR D 275 -8.15 -1.24 30.59
CA TYR D 275 -7.57 -1.84 31.79
C TYR D 275 -8.49 -1.68 33.00
N TYR D 276 -9.24 -0.57 33.06
CA TYR D 276 -10.13 -0.34 34.19
C TYR D 276 -11.33 -1.30 34.14
N ILE D 277 -11.60 -1.88 32.97
CA ILE D 277 -12.64 -2.88 32.83
C ILE D 277 -11.97 -4.25 32.89
N GLN D 278 -10.66 -4.29 32.62
CA GLN D 278 -9.98 -5.57 32.47
C GLN D 278 -9.65 -6.18 33.82
N ASN D 279 -9.02 -5.40 34.70
CA ASN D 279 -8.65 -5.90 36.02
C ASN D 279 -9.69 -5.54 37.06
N VAL E 2 -11.45 7.40 -1.06
CA VAL E 2 -12.38 6.35 -0.66
C VAL E 2 -13.47 6.14 -1.72
N ARG E 3 -13.83 4.89 -1.97
CA ARG E 3 -14.84 4.58 -2.97
C ARG E 3 -15.45 3.23 -2.63
N LEU E 4 -16.44 2.83 -3.43
CA LEU E 4 -17.18 1.60 -3.23
C LEU E 4 -16.91 0.65 -4.40
N LYS E 5 -16.68 -0.62 -4.10
CA LYS E 5 -16.35 -1.61 -5.12
C LYS E 5 -17.58 -2.46 -5.43
N SER E 6 -18.47 -1.87 -6.24
CA SER E 6 -19.68 -2.54 -6.69
C SER E 6 -19.53 -3.01 -8.13
N ARG E 7 -20.01 -4.22 -8.39
CA ARG E 7 -19.89 -4.86 -9.70
C ARG E 7 -21.17 -4.67 -10.49
N TYR E 8 -21.03 -4.52 -11.81
CA TYR E 8 -22.17 -4.39 -12.72
C TYR E 8 -22.28 -5.65 -13.56
N ILE E 9 -23.51 -6.02 -13.91
CA ILE E 9 -23.80 -7.24 -14.66
C ILE E 9 -24.63 -6.87 -15.88
N LEU E 10 -24.15 -7.25 -17.06
CA LEU E 10 -24.90 -7.05 -18.31
C LEU E 10 -25.74 -8.29 -18.58
N PHE E 11 -27.02 -8.08 -18.88
CA PHE E 11 -27.91 -9.17 -19.25
C PHE E 11 -28.67 -8.81 -20.52
N GLU E 12 -29.10 -9.83 -21.26
CA GLU E 12 -29.84 -9.64 -22.49
C GLU E 12 -31.02 -10.61 -22.53
N ILE E 13 -32.16 -10.12 -22.98
CA ILE E 13 -33.38 -10.91 -23.08
C ILE E 13 -33.45 -11.58 -24.45
N ILE E 14 -33.42 -12.90 -24.48
CA ILE E 14 -33.44 -13.67 -25.71
C ILE E 14 -34.72 -14.48 -25.75
N PHE E 15 -35.43 -14.41 -26.88
CA PHE E 15 -36.69 -15.14 -27.06
C PHE E 15 -36.46 -16.39 -27.89
N PRO E 16 -36.59 -17.58 -27.32
CA PRO E 16 -36.45 -18.80 -28.12
C PRO E 16 -37.62 -18.99 -29.07
N PRO E 17 -37.36 -19.28 -30.34
CA PRO E 17 -38.44 -19.36 -31.32
C PRO E 17 -39.23 -20.65 -31.23
N THR E 18 -40.10 -20.79 -30.24
CA THR E 18 -40.87 -22.02 -30.06
C THR E 18 -41.98 -22.05 -31.09
N ASP E 19 -41.69 -22.64 -32.26
CA ASP E 19 -42.66 -22.78 -33.34
C ASP E 19 -42.57 -24.22 -33.85
N THR E 20 -43.50 -25.06 -33.40
CA THR E 20 -43.46 -26.48 -33.74
C THR E 20 -43.97 -26.77 -35.14
N ASN E 21 -44.92 -25.98 -35.65
CA ASN E 21 -45.48 -26.23 -36.97
C ASN E 21 -44.77 -25.42 -38.05
N VAL E 22 -43.97 -24.44 -37.66
CA VAL E 22 -43.28 -23.57 -38.62
C VAL E 22 -41.86 -24.09 -38.79
N GLU E 23 -41.37 -24.14 -40.04
CA GLU E 23 -40.04 -24.62 -40.34
C GLU E 23 -39.01 -23.58 -39.94
N GLU E 24 -37.73 -23.97 -40.04
CA GLU E 24 -36.64 -23.16 -39.53
C GLU E 24 -35.54 -23.12 -40.59
N SER E 25 -34.78 -22.03 -40.60
CA SER E 25 -33.63 -21.88 -41.48
C SER E 25 -32.36 -22.01 -40.65
N VAL E 26 -31.39 -22.74 -41.19
CA VAL E 26 -30.18 -23.10 -40.46
C VAL E 26 -29.05 -22.21 -40.95
N SER E 27 -28.71 -21.20 -40.16
CA SER E 27 -27.59 -20.30 -40.43
C SER E 27 -27.22 -19.60 -39.14
N LYS E 28 -26.10 -18.88 -39.18
CA LYS E 28 -25.64 -18.16 -37.99
C LYS E 28 -26.41 -16.85 -37.80
N ALA E 29 -26.27 -15.91 -38.74
CA ALA E 29 -26.88 -14.60 -38.57
C ALA E 29 -28.40 -14.68 -38.71
N ASP E 30 -28.90 -15.70 -39.40
CA ASP E 30 -30.35 -15.90 -39.46
C ASP E 30 -30.91 -16.30 -38.11
N ILE E 31 -30.19 -17.13 -37.35
CA ILE E 31 -30.70 -17.49 -36.03
C ILE E 31 -30.39 -16.39 -35.02
N LEU E 32 -29.39 -15.54 -35.31
CA LEU E 32 -29.22 -14.32 -34.53
C LEU E 32 -30.38 -13.35 -34.77
N LEU E 33 -30.90 -13.30 -36.00
CA LEU E 33 -32.10 -12.51 -36.28
C LEU E 33 -33.33 -13.13 -35.62
N SER E 34 -33.36 -14.46 -35.52
CA SER E 34 -34.55 -15.12 -35.00
C SER E 34 -34.57 -15.12 -33.47
N HIS E 35 -33.41 -14.91 -32.83
CA HIS E 35 -33.38 -14.81 -31.37
C HIS E 35 -33.36 -13.35 -30.90
N HIS E 36 -32.74 -12.47 -31.68
CA HIS E 36 -32.63 -11.07 -31.27
C HIS E 36 -33.75 -10.23 -31.87
N ARG E 37 -34.96 -10.79 -31.96
CA ARG E 37 -36.10 -10.18 -32.65
C ARG E 37 -36.49 -8.79 -32.14
N ALA E 38 -37.06 -8.73 -30.94
CA ALA E 38 -37.62 -7.50 -30.38
C ALA E 38 -38.07 -7.74 -28.96
N SER E 39 -38.13 -6.65 -28.20
CA SER E 39 -38.78 -6.68 -26.89
C SER E 39 -40.25 -6.30 -27.04
N PRO E 40 -41.12 -6.84 -26.19
CA PRO E 40 -42.55 -6.49 -26.29
C PRO E 40 -42.85 -5.09 -25.76
N ALA E 41 -44.14 -4.76 -25.75
CA ALA E 41 -44.56 -3.37 -25.55
C ALA E 41 -44.40 -2.92 -24.10
N ASP E 42 -44.85 -3.73 -23.14
CA ASP E 42 -44.86 -3.32 -21.73
C ASP E 42 -43.58 -3.85 -21.09
N VAL E 43 -42.46 -3.24 -21.45
CA VAL E 43 -41.16 -3.55 -20.84
C VAL E 43 -40.47 -2.22 -20.51
N SER E 44 -40.20 -2.02 -19.23
CA SER E 44 -39.52 -0.80 -18.78
C SER E 44 -38.54 -1.17 -17.68
N ILE E 45 -37.95 -0.14 -17.07
CA ILE E 45 -37.04 -0.35 -15.96
C ILE E 45 -37.79 -0.88 -14.73
N LYS E 46 -38.91 -0.23 -14.39
CA LYS E 46 -39.64 -0.58 -13.19
C LYS E 46 -40.32 -1.94 -13.31
N SER E 47 -40.70 -2.33 -14.53
CA SER E 47 -41.32 -3.64 -14.73
C SER E 47 -40.31 -4.77 -14.53
N ILE E 48 -39.11 -4.60 -15.08
CA ILE E 48 -38.05 -5.61 -14.91
C ILE E 48 -37.60 -5.66 -13.45
N LEU E 49 -37.55 -4.49 -12.77
CA LEU E 49 -37.21 -4.49 -11.35
C LEU E 49 -38.29 -5.16 -10.50
N GLN E 50 -39.56 -4.92 -10.80
CA GLN E 50 -40.64 -5.53 -10.04
C GLN E 50 -40.72 -7.04 -10.29
N GLU E 51 -40.33 -7.47 -11.51
CA GLU E 51 -40.32 -8.90 -11.79
C GLU E 51 -39.14 -9.58 -11.12
N ILE E 52 -37.97 -8.93 -11.10
CA ILE E 52 -36.78 -9.57 -10.55
C ILE E 52 -36.83 -9.56 -9.03
N ARG E 53 -37.54 -8.59 -8.43
CA ARG E 53 -37.72 -8.62 -6.98
C ARG E 53 -38.69 -9.73 -6.57
N ARG E 54 -39.70 -9.98 -7.40
CA ARG E 54 -40.63 -11.08 -7.11
C ARG E 54 -39.95 -12.43 -7.32
N SER E 55 -39.07 -12.54 -8.33
CA SER E 55 -38.31 -13.76 -8.51
C SER E 55 -37.29 -13.96 -7.38
N LEU E 56 -36.74 -12.85 -6.88
CA LEU E 56 -35.81 -12.90 -5.74
C LEU E 56 -36.54 -13.33 -4.47
N SER E 57 -37.78 -12.90 -4.31
CA SER E 57 -38.60 -13.29 -3.16
C SER E 57 -38.98 -14.76 -3.23
N LEU E 58 -39.59 -15.19 -4.34
CA LEU E 58 -40.10 -16.55 -4.44
C LEU E 58 -39.02 -17.59 -4.65
N ASN E 59 -37.84 -17.19 -5.13
CA ASN E 59 -36.77 -18.17 -5.38
C ASN E 59 -35.76 -18.20 -4.25
N LEU E 60 -35.29 -17.03 -3.81
CA LEU E 60 -34.15 -16.98 -2.92
C LEU E 60 -34.57 -16.67 -1.48
N GLY E 61 -35.73 -16.07 -1.30
CA GLY E 61 -36.33 -15.96 0.01
C GLY E 61 -36.46 -14.52 0.45
N ASP E 62 -36.16 -14.28 1.72
CA ASP E 62 -36.29 -12.96 2.33
C ASP E 62 -34.93 -12.41 2.77
N TYR E 63 -34.18 -13.15 3.57
CA TYR E 63 -32.90 -12.64 4.06
C TYR E 63 -31.85 -12.66 2.97
N GLY E 64 -31.93 -13.63 2.06
CA GLY E 64 -31.15 -13.55 0.84
C GLY E 64 -31.59 -12.41 -0.05
N SER E 65 -32.89 -12.13 -0.08
CA SER E 65 -33.40 -10.95 -0.77
C SER E 65 -33.00 -9.68 -0.02
N ALA E 66 -32.81 -9.78 1.29
CA ALA E 66 -32.35 -8.63 2.07
C ALA E 66 -30.89 -8.32 1.76
N LYS E 67 -30.08 -9.37 1.56
CA LYS E 67 -28.68 -9.16 1.19
C LYS E 67 -28.55 -8.69 -0.25
N CYS E 68 -29.40 -9.20 -1.14
CA CYS E 68 -29.35 -8.83 -2.54
C CYS E 68 -29.91 -7.43 -2.80
N ASN E 69 -30.95 -7.03 -2.06
CA ASN E 69 -31.65 -5.78 -2.31
C ASN E 69 -30.99 -4.59 -1.61
N SER E 70 -29.74 -4.73 -1.16
CA SER E 70 -29.04 -3.59 -0.58
C SER E 70 -28.64 -2.58 -1.65
N LEU E 71 -28.12 -3.08 -2.79
CA LEU E 71 -27.73 -2.24 -3.91
C LEU E 71 -28.24 -2.94 -5.19
N LEU E 72 -29.52 -3.30 -5.20
CA LEU E 72 -30.15 -3.92 -6.36
C LEU E 72 -30.84 -2.84 -7.16
N GLN E 73 -30.14 -2.32 -8.17
CA GLN E 73 -30.68 -1.27 -9.02
C GLN E 73 -30.37 -1.59 -10.48
N LEU E 74 -31.25 -1.12 -11.36
CA LEU E 74 -31.05 -1.24 -12.81
C LEU E 74 -30.59 0.13 -13.31
N LYS E 75 -29.30 0.23 -13.63
CA LYS E 75 -28.72 1.53 -13.95
C LYS E 75 -29.06 1.96 -15.37
N TYR E 76 -28.93 1.06 -16.34
CA TYR E 76 -29.19 1.41 -17.73
C TYR E 76 -29.93 0.27 -18.41
N PHE E 77 -31.00 0.62 -19.12
CA PHE E 77 -31.79 -0.32 -19.88
C PHE E 77 -32.59 0.44 -20.94
N SER E 78 -32.64 -0.14 -22.14
CA SER E 78 -33.43 0.39 -23.23
C SER E 78 -34.14 -0.79 -23.91
N ASN E 79 -35.42 -0.60 -24.23
CA ASN E 79 -36.21 -1.69 -24.77
C ASN E 79 -35.95 -1.94 -26.25
N LYS E 80 -35.22 -1.04 -26.91
CA LYS E 80 -34.98 -1.21 -28.35
C LYS E 80 -33.95 -2.29 -28.62
N THR E 81 -33.04 -2.53 -27.68
CA THR E 81 -32.00 -3.54 -27.84
C THR E 81 -32.08 -4.66 -26.81
N SER E 82 -32.90 -4.48 -25.76
CA SER E 82 -33.13 -5.46 -24.68
C SER E 82 -31.84 -5.88 -23.98
N THR E 83 -30.96 -4.91 -23.70
CA THR E 83 -29.77 -5.14 -22.90
C THR E 83 -29.82 -4.24 -21.68
N GLY E 84 -29.51 -4.81 -20.52
CA GLY E 84 -29.57 -4.06 -19.28
C GLY E 84 -28.39 -4.28 -18.37
N ILE E 85 -28.13 -3.31 -17.49
CA ILE E 85 -27.01 -3.36 -16.56
C ILE E 85 -27.54 -3.26 -15.14
N ILE E 86 -27.29 -4.30 -14.34
CA ILE E 86 -27.72 -4.36 -12.95
C ILE E 86 -26.50 -4.18 -12.06
N ARG E 87 -26.60 -3.20 -11.16
CA ARG E 87 -25.61 -2.94 -10.13
C ARG E 87 -25.79 -3.94 -9.00
N CYS E 88 -24.69 -4.35 -8.38
CA CYS E 88 -24.74 -5.29 -7.27
C CYS E 88 -23.43 -5.22 -6.51
N HIS E 89 -23.38 -5.95 -5.39
CA HIS E 89 -22.15 -6.08 -4.63
C HIS E 89 -21.26 -7.17 -5.24
N ARG E 90 -19.98 -7.16 -4.85
CA ARG E 90 -19.05 -8.17 -5.35
C ARG E 90 -19.24 -9.50 -4.61
N GLU E 91 -19.84 -9.46 -3.43
CA GLU E 91 -20.06 -10.69 -2.67
C GLU E 91 -21.34 -11.39 -3.13
N ASP E 92 -22.41 -10.62 -3.33
CA ASP E 92 -23.70 -11.17 -3.75
C ASP E 92 -23.86 -11.21 -5.26
N CYS E 93 -22.77 -11.07 -6.02
CA CYS E 93 -22.84 -11.18 -7.48
C CYS E 93 -23.23 -12.60 -7.90
N ASP E 94 -22.76 -13.61 -7.16
CA ASP E 94 -23.21 -14.98 -7.34
C ASP E 94 -24.73 -15.10 -7.19
N LEU E 95 -25.28 -14.45 -6.16
CA LEU E 95 -26.71 -14.52 -5.90
C LEU E 95 -27.51 -13.79 -6.98
N VAL E 96 -26.97 -12.66 -7.48
CA VAL E 96 -27.66 -11.90 -8.52
C VAL E 96 -27.66 -12.66 -9.84
N ILE E 97 -26.53 -13.30 -10.18
CA ILE E 97 -26.47 -14.08 -11.44
C ILE E 97 -27.37 -15.31 -11.35
N MET E 98 -27.43 -15.94 -10.17
CA MET E 98 -28.30 -17.12 -10.05
C MET E 98 -29.78 -16.70 -10.02
N ALA E 99 -30.07 -15.47 -9.59
CA ALA E 99 -31.43 -14.95 -9.72
C ALA E 99 -31.75 -14.60 -11.17
N LEU E 100 -30.75 -14.13 -11.92
CA LEU E 100 -30.96 -13.86 -13.35
C LEU E 100 -31.15 -15.14 -14.14
N MET E 101 -30.56 -16.24 -13.67
CA MET E 101 -30.71 -17.52 -14.36
C MET E 101 -32.13 -18.07 -14.24
N LEU E 102 -32.71 -18.00 -13.04
CA LEU E 102 -34.02 -18.59 -12.78
C LEU E 102 -35.18 -17.69 -13.20
N MET E 103 -34.94 -16.65 -13.98
CA MET E 103 -36.02 -15.83 -14.53
C MET E 103 -36.79 -16.63 -15.57
N SER E 104 -38.03 -16.97 -15.24
CA SER E 104 -38.85 -17.83 -16.09
C SER E 104 -39.70 -17.05 -17.08
N LYS E 105 -40.51 -16.11 -16.59
CA LYS E 105 -41.39 -15.35 -17.47
C LYS E 105 -41.72 -14.02 -16.83
N ILE E 106 -42.06 -13.06 -17.68
CA ILE E 106 -42.66 -11.81 -17.22
C ILE E 106 -44.17 -12.03 -17.05
N GLY E 107 -44.81 -11.18 -16.24
CA GLY E 107 -46.23 -11.33 -15.98
C GLY E 107 -47.12 -11.10 -17.19
N ASP E 108 -46.60 -10.38 -18.19
CA ASP E 108 -47.34 -10.11 -19.41
C ASP E 108 -46.96 -11.06 -20.55
N VAL E 109 -45.66 -11.28 -20.77
CA VAL E 109 -45.19 -12.10 -21.89
C VAL E 109 -44.36 -13.25 -21.33
N ASP E 110 -44.68 -14.47 -21.74
CA ASP E 110 -43.94 -15.67 -21.37
C ASP E 110 -43.14 -16.17 -22.58
N GLY E 111 -42.33 -17.21 -22.34
CA GLY E 111 -41.53 -17.78 -23.41
C GLY E 111 -40.27 -16.99 -23.72
N LEU E 112 -39.37 -16.88 -22.74
CA LEU E 112 -38.16 -16.07 -22.87
C LEU E 112 -37.11 -16.57 -21.90
N ILE E 113 -35.84 -16.36 -22.27
CA ILE E 113 -34.70 -16.69 -21.42
C ILE E 113 -33.86 -15.44 -21.24
N VAL E 114 -33.09 -15.40 -20.15
CA VAL E 114 -32.20 -14.29 -19.86
C VAL E 114 -30.76 -14.77 -19.92
N ASN E 115 -29.93 -14.03 -20.66
CA ASN E 115 -28.53 -14.36 -20.85
C ASN E 115 -27.67 -13.35 -20.09
N PRO E 116 -27.09 -13.71 -18.95
CA PRO E 116 -26.05 -12.86 -18.35
C PRO E 116 -24.74 -12.98 -19.12
N VAL E 117 -24.23 -11.87 -19.65
CA VAL E 117 -23.10 -11.94 -20.57
C VAL E 117 -21.83 -11.42 -19.92
N LYS E 118 -21.86 -10.21 -19.38
CA LYS E 118 -20.62 -9.58 -18.93
C LYS E 118 -20.78 -9.09 -17.49
N VAL E 119 -19.78 -9.42 -16.68
CA VAL E 119 -19.68 -8.97 -15.30
C VAL E 119 -18.33 -8.28 -15.13
N SER E 120 -18.36 -7.05 -14.59
CA SER E 120 -17.15 -6.35 -14.23
C SER E 120 -17.45 -5.39 -13.10
N GLY E 121 -16.40 -4.90 -12.45
CA GLY E 121 -16.58 -3.97 -11.35
C GLY E 121 -16.76 -2.53 -11.81
N THR E 122 -16.62 -2.29 -13.10
CA THR E 122 -16.80 -0.96 -13.69
C THR E 122 -17.81 -1.04 -14.83
N ILE E 123 -18.53 0.05 -15.06
CA ILE E 123 -19.56 0.05 -16.10
C ILE E 123 -18.98 0.53 -17.43
N LYS E 124 -17.89 1.29 -17.39
CA LYS E 124 -17.32 1.87 -18.61
C LYS E 124 -16.65 0.82 -19.48
N LYS E 125 -16.06 -0.22 -18.87
CA LYS E 125 -15.48 -1.29 -19.67
C LYS E 125 -16.56 -2.26 -20.13
N ILE E 126 -17.68 -2.34 -19.40
CA ILE E 126 -18.81 -3.16 -19.85
C ILE E 126 -19.48 -2.53 -21.06
N GLU E 127 -19.57 -1.20 -21.08
CA GLU E 127 -20.07 -0.51 -22.26
C GLU E 127 -19.12 -0.67 -23.44
N GLN E 128 -17.81 -0.67 -23.19
CA GLN E 128 -16.83 -0.87 -24.25
C GLN E 128 -16.89 -2.30 -24.78
N PHE E 129 -17.14 -3.27 -23.90
CA PHE E 129 -17.32 -4.65 -24.34
C PHE E 129 -18.64 -4.83 -25.10
N ALA E 130 -19.68 -4.09 -24.71
CA ALA E 130 -20.97 -4.22 -25.37
C ALA E 130 -20.95 -3.61 -26.77
N MET E 131 -20.21 -2.50 -26.94
CA MET E 131 -20.05 -1.92 -28.27
C MET E 131 -19.26 -2.87 -29.18
N ARG E 132 -18.24 -3.54 -28.64
CA ARG E 132 -17.46 -4.49 -29.43
C ARG E 132 -18.26 -5.74 -29.76
N ARG E 133 -19.08 -6.22 -28.82
CA ARG E 133 -19.91 -7.39 -29.07
C ARG E 133 -21.00 -7.08 -30.09
N ASN E 134 -21.61 -5.90 -30.01
CA ASN E 134 -22.58 -5.50 -31.01
C ASN E 134 -21.92 -5.25 -32.36
N SER E 135 -20.65 -4.81 -32.35
CA SER E 135 -19.90 -4.67 -33.60
C SER E 135 -19.64 -6.03 -34.23
N LYS E 136 -19.37 -7.05 -33.42
CA LYS E 136 -19.21 -8.40 -33.95
C LYS E 136 -20.53 -8.95 -34.47
N ILE E 137 -21.64 -8.59 -33.82
CA ILE E 137 -22.96 -8.97 -34.33
C ILE E 137 -23.24 -8.31 -35.68
N LEU E 138 -22.89 -7.03 -35.82
CA LEU E 138 -23.01 -6.35 -37.11
C LEU E 138 -22.08 -6.95 -38.16
N ASN E 139 -20.90 -7.46 -37.74
CA ASN E 139 -20.03 -8.17 -38.67
C ASN E 139 -20.67 -9.46 -39.19
N ILE E 140 -21.28 -10.23 -38.29
CA ILE E 140 -21.93 -11.49 -38.71
C ILE E 140 -23.13 -11.20 -39.61
N ILE E 141 -23.92 -10.19 -39.25
CA ILE E 141 -25.07 -9.76 -40.05
C ILE E 141 -24.63 -9.28 -41.43
N LYS E 142 -23.53 -8.52 -41.49
CA LYS E 142 -23.06 -7.98 -42.77
C LYS E 142 -22.44 -9.08 -43.64
N CYS E 143 -21.81 -10.07 -43.01
CA CYS E 143 -21.27 -11.20 -43.78
C CYS E 143 -22.38 -12.05 -44.36
N SER E 144 -23.46 -12.26 -43.62
CA SER E 144 -24.55 -13.07 -44.18
C SER E 144 -25.42 -12.25 -45.12
N GLN E 145 -25.39 -10.92 -44.99
CA GLN E 145 -26.19 -10.07 -45.87
C GLN E 145 -25.49 -9.84 -47.20
N SER E 146 -24.16 -9.74 -47.20
CA SER E 146 -23.42 -9.58 -48.44
C SER E 146 -23.38 -10.90 -49.22
N SER E 147 -23.44 -12.03 -48.52
CA SER E 147 -23.43 -13.33 -49.16
C SER E 147 -24.24 -14.35 -48.35
N ILE F 2 -5.06 -33.65 -44.16
CA ILE F 2 -6.02 -32.77 -44.81
C ILE F 2 -7.28 -33.56 -45.14
N ASN F 3 -8.40 -33.17 -44.52
CA ASN F 3 -9.65 -33.89 -44.71
C ASN F 3 -10.40 -33.43 -45.95
N GLY F 4 -10.43 -32.12 -46.20
CA GLY F 4 -11.17 -31.60 -47.33
C GLY F 4 -10.82 -30.17 -47.69
N VAL F 5 -10.99 -29.82 -48.96
CA VAL F 5 -10.69 -28.49 -49.47
C VAL F 5 -12.00 -27.85 -49.94
N TYR F 6 -12.29 -26.66 -49.42
CA TYR F 6 -13.51 -25.92 -49.76
C TYR F 6 -13.12 -24.61 -50.42
N TYR F 7 -13.89 -24.20 -51.42
CA TYR F 7 -13.78 -22.88 -52.03
C TYR F 7 -15.15 -22.23 -52.09
N ASN F 8 -15.24 -21.01 -51.52
CA ASN F 8 -16.45 -20.21 -51.43
C ASN F 8 -17.58 -20.98 -50.72
N GLU F 9 -17.23 -21.67 -49.63
CA GLU F 9 -18.10 -22.48 -48.78
C GLU F 9 -18.82 -23.58 -49.55
N ILE F 10 -18.22 -24.09 -50.63
CA ILE F 10 -18.80 -25.15 -51.43
C ILE F 10 -17.82 -26.31 -51.44
N SER F 11 -18.32 -27.54 -51.27
CA SER F 11 -17.47 -28.71 -51.20
C SER F 11 -16.81 -29.00 -52.54
N ARG F 12 -15.48 -29.16 -52.51
CA ARG F 12 -14.68 -29.41 -53.70
C ARG F 12 -13.77 -30.60 -53.46
N ASP F 13 -13.39 -31.26 -54.56
CA ASP F 13 -12.49 -32.42 -54.50
C ASP F 13 -11.11 -31.99 -54.97
N LEU F 14 -10.28 -31.57 -54.00
CA LEU F 14 -8.94 -31.08 -54.29
C LEU F 14 -7.96 -31.71 -53.30
N ASP F 15 -6.67 -31.56 -53.62
CA ASP F 15 -5.57 -32.04 -52.76
C ASP F 15 -4.48 -30.98 -52.80
N ILE F 16 -4.06 -30.52 -51.61
CA ILE F 16 -3.10 -29.43 -51.53
C ILE F 16 -1.71 -29.89 -51.97
N SER F 17 -1.40 -31.17 -51.71
CA SER F 17 -0.10 -31.71 -52.12
C SER F 17 -0.02 -31.90 -53.63
N SER F 18 -1.16 -31.99 -54.31
CA SER F 18 -1.20 -32.10 -55.77
C SER F 18 -1.31 -30.69 -56.35
N SER F 19 -0.27 -30.27 -57.06
CA SER F 19 -0.24 -28.89 -57.56
C SER F 19 -1.07 -28.74 -58.83
N THR F 20 -1.05 -29.76 -59.70
CA THR F 20 -1.65 -29.66 -61.03
C THR F 20 -3.17 -29.54 -60.96
N GLN F 21 -3.80 -30.32 -60.08
CA GLN F 21 -5.25 -30.29 -59.94
C GLN F 21 -5.74 -28.95 -59.40
N CYS F 22 -5.02 -28.39 -58.42
CA CYS F 22 -5.42 -27.11 -57.86
C CYS F 22 -5.14 -25.96 -58.83
N LEU F 23 -4.07 -26.05 -59.63
CA LEU F 23 -3.82 -25.02 -60.63
C LEU F 23 -4.86 -25.06 -61.75
N ARG F 24 -5.32 -26.27 -62.12
CA ARG F 24 -6.38 -26.37 -63.11
C ARG F 24 -7.72 -25.92 -62.54
N PHE F 25 -7.90 -26.10 -61.22
CA PHE F 25 -9.12 -25.59 -60.59
C PHE F 25 -9.10 -24.07 -60.49
N LEU F 26 -7.92 -23.48 -60.28
CA LEU F 26 -7.79 -22.03 -60.31
C LEU F 26 -8.00 -21.49 -61.72
N LYS F 27 -7.54 -22.23 -62.73
CA LYS F 27 -7.66 -21.76 -64.11
C LYS F 27 -9.10 -21.87 -64.61
N GLU F 28 -9.79 -22.95 -64.25
CA GLU F 28 -11.10 -23.22 -64.83
C GLU F 28 -12.26 -22.60 -64.05
N THR F 29 -12.13 -22.41 -62.74
CA THR F 29 -13.27 -22.02 -61.91
C THR F 29 -13.11 -20.63 -61.30
N VAL F 30 -11.94 -20.31 -60.75
CA VAL F 30 -11.79 -19.08 -59.97
C VAL F 30 -11.74 -17.86 -60.89
N ILE F 31 -10.99 -17.94 -61.98
CA ILE F 31 -10.83 -16.78 -62.86
C ILE F 31 -12.10 -16.45 -63.67
N PRO F 32 -12.87 -17.42 -64.18
CA PRO F 32 -14.19 -17.04 -64.72
C PRO F 32 -15.18 -16.56 -63.66
N SER F 33 -14.95 -16.88 -62.39
CA SER F 33 -15.80 -16.36 -61.33
C SER F 33 -15.47 -14.92 -60.94
N LEU F 34 -14.36 -14.37 -61.46
CA LEU F 34 -13.96 -13.01 -61.10
C LEU F 34 -13.79 -12.12 -62.33
N ALA F 35 -13.61 -12.74 -63.50
CA ALA F 35 -13.38 -12.00 -64.73
C ALA F 35 -14.09 -12.70 -65.88
N ASN F 36 -14.75 -11.92 -66.73
CA ASN F 36 -15.49 -12.46 -67.86
C ASN F 36 -14.89 -11.91 -69.16
N ASN F 37 -14.39 -12.81 -70.01
CA ASN F 37 -13.73 -12.45 -71.25
C ASN F 37 -14.67 -12.42 -72.44
N GLY F 38 -15.97 -12.65 -72.23
CA GLY F 38 -16.90 -12.72 -73.35
C GLY F 38 -17.35 -11.36 -73.85
N ASN F 39 -17.65 -10.44 -72.93
CA ASN F 39 -18.29 -9.18 -73.27
C ASN F 39 -17.32 -8.06 -73.62
N ASN F 40 -16.05 -8.36 -73.86
CA ASN F 40 -15.07 -7.33 -74.22
C ASN F 40 -14.05 -7.89 -75.19
N SER F 41 -12.99 -7.11 -75.44
CA SER F 41 -11.98 -7.41 -76.45
C SER F 41 -10.61 -7.68 -75.84
N THR F 42 -10.56 -8.42 -74.74
CA THR F 42 -9.30 -8.74 -74.08
C THR F 42 -8.79 -10.10 -74.54
N SER F 43 -7.46 -10.23 -74.59
CA SER F 43 -6.80 -11.49 -74.90
C SER F 43 -6.02 -11.91 -73.65
N ILE F 44 -6.58 -12.86 -72.90
CA ILE F 44 -6.03 -13.23 -71.60
C ILE F 44 -5.20 -14.50 -71.76
N GLN F 45 -3.94 -14.44 -71.34
CA GLN F 45 -3.03 -15.57 -71.35
C GLN F 45 -2.81 -16.03 -69.92
N TYR F 46 -3.23 -17.27 -69.63
CA TYR F 46 -3.16 -17.82 -68.29
C TYR F 46 -1.79 -18.45 -68.04
N HIS F 47 -1.29 -18.32 -66.81
CA HIS F 47 -0.07 -19.05 -66.43
C HIS F 47 -0.10 -19.26 -64.91
N GLY F 48 0.20 -20.50 -64.51
CA GLY F 48 0.40 -20.79 -63.10
C GLY F 48 1.85 -21.13 -62.80
N ILE F 49 2.27 -20.88 -61.57
CA ILE F 49 3.63 -21.10 -61.14
C ILE F 49 3.66 -22.03 -59.93
N SER F 50 4.43 -23.11 -60.04
CA SER F 50 4.74 -23.99 -58.92
C SER F 50 6.12 -23.64 -58.38
N LYS F 51 6.46 -24.25 -57.23
CA LYS F 51 7.71 -23.94 -56.56
C LYS F 51 8.91 -24.63 -57.21
N ASN F 52 8.67 -25.53 -58.16
CA ASN F 52 9.73 -26.24 -58.84
C ASN F 52 10.06 -25.63 -60.20
N ASP F 53 9.42 -24.53 -60.56
CA ASP F 53 9.61 -23.91 -61.87
C ASP F 53 10.91 -23.11 -61.90
N ASN F 54 11.59 -23.15 -63.05
CA ASN F 54 12.76 -22.31 -63.26
C ASN F 54 12.30 -20.86 -63.42
N ILE F 55 13.04 -19.94 -62.80
CA ILE F 55 12.67 -18.52 -62.85
C ILE F 55 12.92 -17.94 -64.23
N LYS F 56 14.10 -18.23 -64.80
CA LYS F 56 14.48 -17.65 -66.09
C LYS F 56 13.59 -18.16 -67.22
N LYS F 57 13.28 -19.46 -67.20
CA LYS F 57 12.41 -20.03 -68.22
C LYS F 57 10.98 -19.50 -68.12
N SER F 58 10.48 -19.29 -66.90
CA SER F 58 9.13 -18.77 -66.74
C SER F 58 9.04 -17.29 -67.11
N VAL F 59 10.10 -16.52 -66.85
CA VAL F 59 10.14 -15.13 -67.31
C VAL F 59 10.21 -15.06 -68.82
N ASN F 60 10.99 -15.97 -69.45
CA ASN F 60 11.07 -16.02 -70.90
C ASN F 60 9.74 -16.48 -71.52
N LYS F 61 8.98 -17.29 -70.79
CA LYS F 61 7.62 -17.60 -71.22
C LYS F 61 6.70 -16.40 -71.06
N LEU F 62 6.95 -15.56 -70.03
CA LEU F 62 6.17 -14.34 -69.88
C LEU F 62 6.62 -13.27 -70.87
N ASP F 63 7.81 -13.41 -71.44
CA ASP F 63 8.26 -12.49 -72.48
C ASP F 63 7.57 -12.70 -73.82
N LYS F 64 6.90 -13.84 -74.00
CA LYS F 64 6.20 -14.13 -75.24
C LYS F 64 4.68 -14.04 -75.13
N GLN F 65 4.14 -14.01 -73.91
CA GLN F 65 2.70 -13.90 -73.70
C GLN F 65 2.23 -12.45 -73.64
N ILE F 66 3.15 -11.49 -73.52
CA ILE F 66 2.77 -10.09 -73.54
C ILE F 66 2.74 -9.53 -74.97
N ASN F 67 3.17 -10.32 -75.96
CA ASN F 67 3.15 -9.94 -77.37
C ASN F 67 2.69 -11.10 -78.24
N MET F 68 1.71 -11.87 -77.78
CA MET F 68 1.28 -13.07 -78.48
C MET F 68 0.10 -12.83 -79.42
N ALA F 69 -0.89 -12.05 -79.00
CA ALA F 69 -2.08 -11.86 -79.80
C ALA F 69 -1.82 -10.88 -80.95
N ASP F 70 -2.81 -10.75 -81.83
CA ASP F 70 -2.66 -9.94 -83.03
C ASP F 70 -2.73 -8.45 -82.67
N ARG F 71 -1.82 -7.67 -83.26
CA ARG F 71 -1.80 -6.23 -83.05
C ARG F 71 -2.73 -5.47 -83.98
N SER F 72 -3.17 -6.10 -85.07
CA SER F 72 -4.01 -5.42 -86.05
C SER F 72 -5.48 -5.45 -85.68
N LEU F 73 -5.90 -6.41 -84.86
CA LEU F 73 -7.29 -6.54 -84.45
C LEU F 73 -7.69 -5.56 -83.36
N GLY F 74 -6.72 -4.88 -82.73
CA GLY F 74 -7.02 -3.94 -81.69
C GLY F 74 -7.43 -4.59 -80.39
N LEU F 75 -6.79 -5.71 -80.07
CA LEU F 75 -7.07 -6.47 -78.86
C LEU F 75 -6.04 -6.13 -77.79
N GLN F 76 -6.49 -5.79 -76.60
CA GLN F 76 -5.59 -5.51 -75.49
C GLN F 76 -5.18 -6.83 -74.83
N GLN F 77 -3.89 -6.97 -74.57
CA GLN F 77 -3.30 -8.26 -74.21
C GLN F 77 -3.00 -8.27 -72.72
N VAL F 78 -3.65 -9.18 -72.00
CA VAL F 78 -3.56 -9.25 -70.54
C VAL F 78 -2.97 -10.62 -70.18
N VAL F 79 -1.99 -10.63 -69.28
CA VAL F 79 -1.42 -11.86 -68.77
C VAL F 79 -1.92 -12.08 -67.35
N CYS F 80 -2.60 -13.20 -67.14
CA CYS F 80 -3.14 -13.58 -65.84
C CYS F 80 -2.21 -14.63 -65.24
N ILE F 81 -1.35 -14.19 -64.32
CA ILE F 81 -0.45 -15.09 -63.60
C ILE F 81 -1.10 -15.39 -62.25
N PHE F 82 -1.00 -16.63 -61.79
CA PHE F 82 -1.67 -17.00 -60.55
C PHE F 82 -0.93 -18.11 -59.82
N SER F 83 -1.08 -18.11 -58.50
CA SER F 83 -0.53 -19.18 -57.67
C SER F 83 -1.30 -19.23 -56.36
N TYR F 84 -1.00 -20.26 -55.56
CA TYR F 84 -1.66 -20.43 -54.26
C TYR F 84 -0.64 -20.93 -53.25
N GLY F 85 -0.75 -20.41 -52.03
CA GLY F 85 0.06 -20.86 -50.91
C GLY F 85 1.55 -20.59 -51.04
N PRO F 86 2.36 -21.56 -50.60
CA PRO F 86 3.82 -21.33 -50.50
C PRO F 86 4.53 -21.28 -51.84
N HIS F 87 3.84 -21.44 -52.95
CA HIS F 87 4.40 -21.25 -54.28
C HIS F 87 4.38 -19.77 -54.68
N ILE F 88 3.51 -18.97 -54.05
CA ILE F 88 3.25 -17.57 -54.43
C ILE F 88 4.51 -16.74 -54.38
N GLN F 89 5.36 -16.99 -53.37
CA GLN F 89 6.63 -16.28 -53.19
C GLN F 89 7.53 -16.44 -54.41
N LYS F 90 7.63 -17.66 -54.94
CA LYS F 90 8.39 -17.88 -56.17
C LYS F 90 7.77 -17.12 -57.33
N MET F 91 6.42 -17.13 -57.39
CA MET F 91 5.65 -16.29 -58.31
C MET F 91 6.08 -14.84 -58.23
N LEU F 92 6.26 -14.33 -57.01
CA LEU F 92 6.62 -12.94 -56.79
C LEU F 92 7.97 -12.62 -57.44
N SER F 93 8.92 -13.55 -57.34
CA SER F 93 10.20 -13.38 -58.02
C SER F 93 10.00 -13.33 -59.53
N ILE F 94 9.23 -14.29 -60.04
CA ILE F 94 8.95 -14.37 -61.48
C ILE F 94 8.03 -13.22 -61.88
N LEU F 95 7.35 -12.61 -60.90
CA LEU F 95 6.71 -11.33 -61.18
C LEU F 95 7.75 -10.23 -61.35
N GLU F 96 8.52 -9.96 -60.29
CA GLU F 96 9.16 -8.65 -60.19
C GLU F 96 10.41 -8.57 -61.07
N ILE F 97 11.13 -9.69 -61.21
CA ILE F 97 12.22 -9.78 -62.15
C ILE F 97 11.73 -9.53 -63.58
N PHE F 98 10.51 -10.01 -63.88
CA PHE F 98 9.88 -9.68 -65.15
C PHE F 98 9.65 -8.19 -65.29
N LYS F 99 9.23 -7.54 -64.19
CA LYS F 99 9.14 -6.08 -64.17
C LYS F 99 10.52 -5.47 -64.32
N LYS F 100 11.54 -6.11 -63.72
CA LYS F 100 12.92 -5.69 -63.91
C LYS F 100 13.36 -5.90 -65.35
N GLY F 101 12.74 -6.85 -66.04
CA GLY F 101 13.00 -6.99 -67.46
C GLY F 101 12.17 -6.09 -68.35
N TYR F 102 11.39 -5.16 -67.81
CA TYR F 102 10.50 -4.38 -68.65
C TYR F 102 10.58 -2.87 -68.43
N ILE F 103 10.91 -2.41 -67.22
CA ILE F 103 10.90 -0.97 -66.96
C ILE F 103 12.16 -0.27 -67.46
N LYS F 104 13.19 -1.02 -67.87
CA LYS F 104 14.41 -0.40 -68.36
C LYS F 104 14.25 0.13 -69.78
N ASN F 105 13.24 -0.32 -70.52
CA ASN F 105 13.00 0.13 -71.88
C ASN F 105 12.00 1.29 -71.96
N ASN F 106 11.90 2.08 -70.89
CA ASN F 106 11.05 3.29 -70.80
C ASN F 106 9.58 2.95 -71.04
N LYS F 107 9.13 1.82 -70.51
CA LYS F 107 7.73 1.40 -70.60
C LYS F 107 7.19 1.10 -69.20
N LYS F 108 5.90 0.75 -69.14
CA LYS F 108 5.18 0.62 -67.88
C LYS F 108 4.33 -0.65 -67.86
N ILE F 109 4.22 -1.27 -66.67
CA ILE F 109 3.29 -2.36 -66.42
C ILE F 109 2.16 -1.85 -65.53
N TYR F 110 0.94 -2.00 -66.02
CA TYR F 110 -0.25 -1.79 -65.21
C TYR F 110 -0.67 -3.12 -64.62
N GLN F 111 -0.91 -3.12 -63.31
CA GLN F 111 -0.98 -4.33 -62.52
C GLN F 111 -2.24 -4.33 -61.65
N TRP F 112 -2.90 -5.48 -61.60
CA TRP F 112 -4.07 -5.68 -60.76
C TRP F 112 -3.86 -6.93 -59.90
N ASN F 113 -4.09 -6.81 -58.60
CA ASN F 113 -3.86 -7.88 -57.65
C ASN F 113 -5.18 -8.33 -57.03
N LYS F 114 -5.27 -9.61 -56.72
CA LYS F 114 -6.47 -10.19 -56.11
C LYS F 114 -6.05 -11.28 -55.14
N LEU F 115 -6.65 -11.26 -53.95
CA LEU F 115 -6.36 -12.19 -52.88
C LEU F 115 -7.65 -12.87 -52.44
N THR F 116 -7.77 -14.17 -52.74
CA THR F 116 -8.86 -15.00 -52.27
C THR F 116 -8.24 -16.20 -51.54
N SER F 117 -9.04 -17.21 -51.21
CA SER F 117 -8.51 -18.27 -50.37
C SER F 117 -9.28 -19.57 -50.54
N PHE F 118 -8.59 -20.67 -50.25
CA PHE F 118 -9.21 -21.96 -49.96
C PHE F 118 -9.32 -22.13 -48.45
N ASP F 119 -10.26 -22.98 -48.02
CA ASP F 119 -10.42 -23.34 -46.63
C ASP F 119 -10.33 -24.85 -46.52
N ILE F 120 -9.27 -25.34 -45.86
CA ILE F 120 -9.04 -26.76 -45.74
C ILE F 120 -9.27 -27.20 -44.31
N LYS F 121 -9.78 -28.42 -44.16
CA LYS F 121 -10.04 -29.04 -42.87
C LYS F 121 -8.96 -30.08 -42.60
N ARG F 122 -8.53 -30.16 -41.34
CA ARG F 122 -7.59 -31.18 -40.93
C ARG F 122 -7.94 -31.68 -39.54
N GLU F 123 -7.54 -32.92 -39.25
CA GLU F 123 -7.58 -33.41 -37.89
C GLU F 123 -6.43 -32.78 -37.11
N GLY F 124 -6.67 -32.46 -35.85
CA GLY F 124 -5.67 -31.82 -35.02
C GLY F 124 -4.79 -32.82 -34.30
N ARG F 125 -3.92 -32.28 -33.45
CA ARG F 125 -3.18 -33.12 -32.51
C ARG F 125 -4.11 -33.66 -31.43
N ASN F 126 -5.20 -32.94 -31.16
CA ASN F 126 -6.33 -33.48 -30.44
C ASN F 126 -7.33 -34.06 -31.44
N GLU F 127 -7.93 -35.19 -31.08
CA GLU F 127 -8.81 -35.89 -32.00
C GLU F 127 -10.14 -35.17 -32.17
N LEU F 128 -10.75 -34.74 -31.06
CA LEU F 128 -12.02 -34.03 -31.13
C LEU F 128 -11.87 -32.60 -31.68
N GLN F 129 -10.67 -32.04 -31.61
CA GLN F 129 -10.42 -30.70 -32.12
C GLN F 129 -10.08 -30.78 -33.61
N GLU F 130 -10.95 -30.25 -34.45
CA GLU F 130 -10.76 -30.22 -35.89
C GLU F 130 -10.33 -28.82 -36.31
N GLU F 131 -9.19 -28.73 -37.00
CA GLU F 131 -8.57 -27.45 -37.29
C GLU F 131 -8.88 -27.01 -38.71
N ARG F 132 -8.98 -25.69 -38.90
CA ARG F 132 -9.24 -25.07 -40.19
C ARG F 132 -8.01 -24.26 -40.57
N LEU F 133 -7.56 -24.43 -41.81
CA LEU F 133 -6.45 -23.62 -42.34
C LEU F 133 -6.92 -22.91 -43.58
N LYS F 134 -6.54 -21.64 -43.72
CA LYS F 134 -7.00 -20.82 -44.83
C LYS F 134 -5.83 -20.49 -45.74
N VAL F 135 -5.81 -21.12 -46.92
CA VAL F 135 -4.67 -21.04 -47.85
C VAL F 135 -4.88 -19.87 -48.81
N PRO F 136 -3.93 -18.93 -48.88
CA PRO F 136 -4.12 -17.75 -49.73
C PRO F 136 -3.81 -17.98 -51.20
N ILE F 137 -4.48 -17.21 -52.07
CA ILE F 137 -4.32 -17.31 -53.51
C ILE F 137 -3.95 -15.93 -54.04
N LEU F 138 -2.88 -15.86 -54.82
CA LEU F 138 -2.51 -14.59 -55.45
C LEU F 138 -2.84 -14.69 -56.94
N VAL F 139 -3.64 -13.74 -57.42
CA VAL F 139 -3.99 -13.62 -58.83
C VAL F 139 -3.58 -12.23 -59.29
N THR F 140 -2.67 -12.16 -60.25
CA THR F 140 -2.17 -10.89 -60.75
C THR F 140 -2.40 -10.80 -62.25
N LEU F 141 -3.08 -9.74 -62.68
CA LEU F 141 -3.31 -9.44 -64.08
C LEU F 141 -2.42 -8.28 -64.48
N VAL F 142 -1.49 -8.52 -65.39
CA VAL F 142 -0.56 -7.49 -65.85
C VAL F 142 -0.84 -7.18 -67.32
N SER F 143 -0.66 -5.92 -67.68
CA SER F 143 -0.89 -5.48 -69.05
C SER F 143 -0.11 -4.20 -69.31
N ASP F 144 -0.01 -3.85 -70.59
CA ASP F 144 0.58 -2.59 -71.00
C ASP F 144 -0.43 -1.48 -71.19
N SER F 145 -1.73 -1.79 -71.16
CA SER F 145 -2.78 -0.81 -71.29
C SER F 145 -3.25 -0.37 -69.90
N GLU F 146 -3.69 0.89 -69.79
CA GLU F 146 -4.09 1.42 -68.50
C GLU F 146 -5.52 1.02 -68.14
N ILE F 147 -6.43 1.08 -69.11
CA ILE F 147 -7.85 0.83 -68.87
C ILE F 147 -8.25 -0.47 -69.57
N ILE F 148 -8.72 -1.44 -68.80
CA ILE F 148 -9.18 -2.73 -69.31
C ILE F 148 -10.66 -2.87 -68.99
N ASP F 149 -11.44 -3.34 -69.96
CA ASP F 149 -12.88 -3.44 -69.83
C ASP F 149 -13.35 -4.66 -69.03
N LEU F 150 -12.44 -5.40 -68.41
CA LEU F 150 -12.82 -6.50 -67.53
C LEU F 150 -13.48 -5.96 -66.26
N ASN F 151 -14.26 -6.83 -65.60
CA ASN F 151 -14.90 -6.48 -64.33
C ASN F 151 -13.84 -6.58 -63.24
N LEU F 152 -13.11 -5.49 -63.07
CA LEU F 152 -11.96 -5.46 -62.18
C LEU F 152 -12.15 -4.48 -61.01
N HIS F 153 -13.39 -4.32 -60.57
CA HIS F 153 -13.67 -3.42 -59.45
C HIS F 153 -13.21 -4.00 -58.12
N SER F 154 -13.15 -5.33 -58.00
CA SER F 154 -12.70 -5.96 -56.78
C SER F 154 -11.18 -6.10 -56.70
N PHE F 155 -10.45 -5.69 -57.74
CA PHE F 155 -9.01 -5.83 -57.76
C PHE F 155 -8.35 -4.63 -57.08
N THR F 156 -7.03 -4.53 -57.22
CA THR F 156 -6.23 -3.45 -56.66
C THR F 156 -5.35 -2.87 -57.75
N LYS F 157 -5.55 -1.60 -58.07
CA LYS F 157 -4.76 -0.96 -59.13
C LYS F 157 -3.34 -0.70 -58.66
N GLN F 158 -2.38 -1.13 -59.46
CA GLN F 158 -0.95 -0.93 -59.15
C GLN F 158 -0.18 -0.54 -60.40
N LYS G 13 31.05 -20.76 -46.72
CA LYS G 13 31.39 -19.34 -46.62
C LYS G 13 30.47 -18.63 -45.63
N ARG G 14 31.06 -17.86 -44.73
CA ARG G 14 30.29 -17.15 -43.71
C ARG G 14 29.75 -15.84 -44.29
N VAL G 15 28.45 -15.62 -44.12
CA VAL G 15 27.78 -14.42 -44.62
C VAL G 15 26.67 -14.06 -43.63
N THR G 16 26.48 -12.76 -43.40
CA THR G 16 25.45 -12.29 -42.48
C THR G 16 24.59 -11.25 -43.16
N LYS G 17 23.39 -11.05 -42.64
CA LYS G 17 22.39 -10.20 -43.28
C LYS G 17 22.00 -9.04 -42.37
N HIS G 18 21.28 -8.08 -42.95
CA HIS G 18 20.81 -6.88 -42.27
C HIS G 18 19.34 -6.66 -42.62
N PRO G 19 18.57 -5.93 -41.78
CA PRO G 19 17.18 -5.63 -42.17
C PRO G 19 17.09 -4.57 -43.26
N SER G 20 15.87 -4.21 -43.63
CA SER G 20 15.60 -3.45 -44.85
C SER G 20 15.33 -1.98 -44.51
N LEU G 21 15.36 -1.13 -45.53
CA LEU G 21 15.05 0.28 -45.38
C LEU G 21 13.58 0.47 -45.02
N LYS G 22 13.33 1.31 -44.01
CA LYS G 22 11.99 1.67 -43.57
C LYS G 22 11.91 3.21 -43.49
N THR G 23 11.60 3.84 -44.63
CA THR G 23 11.45 5.28 -44.67
C THR G 23 10.04 5.67 -44.25
N LEU G 24 9.90 6.14 -43.01
CA LEU G 24 8.60 6.38 -42.41
C LEU G 24 8.55 7.76 -41.76
N THR G 25 7.36 8.35 -41.78
CA THR G 25 7.09 9.62 -41.16
C THR G 25 6.47 9.41 -39.78
N HIS G 26 5.94 10.50 -39.20
CA HIS G 26 5.31 10.42 -37.88
C HIS G 26 4.01 9.62 -37.93
N LYS G 27 3.30 9.68 -39.05
CA LYS G 27 1.99 9.04 -39.12
C LYS G 27 2.07 7.63 -39.72
N GLN G 28 3.18 7.30 -40.38
CA GLN G 28 3.27 6.00 -41.04
C GLN G 28 3.71 4.91 -40.06
N ILE G 29 4.33 5.30 -38.95
CA ILE G 29 4.92 4.32 -38.04
C ILE G 29 3.86 3.65 -37.17
N HIS G 30 2.82 4.38 -36.78
CA HIS G 30 1.80 3.86 -35.87
C HIS G 30 0.69 3.10 -36.60
N THR G 31 0.72 3.08 -37.93
CA THR G 31 -0.28 2.38 -38.71
C THR G 31 0.29 1.24 -39.57
N THR G 32 1.53 0.85 -39.33
CA THR G 32 2.20 -0.17 -40.16
C THR G 32 2.74 -1.29 -39.28
N ILE G 33 2.32 -2.52 -39.57
CA ILE G 33 2.87 -3.71 -38.95
C ILE G 33 3.78 -4.40 -39.96
N PHE G 34 4.91 -4.90 -39.47
CA PHE G 34 5.85 -5.70 -40.26
C PHE G 34 5.82 -7.13 -39.74
N VAL G 35 5.31 -8.05 -40.55
CA VAL G 35 5.03 -9.41 -40.10
C VAL G 35 6.27 -10.27 -40.27
N LYS G 36 6.74 -10.87 -39.18
CA LYS G 36 7.87 -11.79 -39.20
C LYS G 36 7.40 -13.20 -39.51
N SER G 37 8.38 -14.11 -39.65
CA SER G 37 8.05 -15.52 -39.81
C SER G 37 7.68 -16.16 -38.49
N THR G 38 8.22 -15.62 -37.38
CA THR G 38 7.88 -16.15 -36.07
C THR G 38 6.67 -15.44 -35.46
N THR G 39 6.06 -14.53 -36.21
CA THR G 39 4.86 -13.84 -35.77
C THR G 39 3.68 -14.81 -35.74
N PRO G 40 3.00 -14.96 -34.60
CA PRO G 40 1.81 -15.81 -34.57
C PRO G 40 0.64 -15.16 -35.29
N TYR G 41 -0.34 -16.00 -35.62
CA TYR G 41 -1.49 -15.54 -36.40
C TYR G 41 -2.42 -14.67 -35.56
N VAL G 42 -2.86 -15.18 -34.40
CA VAL G 42 -3.81 -14.46 -33.56
C VAL G 42 -3.15 -13.23 -32.94
N SER G 43 -1.83 -13.29 -32.72
CA SER G 43 -1.06 -12.11 -32.33
C SER G 43 -1.13 -11.01 -33.39
N ALA G 44 -1.00 -11.39 -34.66
CA ALA G 44 -1.10 -10.42 -35.75
C ALA G 44 -2.51 -9.86 -35.85
N LEU G 45 -3.53 -10.72 -35.64
CA LEU G 45 -4.91 -10.24 -35.62
C LEU G 45 -5.16 -9.24 -34.50
N LYS G 46 -4.62 -9.51 -33.31
CA LYS G 46 -4.79 -8.59 -32.17
C LYS G 46 -4.07 -7.27 -32.41
N ARG G 47 -2.88 -7.32 -33.02
CA ARG G 47 -2.12 -6.09 -33.24
C ARG G 47 -2.73 -5.24 -34.34
N ILE G 48 -3.26 -5.87 -35.39
CA ILE G 48 -3.91 -5.10 -36.46
C ILE G 48 -5.27 -4.59 -35.99
N ASN G 49 -5.92 -5.32 -35.08
CA ASN G 49 -7.16 -4.82 -34.49
C ASN G 49 -6.90 -3.63 -33.57
N LYS G 50 -5.78 -3.65 -32.84
CA LYS G 50 -5.41 -2.49 -32.04
C LYS G 50 -5.02 -1.31 -32.92
N PHE G 51 -4.39 -1.58 -34.08
CA PHE G 51 -4.11 -0.53 -35.04
C PHE G 51 -5.38 0.04 -35.65
N LEU G 52 -6.40 -0.79 -35.88
CA LEU G 52 -7.69 -0.30 -36.37
C LEU G 52 -8.43 0.49 -35.29
N ASP G 53 -8.19 0.16 -34.02
CA ASP G 53 -8.76 0.94 -32.93
C ASP G 53 -8.06 2.27 -32.75
N SER G 54 -6.74 2.33 -33.02
CA SER G 54 -5.97 3.54 -32.80
C SER G 54 -5.80 4.39 -34.06
N VAL G 55 -6.25 3.90 -35.22
CA VAL G 55 -6.10 4.65 -36.46
C VAL G 55 -7.06 5.83 -36.52
N HIS G 56 -8.15 5.80 -35.74
CA HIS G 56 -9.02 6.97 -35.65
C HIS G 56 -8.34 8.08 -34.86
N LYS G 57 -7.52 7.71 -33.86
CA LYS G 57 -6.73 8.70 -33.14
C LYS G 57 -5.56 9.18 -34.00
N GLN G 58 -4.97 8.26 -34.78
CA GLN G 58 -3.91 8.67 -35.71
C GLN G 58 -4.47 9.45 -36.89
N GLY G 59 -5.70 9.14 -37.30
CA GLY G 59 -6.37 9.90 -38.35
C GLY G 59 -5.83 9.65 -39.74
N SER G 60 -5.76 8.38 -40.14
CA SER G 60 -5.32 8.02 -41.48
C SER G 60 -6.29 6.99 -42.05
N SER G 61 -6.17 6.74 -43.35
CA SER G 61 -7.16 5.92 -44.05
C SER G 61 -6.95 4.43 -43.82
N TYR G 62 -5.72 3.94 -43.94
CA TYR G 62 -5.47 2.51 -43.95
C TYR G 62 -4.49 2.11 -42.85
N VAL G 63 -4.43 0.81 -42.60
CA VAL G 63 -3.41 0.17 -41.79
C VAL G 63 -2.58 -0.70 -42.71
N ALA G 64 -1.27 -0.50 -42.70
CA ALA G 64 -0.38 -1.21 -43.61
C ALA G 64 0.14 -2.50 -42.96
N VAL G 65 0.21 -3.57 -43.76
CA VAL G 65 0.74 -4.87 -43.34
C VAL G 65 1.80 -5.26 -44.35
N LEU G 66 3.06 -5.26 -43.93
CA LEU G 66 4.16 -5.51 -44.86
C LEU G 66 4.89 -6.81 -44.51
N GLY G 67 5.18 -7.60 -45.53
CA GLY G 67 5.94 -8.82 -45.35
C GLY G 67 6.86 -9.08 -46.51
N MET G 68 7.97 -9.76 -46.24
CA MET G 68 8.88 -10.22 -47.27
C MET G 68 9.33 -11.64 -46.93
N GLY G 69 9.47 -12.46 -47.97
CA GLY G 69 9.98 -13.81 -47.78
C GLY G 69 8.96 -14.75 -47.19
N LYS G 70 9.41 -15.53 -46.19
CA LYS G 70 8.64 -16.66 -45.67
C LYS G 70 7.33 -16.25 -45.02
N ALA G 71 7.27 -15.02 -44.49
CA ALA G 71 6.05 -14.54 -43.86
C ALA G 71 4.96 -14.16 -44.86
N VAL G 72 5.32 -13.94 -46.14
CA VAL G 72 4.42 -13.36 -47.16
C VAL G 72 3.10 -14.12 -47.25
N GLU G 73 3.19 -15.45 -47.32
CA GLU G 73 2.03 -16.34 -47.38
C GLU G 73 1.09 -16.10 -46.21
N LYS G 74 1.62 -16.15 -44.99
CA LYS G 74 0.74 -15.97 -43.83
C LYS G 74 0.36 -14.50 -43.69
N THR G 75 1.19 -13.61 -44.25
CA THR G 75 0.81 -12.20 -44.38
C THR G 75 -0.43 -12.07 -45.25
N LEU G 76 -0.46 -12.83 -46.36
CA LEU G 76 -1.65 -12.86 -47.21
C LEU G 76 -2.81 -13.51 -46.47
N ALA G 77 -2.52 -14.41 -45.52
CA ALA G 77 -3.58 -15.00 -44.70
C ALA G 77 -4.28 -13.94 -43.86
N LEU G 78 -3.54 -12.89 -43.46
CA LEU G 78 -4.16 -11.75 -42.79
C LEU G 78 -5.17 -11.07 -43.72
N GLY G 79 -4.79 -10.90 -44.99
CA GLY G 79 -5.74 -10.37 -45.96
C GLY G 79 -6.83 -11.37 -46.30
N CYS G 80 -6.64 -12.64 -45.96
CA CYS G 80 -7.71 -13.61 -46.14
C CYS G 80 -8.67 -13.63 -44.95
N HIS G 81 -8.33 -12.92 -43.87
CA HIS G 81 -9.18 -12.98 -42.69
C HIS G 81 -10.09 -11.76 -42.59
N PHE G 82 -9.52 -10.56 -42.78
CA PHE G 82 -10.28 -9.34 -42.51
C PHE G 82 -11.13 -8.92 -43.70
N GLN G 83 -10.81 -9.43 -44.90
CA GLN G 83 -11.59 -9.10 -46.08
C GLN G 83 -12.96 -9.78 -46.05
N ASP G 84 -12.99 -11.05 -45.62
CA ASP G 84 -14.21 -11.85 -45.67
C ASP G 84 -15.01 -11.78 -44.37
N GLN G 85 -14.35 -12.04 -43.24
CA GLN G 85 -15.07 -12.17 -41.97
C GLN G 85 -15.40 -10.84 -41.32
N LYS G 86 -14.74 -9.75 -41.71
CA LYS G 86 -15.00 -8.45 -41.10
C LYS G 86 -15.35 -7.37 -42.12
N ASN G 87 -15.38 -7.74 -43.41
CA ASN G 87 -15.79 -6.89 -44.53
C ASN G 87 -14.93 -5.63 -44.62
N LYS G 88 -13.61 -5.84 -44.68
CA LYS G 88 -12.67 -4.76 -44.83
C LYS G 88 -12.13 -4.72 -46.26
N LYS G 89 -12.00 -3.51 -46.80
CA LYS G 89 -11.46 -3.32 -48.14
C LYS G 89 -9.93 -3.31 -48.06
N ILE G 90 -9.30 -4.25 -48.75
CA ILE G 90 -7.86 -4.40 -48.70
C ILE G 90 -7.27 -4.12 -50.08
N GLU G 91 -6.04 -3.62 -50.09
CA GLU G 91 -5.27 -3.37 -51.29
C GLU G 91 -3.95 -4.15 -51.22
N VAL G 92 -3.62 -4.84 -52.32
CA VAL G 92 -2.46 -5.71 -52.37
C VAL G 92 -1.46 -5.12 -53.36
N TYR G 93 -0.25 -4.83 -52.89
CA TYR G 93 0.82 -4.29 -53.71
C TYR G 93 2.04 -5.19 -53.60
N THR G 94 2.71 -5.40 -54.74
CA THR G 94 3.94 -6.16 -54.80
C THR G 94 5.12 -5.22 -55.00
N LYS G 95 6.09 -5.28 -54.10
CA LYS G 95 7.22 -4.37 -54.10
C LYS G 95 8.52 -5.15 -54.12
N THR G 96 9.61 -4.44 -54.42
CA THR G 96 10.96 -4.99 -54.33
C THR G 96 11.63 -4.45 -53.08
N ILE G 97 12.56 -5.23 -52.51
CA ILE G 97 13.25 -4.88 -51.28
C ILE G 97 14.73 -5.15 -51.47
N GLU G 98 15.54 -4.12 -51.28
CA GLU G 98 16.99 -4.28 -51.32
C GLU G 98 17.54 -4.55 -49.92
N VAL G 99 18.39 -5.56 -49.81
CA VAL G 99 18.98 -5.98 -48.54
C VAL G 99 20.49 -6.04 -48.74
N LEU G 100 21.23 -5.34 -47.87
CA LEU G 100 22.68 -5.41 -47.86
C LEU G 100 23.14 -6.57 -46.99
N ASP G 101 24.10 -7.34 -47.50
CA ASP G 101 24.62 -8.51 -46.82
C ASP G 101 26.13 -8.40 -46.72
N GLU G 102 26.68 -8.70 -45.53
CA GLU G 102 28.12 -8.70 -45.34
C GLU G 102 28.68 -10.09 -45.60
N VAL G 103 29.56 -10.18 -46.60
CA VAL G 103 30.14 -11.45 -47.03
C VAL G 103 31.65 -11.34 -46.90
N ILE G 104 32.30 -12.50 -46.75
CA ILE G 104 33.74 -12.55 -46.56
C ILE G 104 34.40 -13.01 -47.85
N THR G 105 35.38 -12.23 -48.31
CA THR G 105 36.14 -12.53 -49.53
C THR G 105 37.57 -12.86 -49.10
N GLU G 106 38.03 -14.06 -49.45
CA GLU G 106 39.37 -14.52 -49.09
C GLU G 106 40.43 -13.78 -49.90
N GLY G 107 41.42 -13.21 -49.22
CA GLY G 107 42.49 -12.49 -49.87
C GLY G 107 43.83 -12.64 -49.18
N SER G 115 47.44 -15.75 -40.80
CA SER G 115 47.19 -16.06 -39.41
C SER G 115 45.80 -16.68 -39.23
N ASP G 116 45.46 -16.98 -37.99
CA ASP G 116 44.16 -17.56 -37.65
C ASP G 116 43.41 -16.54 -36.80
N VAL G 117 42.40 -15.91 -37.40
CA VAL G 117 41.66 -14.83 -36.76
C VAL G 117 40.27 -15.38 -36.42
N GLU G 118 39.55 -14.73 -35.50
CA GLU G 118 38.17 -15.07 -35.17
C GLU G 118 37.29 -14.90 -36.42
N ASP G 119 36.26 -15.75 -36.50
CA ASP G 119 35.39 -15.87 -37.67
C ASP G 119 34.62 -14.61 -38.02
N ASP G 120 34.19 -13.83 -37.03
CA ASP G 120 33.51 -12.58 -37.30
C ASP G 120 34.47 -11.45 -37.63
N ASP G 121 35.76 -11.64 -37.36
CA ASP G 121 36.77 -10.60 -37.58
C ASP G 121 37.49 -10.87 -38.89
N LYS G 122 36.74 -10.76 -39.99
CA LYS G 122 37.31 -10.91 -41.32
C LYS G 122 36.85 -9.74 -42.18
N GLU G 123 37.28 -9.75 -43.44
CA GLU G 123 36.92 -8.68 -44.36
C GLU G 123 35.44 -8.74 -44.71
N THR G 124 34.73 -7.65 -44.40
CA THR G 124 33.29 -7.55 -44.64
C THR G 124 33.07 -6.73 -45.90
N GLN G 125 32.43 -7.34 -46.89
CA GLN G 125 32.09 -6.67 -48.14
C GLN G 125 30.57 -6.67 -48.29
N LEU G 126 30.02 -5.52 -48.67
CA LEU G 126 28.58 -5.37 -48.83
C LEU G 126 28.15 -5.84 -50.20
N LYS G 127 27.08 -6.66 -50.23
CA LYS G 127 26.50 -7.12 -51.47
C LYS G 127 24.99 -6.94 -51.39
N LYS G 128 24.40 -6.43 -52.47
CA LYS G 128 22.97 -6.22 -52.50
C LYS G 128 22.25 -7.50 -52.90
N ARG G 129 21.01 -7.63 -52.42
CA ARG G 129 20.18 -8.78 -52.73
C ARG G 129 18.73 -8.35 -52.69
N ALA G 130 17.99 -8.63 -53.76
CA ALA G 130 16.62 -8.18 -53.89
C ALA G 130 15.66 -9.30 -53.55
N VAL G 131 14.63 -8.97 -52.77
CA VAL G 131 13.56 -9.90 -52.40
C VAL G 131 12.24 -9.23 -52.69
N SER G 132 11.34 -9.96 -53.34
CA SER G 132 10.00 -9.47 -53.61
C SER G 132 9.13 -9.63 -52.37
N GLY G 133 8.28 -8.64 -52.11
CA GLY G 133 7.45 -8.64 -50.92
C GLY G 133 6.07 -8.05 -51.15
N VAL G 134 5.21 -8.17 -50.14
CA VAL G 134 3.80 -7.82 -50.26
C VAL G 134 3.45 -6.77 -49.22
N GLU G 135 2.90 -5.65 -49.67
CA GLU G 135 2.23 -4.67 -48.84
C GLU G 135 0.72 -4.89 -48.95
N LEU G 136 0.02 -4.78 -47.83
CA LEU G 136 -1.42 -5.07 -47.78
C LEU G 136 -2.07 -4.00 -46.91
N ARG G 137 -2.85 -3.13 -47.55
CA ARG G 137 -3.50 -2.02 -46.87
C ARG G 137 -4.93 -2.41 -46.50
N ILE G 138 -5.32 -2.17 -45.25
CA ILE G 138 -6.65 -2.49 -44.76
C ILE G 138 -7.36 -1.18 -44.43
N TYR G 139 -8.55 -0.97 -45.01
CA TYR G 139 -9.33 0.22 -44.71
C TYR G 139 -10.18 0.00 -43.47
N VAL G 140 -10.74 1.08 -42.96
CA VAL G 140 -11.58 1.03 -41.77
C VAL G 140 -12.98 0.54 -42.15
N LYS H 3 -2.52 -33.83 2.71
CA LYS H 3 -2.04 -33.94 4.08
C LYS H 3 -2.93 -33.16 5.04
N LYS H 4 -4.21 -33.03 4.66
CA LYS H 4 -5.18 -32.31 5.47
C LYS H 4 -6.44 -33.14 5.67
N THR H 5 -7.47 -32.54 6.26
CA THR H 5 -8.73 -33.22 6.52
C THR H 5 -9.88 -32.34 6.05
N PHE H 6 -10.70 -32.87 5.14
CA PHE H 6 -11.86 -32.16 4.60
C PHE H 6 -12.96 -32.17 5.65
N ARG H 7 -13.53 -30.99 5.91
CA ARG H 7 -14.65 -30.86 6.83
C ARG H 7 -15.90 -31.50 6.24
N GLU H 8 -16.43 -32.52 6.91
CA GLU H 8 -17.61 -33.21 6.40
C GLU H 8 -18.88 -32.43 6.71
N TRP H 9 -19.16 -32.25 8.00
CA TRP H 9 -20.20 -31.33 8.45
C TRP H 9 -19.85 -30.84 9.85
N GLN H 10 -20.81 -30.19 10.49
CA GLN H 10 -20.65 -29.61 11.81
C GLN H 10 -21.94 -29.80 12.60
N TYR H 11 -21.80 -30.11 13.89
CA TYR H 11 -22.92 -30.26 14.79
C TYR H 11 -23.37 -28.88 15.30
N PHE H 12 -24.64 -28.83 15.70
CA PHE H 12 -25.24 -27.62 16.25
C PHE H 12 -26.16 -28.04 17.40
N LYS H 13 -25.93 -27.45 18.56
CA LYS H 13 -26.63 -27.79 19.79
C LYS H 13 -27.70 -26.74 20.08
N LEU H 14 -28.97 -27.13 19.93
CA LEU H 14 -30.08 -26.23 20.14
C LEU H 14 -30.76 -26.57 21.45
N SER H 15 -31.43 -25.57 22.04
CA SER H 15 -32.22 -25.77 23.24
C SER H 15 -33.38 -24.79 23.20
N ILE H 16 -34.59 -25.31 23.01
CA ILE H 16 -35.78 -24.47 22.89
C ILE H 16 -36.15 -23.94 24.27
N THR H 17 -35.85 -22.67 24.52
CA THR H 17 -36.22 -22.02 25.78
C THR H 17 -37.66 -21.53 25.64
N SER H 18 -38.54 -22.15 26.43
CA SER H 18 -39.98 -21.91 26.36
C SER H 18 -40.46 -21.39 27.71
N PHE H 19 -40.94 -20.14 27.69
CA PHE H 19 -41.50 -19.53 28.88
C PHE H 19 -43.00 -19.79 28.95
N ASP H 20 -43.70 -19.09 29.85
CA ASP H 20 -45.13 -19.25 30.11
C ASP H 20 -45.46 -20.69 30.49
N GLN H 21 -45.04 -21.07 31.71
CA GLN H 21 -44.89 -22.46 32.19
C GLN H 21 -46.10 -23.36 31.93
N ASP H 22 -47.30 -22.79 31.81
CA ASP H 22 -48.49 -23.53 31.39
C ASP H 22 -48.31 -24.17 30.02
N VAL H 23 -47.70 -23.45 29.09
CA VAL H 23 -47.40 -23.99 27.77
C VAL H 23 -46.34 -25.09 27.85
N ASP H 24 -45.32 -24.88 28.70
CA ASP H 24 -44.23 -25.85 28.83
C ASP H 24 -44.73 -27.15 29.47
N ASP H 25 -45.75 -27.05 30.32
CA ASP H 25 -46.33 -28.23 30.95
C ASP H 25 -47.39 -28.89 30.07
N ALA H 26 -48.13 -28.11 29.28
CA ALA H 26 -49.22 -28.68 28.49
C ALA H 26 -48.72 -29.24 27.16
N HIS H 27 -48.07 -28.40 26.36
CA HIS H 27 -47.65 -28.78 25.02
C HIS H 27 -46.40 -29.65 25.06
N ALA H 28 -46.35 -30.62 24.14
CA ALA H 28 -45.22 -31.56 24.04
C ALA H 28 -44.87 -31.68 22.55
N ILE H 29 -43.70 -31.17 22.18
CA ILE H 29 -43.29 -31.18 20.78
C ILE H 29 -42.80 -32.57 20.39
N ASP H 30 -43.40 -33.14 19.36
CA ASP H 30 -43.01 -34.41 18.79
C ASP H 30 -42.05 -34.19 17.62
N GLN H 31 -41.59 -35.29 17.02
CA GLN H 31 -40.44 -35.24 16.12
C GLN H 31 -40.80 -34.61 14.78
N MET H 32 -42.03 -34.79 14.32
CA MET H 32 -42.44 -34.22 13.04
C MET H 32 -42.59 -32.70 13.13
N THR H 33 -42.92 -32.19 14.33
CA THR H 33 -43.04 -30.76 14.54
C THR H 33 -41.69 -30.06 14.40
N TRP H 34 -40.61 -30.72 14.81
CA TRP H 34 -39.25 -30.21 14.61
C TRP H 34 -38.95 -29.98 13.13
N ARG H 35 -39.22 -30.99 12.31
CA ARG H 35 -38.92 -30.90 10.87
C ARG H 35 -39.82 -29.88 10.19
N GLN H 36 -41.10 -29.84 10.57
CA GLN H 36 -42.03 -28.88 9.98
C GLN H 36 -41.66 -27.45 10.34
N TRP H 37 -41.24 -27.22 11.59
CA TRP H 37 -40.87 -25.87 12.00
C TRP H 37 -39.53 -25.45 11.40
N LEU H 38 -38.60 -26.39 11.21
CA LEU H 38 -37.33 -26.02 10.58
C LEU H 38 -37.51 -25.75 9.10
N ASN H 39 -38.39 -26.50 8.42
CA ASN H 39 -38.71 -26.18 7.03
C ASN H 39 -39.45 -24.85 6.92
N ASN H 40 -40.31 -24.53 7.89
CA ASN H 40 -41.00 -23.24 7.89
C ASN H 40 -40.03 -22.09 8.15
N ALA H 41 -39.02 -22.33 9.01
CA ALA H 41 -38.03 -21.30 9.31
C ALA H 41 -37.10 -21.06 8.12
N LEU H 42 -36.74 -22.14 7.42
CA LEU H 42 -35.91 -21.99 6.22
C LEU H 42 -36.72 -21.56 5.01
N LYS H 43 -38.05 -21.60 5.09
CA LYS H 43 -38.92 -21.10 4.04
C LYS H 43 -39.30 -19.64 4.24
N ARG H 44 -39.36 -19.17 5.48
CA ARG H 44 -39.75 -17.78 5.73
C ARG H 44 -38.61 -16.82 5.37
N SER H 45 -37.40 -17.09 5.87
CA SER H 45 -36.27 -16.21 5.65
C SER H 45 -35.47 -16.55 4.40
N TYR H 46 -35.40 -17.82 4.02
CA TYR H 46 -34.68 -18.23 2.82
C TYR H 46 -35.67 -18.87 1.85
N GLY H 47 -35.18 -19.16 0.65
CA GLY H 47 -36.00 -19.71 -0.41
C GLY H 47 -35.85 -21.21 -0.58
N ILE H 48 -35.73 -21.63 -1.84
CA ILE H 48 -35.62 -23.05 -2.16
C ILE H 48 -34.23 -23.57 -1.81
N PHE H 49 -33.21 -22.76 -2.11
CA PHE H 49 -31.83 -23.17 -1.83
C PHE H 49 -31.56 -23.16 -0.33
N GLY H 50 -32.24 -22.30 0.42
CA GLY H 50 -32.15 -22.35 1.87
C GLY H 50 -32.98 -23.44 2.49
N GLU H 51 -34.00 -23.93 1.76
CA GLU H 51 -34.74 -25.10 2.21
C GLU H 51 -34.01 -26.40 1.93
N GLY H 52 -33.16 -26.42 0.90
CA GLY H 52 -32.41 -27.61 0.55
C GLY H 52 -31.11 -27.79 1.29
N VAL H 53 -30.97 -27.15 2.46
CA VAL H 53 -29.83 -27.35 3.33
C VAL H 53 -29.96 -28.74 3.95
N GLU H 54 -28.89 -29.52 3.89
CA GLU H 54 -28.90 -30.89 4.42
C GLU H 54 -28.84 -30.85 5.94
N TYR H 55 -29.94 -31.24 6.59
CA TYR H 55 -29.96 -31.40 8.03
C TYR H 55 -30.78 -32.63 8.39
N SER H 56 -30.27 -33.42 9.32
CA SER H 56 -30.97 -34.58 9.85
C SER H 56 -31.08 -34.41 11.36
N PHE H 57 -31.88 -35.27 11.98
CA PHE H 57 -32.16 -35.19 13.41
C PHE H 57 -31.43 -36.30 14.15
N LEU H 58 -30.78 -35.93 15.24
CA LEU H 58 -29.97 -36.85 16.04
C LEU H 58 -30.18 -36.51 17.52
N HIS H 59 -30.55 -37.54 18.31
CA HIS H 59 -30.60 -37.50 19.77
C HIS H 59 -31.59 -36.44 20.27
N VAL H 60 -32.82 -36.56 19.78
CA VAL H 60 -33.87 -35.61 20.10
C VAL H 60 -34.39 -35.90 21.51
N ASP H 61 -34.40 -34.87 22.35
CA ASP H 61 -34.97 -34.93 23.70
C ASP H 61 -36.01 -33.84 23.84
N ASP H 62 -36.59 -33.76 25.04
CA ASP H 62 -37.70 -32.84 25.30
C ASP H 62 -37.23 -31.40 25.18
N LYS H 63 -37.58 -30.79 24.04
CA LYS H 63 -37.09 -29.47 23.60
C LYS H 63 -35.57 -29.41 23.62
N LEU H 64 -34.95 -30.44 23.03
CA LEU H 64 -33.49 -30.49 22.92
C LEU H 64 -33.09 -31.19 21.63
N ALA H 65 -32.20 -30.56 20.84
CA ALA H 65 -31.94 -31.04 19.48
C ALA H 65 -30.45 -30.91 19.18
N TYR H 66 -29.93 -31.91 18.47
CA TYR H 66 -28.61 -31.88 17.85
C TYR H 66 -28.80 -31.97 16.33
N ILE H 67 -28.33 -30.96 15.60
CA ILE H 67 -28.56 -30.86 14.17
C ILE H 67 -27.22 -30.80 13.45
N ARG H 68 -27.00 -31.73 12.53
CA ARG H 68 -25.81 -31.72 11.70
C ARG H 68 -26.08 -30.96 10.40
N VAL H 69 -25.21 -29.99 10.11
CA VAL H 69 -25.31 -29.14 8.91
C VAL H 69 -23.92 -29.05 8.31
N ASN H 70 -23.84 -29.14 6.98
CA ASN H 70 -22.58 -29.08 6.22
C ASN H 70 -21.82 -27.79 6.51
N HIS H 71 -20.49 -27.86 6.36
CA HIS H 71 -19.60 -26.80 6.85
C HIS H 71 -19.72 -25.54 6.01
N ALA H 72 -19.75 -25.69 4.68
CA ALA H 72 -19.77 -24.55 3.75
C ALA H 72 -21.03 -23.70 3.87
N ASP H 73 -22.09 -24.23 4.48
CA ASP H 73 -23.26 -23.45 4.85
C ASP H 73 -23.53 -23.49 6.34
N LYS H 74 -22.49 -23.31 7.17
CA LYS H 74 -22.70 -23.36 8.62
C LYS H 74 -23.51 -22.17 9.12
N ASP H 75 -23.04 -20.94 8.83
CA ASP H 75 -23.70 -19.73 9.31
C ASP H 75 -25.04 -19.53 8.62
N THR H 76 -25.14 -20.00 7.37
CA THR H 76 -26.39 -20.06 6.62
C THR H 76 -27.48 -20.82 7.39
N PHE H 77 -27.09 -21.84 8.16
CA PHE H 77 -28.03 -22.43 9.10
C PHE H 77 -28.22 -21.53 10.31
N SER H 78 -27.11 -21.16 10.96
CA SER H 78 -27.20 -20.65 12.33
C SER H 78 -27.60 -19.17 12.37
N SER H 79 -27.66 -18.51 11.21
CA SER H 79 -28.27 -17.19 11.17
C SER H 79 -29.79 -17.29 11.12
N SER H 80 -30.31 -18.34 10.46
CA SER H 80 -31.76 -18.44 10.29
C SER H 80 -32.43 -18.94 11.57
N ILE H 81 -31.73 -19.77 12.35
CA ILE H 81 -32.28 -20.30 13.60
C ILE H 81 -32.47 -19.17 14.60
N SER H 82 -31.55 -18.20 14.61
CA SER H 82 -31.72 -16.98 15.38
C SER H 82 -32.50 -15.90 14.65
N THR H 83 -33.21 -16.24 13.57
CA THR H 83 -33.98 -15.23 12.85
C THR H 83 -35.48 -15.46 13.04
N TYR H 84 -35.96 -16.66 12.74
CA TYR H 84 -37.38 -16.93 12.70
C TYR H 84 -37.94 -17.23 14.09
N ILE H 85 -39.18 -16.78 14.30
CA ILE H 85 -39.90 -17.00 15.55
C ILE H 85 -41.12 -17.86 15.24
N SER H 86 -41.33 -18.89 16.08
CA SER H 86 -42.47 -19.80 15.88
C SER H 86 -43.79 -19.09 16.14
N THR H 87 -44.72 -19.25 15.20
CA THR H 87 -46.05 -18.69 15.38
C THR H 87 -47.07 -19.53 14.60
N ASP H 88 -48.25 -19.73 15.21
CA ASP H 88 -49.42 -20.35 14.59
C ASP H 88 -49.15 -21.78 14.14
N GLU H 89 -48.35 -22.50 14.91
CA GLU H 89 -48.07 -23.92 14.64
C GLU H 89 -48.30 -24.68 15.94
N LEU H 90 -49.57 -25.03 16.18
CA LEU H 90 -50.07 -25.90 17.28
C LEU H 90 -49.70 -25.44 18.68
N VAL H 91 -49.11 -24.24 18.85
CA VAL H 91 -48.73 -23.72 20.15
C VAL H 91 -49.22 -22.28 20.20
N GLY H 92 -49.90 -21.92 21.29
CA GLY H 92 -50.50 -20.59 21.38
C GLY H 92 -49.48 -19.48 21.55
N SER H 93 -48.35 -19.76 22.19
CA SER H 93 -47.35 -18.74 22.45
C SER H 93 -46.09 -18.96 21.63
N PRO H 94 -45.38 -17.90 21.22
CA PRO H 94 -44.10 -18.10 20.54
C PRO H 94 -43.00 -18.54 21.49
N LEU H 95 -41.93 -19.11 20.95
CA LEU H 95 -40.86 -19.70 21.73
C LEU H 95 -39.54 -19.03 21.40
N THR H 96 -38.54 -19.21 22.27
CA THR H 96 -37.21 -18.66 22.04
C THR H 96 -36.23 -19.81 21.86
N VAL H 97 -35.15 -19.55 21.13
CA VAL H 97 -34.17 -20.57 20.78
C VAL H 97 -32.82 -20.12 21.34
N SER H 98 -32.15 -21.03 22.05
CA SER H 98 -30.80 -20.80 22.54
C SER H 98 -29.86 -21.84 21.93
N ILE H 99 -28.92 -21.37 21.11
CA ILE H 99 -27.87 -22.24 20.59
C ILE H 99 -26.74 -22.28 21.61
N LEU H 100 -26.49 -23.46 22.20
CA LEU H 100 -25.62 -23.51 23.36
C LEU H 100 -24.14 -23.55 22.96
N GLN H 101 -23.74 -24.54 22.15
CA GLN H 101 -22.35 -24.59 21.72
C GLN H 101 -22.21 -25.19 20.32
N GLU H 102 -21.11 -24.86 19.65
CA GLU H 102 -20.81 -25.39 18.33
C GLU H 102 -19.41 -25.99 18.33
N SER H 103 -19.27 -27.14 17.68
CA SER H 103 -17.99 -27.82 17.60
C SER H 103 -17.94 -28.61 16.29
N SER H 104 -16.72 -28.73 15.75
CA SER H 104 -16.51 -29.49 14.53
C SER H 104 -15.66 -30.74 14.77
N SER H 105 -15.53 -31.18 16.02
CA SER H 105 -14.66 -32.30 16.36
C SER H 105 -15.33 -33.33 17.26
N LEU H 106 -16.67 -33.44 17.21
CA LEU H 106 -17.46 -34.55 17.76
C LEU H 106 -17.48 -34.61 19.29
N ARG H 107 -16.75 -33.72 19.98
CA ARG H 107 -16.58 -33.87 21.42
C ARG H 107 -17.49 -32.94 22.22
N LEU H 108 -18.69 -33.41 22.55
CA LEU H 108 -19.60 -32.72 23.45
C LEU H 108 -19.98 -33.69 24.57
N LEU H 109 -20.28 -33.15 25.75
CA LEU H 109 -20.60 -33.97 26.91
C LEU H 109 -21.92 -33.49 27.52
N GLU H 110 -23.01 -34.18 27.20
CA GLU H 110 -24.31 -33.78 27.71
C GLU H 110 -24.69 -34.52 28.99
N VAL H 111 -24.87 -35.84 28.89
CA VAL H 111 -25.15 -36.70 30.04
C VAL H 111 -24.20 -37.89 29.81
N THR H 112 -24.22 -38.91 30.68
CA THR H 112 -23.52 -40.17 30.47
C THR H 112 -24.34 -41.16 29.65
N ASP H 113 -25.25 -40.65 28.82
CA ASP H 113 -26.11 -41.50 28.00
C ASP H 113 -25.31 -42.25 26.95
N ASP H 114 -25.91 -43.35 26.46
CA ASP H 114 -25.20 -44.27 25.57
C ASP H 114 -25.48 -44.05 24.10
N ASP H 115 -26.38 -43.11 23.75
CA ASP H 115 -26.66 -42.84 22.35
C ASP H 115 -25.50 -42.11 21.69
N ARG H 116 -24.76 -41.33 22.48
CA ARG H 116 -23.64 -40.54 21.94
C ARG H 116 -22.49 -41.45 21.52
N LEU H 117 -22.27 -42.53 22.28
CA LEU H 117 -21.24 -43.50 21.91
C LEU H 117 -21.64 -44.25 20.63
N TRP H 118 -22.93 -44.51 20.46
CA TRP H 118 -23.42 -45.14 19.23
C TRP H 118 -23.25 -44.21 18.03
N LEU H 119 -23.53 -42.92 18.21
CA LEU H 119 -23.33 -41.96 17.14
C LEU H 119 -21.85 -41.80 16.80
N LYS H 120 -20.98 -41.87 17.83
CA LYS H 120 -19.55 -41.81 17.60
C LYS H 120 -19.06 -43.05 16.85
N LYS H 121 -19.65 -44.21 17.12
CA LYS H 121 -19.29 -45.42 16.37
C LYS H 121 -19.77 -45.35 14.93
N VAL H 122 -20.96 -44.80 14.70
CA VAL H 122 -21.46 -44.60 13.35
C VAL H 122 -20.57 -43.63 12.57
N MET H 123 -20.10 -42.57 13.24
CA MET H 123 -19.17 -41.64 12.60
C MET H 123 -17.81 -42.28 12.33
N GLU H 124 -17.32 -43.12 13.23
CA GLU H 124 -16.01 -43.75 13.00
C GLU H 124 -16.07 -44.81 11.91
N GLU H 125 -17.24 -45.44 11.73
CA GLU H 125 -17.40 -46.40 10.63
C GLU H 125 -17.34 -45.70 9.27
N GLU H 126 -17.69 -44.41 9.22
CA GLU H 126 -17.51 -43.66 7.98
C GLU H 126 -16.13 -43.05 7.88
N GLU H 127 -15.52 -42.70 9.02
CA GLU H 127 -14.17 -42.13 9.01
C GLU H 127 -13.13 -43.16 8.60
N GLN H 128 -13.35 -44.43 8.96
CA GLN H 128 -12.44 -45.49 8.53
C GLN H 128 -12.55 -45.73 7.03
N ASP H 129 -13.76 -45.60 6.48
CA ASP H 129 -13.93 -45.73 5.02
C ASP H 129 -13.35 -44.53 4.29
N CYS H 130 -13.40 -43.34 4.92
CA CYS H 130 -12.76 -42.17 4.33
C CYS H 130 -11.24 -42.24 4.38
N LYS H 131 -10.67 -42.82 5.44
CA LYS H 131 -9.22 -42.93 5.53
C LYS H 131 -8.69 -44.05 4.63
N CYS H 132 -9.39 -45.18 4.58
CA CYS H 132 -8.93 -46.29 3.75
C CYS H 132 -9.20 -46.02 2.27
N ILE H 133 -10.46 -45.81 1.91
CA ILE H 133 -10.82 -45.56 0.52
C ILE H 133 -10.80 -44.07 0.22
N MET I 1 -13.89 -23.21 -25.00
CA MET I 1 -14.75 -24.16 -25.69
C MET I 1 -15.45 -25.08 -24.69
N LEU I 2 -16.74 -25.30 -24.87
CA LEU I 2 -17.59 -25.94 -23.88
C LEU I 2 -18.17 -27.24 -24.43
N VAL I 3 -18.54 -28.15 -23.52
CA VAL I 3 -19.12 -29.43 -23.86
C VAL I 3 -20.45 -29.57 -23.14
N ASP I 4 -21.53 -29.78 -23.89
CA ASP I 4 -22.85 -30.05 -23.35
C ASP I 4 -23.26 -31.44 -23.83
N LEU I 5 -23.59 -32.32 -22.88
CA LEU I 5 -23.62 -33.76 -23.13
C LEU I 5 -24.85 -34.45 -22.54
N ASN I 6 -25.95 -33.71 -22.40
CA ASN I 6 -27.11 -34.32 -21.74
C ASN I 6 -28.43 -33.92 -22.39
N VAL I 7 -28.43 -33.70 -23.70
CA VAL I 7 -29.67 -33.33 -24.38
C VAL I 7 -30.45 -34.59 -24.74
N PRO I 8 -31.67 -34.77 -24.23
CA PRO I 8 -32.40 -36.01 -24.51
C PRO I 8 -33.04 -36.05 -25.88
N TRP I 9 -33.18 -37.28 -26.46
CA TRP I 9 -33.89 -37.63 -27.68
C TRP I 9 -35.34 -37.94 -27.37
N PRO I 10 -36.31 -37.27 -28.02
CA PRO I 10 -37.73 -37.44 -27.67
C PRO I 10 -38.32 -38.79 -28.10
N GLN I 11 -37.88 -39.85 -27.42
CA GLN I 11 -38.31 -41.22 -27.64
C GLN I 11 -37.84 -42.03 -26.45
N ASN I 12 -38.65 -43.02 -26.05
CA ASN I 12 -38.32 -43.84 -24.90
C ASN I 12 -38.27 -45.31 -25.29
N SER I 13 -39.12 -45.72 -26.23
CA SER I 13 -39.22 -47.10 -26.67
C SER I 13 -39.04 -47.18 -28.18
N TYR I 14 -38.53 -48.32 -28.66
CA TYR I 14 -38.28 -48.48 -30.09
C TYR I 14 -39.57 -48.67 -30.88
N ALA I 15 -40.64 -49.08 -30.21
CA ALA I 15 -41.92 -49.25 -30.89
C ALA I 15 -42.57 -47.91 -31.24
N ASP I 16 -42.29 -46.88 -30.45
CA ASP I 16 -42.85 -45.55 -30.71
C ASP I 16 -42.06 -44.85 -31.80
N LYS I 17 -42.78 -44.34 -32.81
CA LYS I 17 -42.18 -43.62 -33.91
C LYS I 17 -42.14 -42.13 -33.58
N VAL I 18 -40.99 -41.50 -33.82
CA VAL I 18 -40.80 -40.09 -33.53
C VAL I 18 -41.59 -39.25 -34.53
N THR I 19 -42.43 -38.35 -34.03
CA THR I 19 -43.23 -37.50 -34.89
C THR I 19 -42.38 -36.38 -35.49
N SER I 20 -43.00 -35.62 -36.40
CA SER I 20 -42.29 -34.54 -37.07
C SER I 20 -42.09 -33.33 -36.15
N GLN I 21 -42.92 -33.20 -35.12
CA GLN I 21 -42.80 -32.07 -34.20
C GLN I 21 -41.60 -32.24 -33.27
N ALA I 22 -41.30 -33.48 -32.89
CA ALA I 22 -40.21 -33.74 -31.95
C ALA I 22 -38.85 -33.49 -32.57
N VAL I 23 -38.71 -33.83 -33.86
CA VAL I 23 -37.46 -33.57 -34.58
C VAL I 23 -37.22 -32.08 -34.71
N ASN I 24 -38.28 -31.32 -35.03
CA ASN I 24 -38.17 -29.88 -35.12
C ASN I 24 -37.89 -29.25 -33.76
N ASN I 25 -38.46 -29.82 -32.69
CA ASN I 25 -38.19 -29.34 -31.34
C ASN I 25 -36.73 -29.57 -30.95
N LEU I 26 -36.18 -30.73 -31.35
CA LEU I 26 -34.78 -31.01 -31.07
C LEU I 26 -33.84 -30.09 -31.87
N ILE I 27 -34.21 -29.80 -33.13
CA ILE I 27 -33.43 -28.87 -33.94
C ILE I 27 -33.47 -27.46 -33.33
N LYS I 28 -34.64 -27.05 -32.83
CA LYS I 28 -34.77 -25.75 -32.19
C LYS I 28 -33.95 -25.65 -30.91
N THR I 29 -33.94 -26.72 -30.09
CA THR I 29 -33.23 -26.62 -28.83
C THR I 29 -31.71 -26.75 -29.03
N LEU I 30 -31.27 -27.49 -30.06
CA LEU I 30 -29.84 -27.56 -30.33
C LEU I 30 -29.34 -26.26 -30.97
N SER I 31 -30.19 -25.61 -31.76
CA SER I 31 -29.84 -24.29 -32.27
C SER I 31 -29.85 -23.25 -31.15
N THR I 32 -30.70 -23.45 -30.13
CA THR I 32 -30.65 -22.57 -28.96
C THR I 32 -29.38 -22.80 -28.15
N LEU I 33 -28.93 -24.06 -28.04
CA LEU I 33 -27.62 -24.36 -27.45
C LEU I 33 -26.47 -23.68 -28.21
N HIS I 34 -26.48 -23.73 -29.54
CA HIS I 34 -25.46 -23.03 -30.31
C HIS I 34 -25.62 -21.51 -30.24
N MET I 35 -26.82 -21.02 -29.97
CA MET I 35 -27.07 -19.58 -29.87
C MET I 35 -26.41 -18.98 -28.63
N LEU I 36 -26.55 -19.64 -27.48
CA LEU I 36 -25.93 -19.12 -26.26
C LEU I 36 -24.43 -19.40 -26.23
N GLY I 37 -23.99 -20.42 -26.97
CA GLY I 37 -22.58 -20.69 -27.12
C GLY I 37 -22.11 -21.98 -26.48
N TYR I 38 -21.98 -23.03 -27.29
CA TYR I 38 -21.40 -24.30 -26.90
C TYR I 38 -20.70 -24.92 -28.11
N THR I 39 -19.63 -25.65 -27.84
CA THR I 39 -18.83 -26.24 -28.91
C THR I 39 -19.24 -27.67 -29.18
N HIS I 40 -19.20 -28.52 -28.16
CA HIS I 40 -19.54 -29.93 -28.30
C HIS I 40 -21.00 -30.17 -27.91
N ILE I 41 -21.63 -31.07 -28.65
CA ILE I 41 -23.00 -31.50 -28.39
C ILE I 41 -23.02 -33.02 -28.41
N ALA I 42 -23.46 -33.62 -27.32
CA ALA I 42 -23.63 -35.07 -27.21
C ALA I 42 -25.06 -35.33 -26.78
N ILE I 43 -25.93 -35.68 -27.74
CA ILE I 43 -27.34 -35.85 -27.45
C ILE I 43 -27.59 -37.23 -26.85
N ASN I 44 -28.48 -37.30 -25.87
CA ASN I 44 -28.68 -38.52 -25.08
C ASN I 44 -29.98 -39.21 -25.49
N PHE I 45 -30.04 -40.52 -25.23
CA PHE I 45 -31.22 -41.34 -25.49
C PHE I 45 -31.39 -42.33 -24.35
N THR I 46 -32.63 -42.51 -23.90
CA THR I 46 -32.93 -43.33 -22.74
C THR I 46 -33.26 -44.75 -23.17
N VAL I 47 -32.59 -45.72 -22.56
CA VAL I 47 -32.82 -47.14 -22.82
C VAL I 47 -33.07 -47.86 -21.50
N ASN I 48 -34.23 -48.49 -21.36
CA ASN I 48 -34.51 -49.27 -20.16
C ASN I 48 -33.74 -50.57 -20.17
N HIS I 49 -33.36 -51.04 -18.98
CA HIS I 49 -32.62 -52.30 -18.87
C HIS I 49 -33.55 -53.49 -18.99
N SER I 50 -34.85 -53.27 -18.77
CA SER I 50 -35.84 -54.33 -18.92
C SER I 50 -36.23 -54.49 -20.38
N GLU I 51 -35.84 -53.54 -21.22
CA GLU I 51 -36.12 -53.60 -22.65
C GLU I 51 -35.20 -54.63 -23.30
N LYS I 52 -35.70 -55.36 -24.30
CA LYS I 52 -34.93 -56.40 -24.98
C LYS I 52 -34.12 -55.72 -26.08
N PHE I 53 -32.80 -55.85 -25.99
CA PHE I 53 -31.88 -55.25 -26.95
C PHE I 53 -31.97 -55.94 -28.30
N PRO I 54 -32.00 -55.17 -29.40
CA PRO I 54 -32.08 -55.79 -30.74
C PRO I 54 -30.76 -56.41 -31.16
N ASN I 55 -30.83 -57.50 -31.92
CA ASN I 55 -29.63 -58.17 -32.42
C ASN I 55 -29.24 -57.65 -33.79
N ASP I 56 -28.95 -56.35 -33.88
CA ASP I 56 -28.61 -55.70 -35.13
C ASP I 56 -27.25 -55.01 -35.00
N VAL I 57 -26.70 -54.59 -36.14
CA VAL I 57 -25.41 -53.90 -36.16
C VAL I 57 -25.57 -52.42 -36.53
N LYS I 58 -26.26 -52.13 -37.62
CA LYS I 58 -26.45 -50.77 -38.09
C LYS I 58 -27.82 -50.20 -37.72
N LEU I 59 -28.59 -50.92 -36.89
CA LEU I 59 -29.89 -50.45 -36.46
C LEU I 59 -30.00 -50.22 -34.95
N LEU I 60 -28.88 -50.26 -34.23
CA LEU I 60 -28.87 -50.04 -32.79
C LEU I 60 -29.13 -48.58 -32.45
N ASN I 61 -28.83 -47.68 -33.38
CA ASN I 61 -28.96 -46.25 -33.11
C ASN I 61 -30.05 -45.59 -33.94
N PRO I 62 -31.22 -45.28 -33.34
CA PRO I 62 -32.24 -44.51 -34.08
C PRO I 62 -32.02 -43.01 -33.97
N ILE I 63 -30.79 -42.56 -34.20
CA ILE I 63 -30.44 -41.15 -34.06
C ILE I 63 -30.16 -40.53 -35.42
N ASP I 64 -29.32 -41.19 -36.23
CA ASP I 64 -29.03 -40.84 -37.62
C ASP I 64 -28.46 -39.43 -37.75
N ILE I 65 -27.24 -39.27 -37.23
CA ILE I 65 -26.51 -38.01 -37.24
C ILE I 65 -26.13 -37.64 -38.66
N LYS I 66 -25.87 -38.65 -39.49
CA LYS I 66 -25.35 -38.46 -40.85
C LYS I 66 -26.39 -37.94 -41.83
N ARG I 67 -27.63 -38.43 -41.77
CA ARG I 67 -28.61 -38.04 -42.78
C ARG I 67 -29.41 -36.80 -42.38
N ARG I 68 -29.78 -36.66 -41.11
CA ARG I 68 -30.50 -35.47 -40.67
C ARG I 68 -29.55 -34.36 -40.24
N PHE I 69 -28.70 -34.63 -39.25
CA PHE I 69 -27.86 -33.60 -38.67
C PHE I 69 -26.60 -33.36 -39.47
N GLY I 70 -26.37 -34.11 -40.55
CA GLY I 70 -25.18 -33.91 -41.36
C GLY I 70 -25.19 -32.60 -42.12
N GLU I 71 -26.37 -32.04 -42.37
CA GLU I 71 -26.48 -30.72 -42.97
C GLU I 71 -26.25 -29.61 -41.96
N LEU I 72 -26.81 -29.75 -40.75
CA LEU I 72 -26.63 -28.73 -39.72
C LEU I 72 -25.20 -28.73 -39.21
N MET I 73 -24.52 -29.88 -39.27
CA MET I 73 -23.11 -29.97 -38.93
C MET I 73 -22.25 -29.13 -39.86
N ASP I 74 -22.63 -29.08 -41.14
CA ASP I 74 -21.87 -28.31 -42.12
C ASP I 74 -22.25 -26.83 -42.06
N ARG I 75 -23.53 -26.55 -41.86
CA ARG I 75 -24.01 -25.16 -41.94
C ARG I 75 -23.68 -24.39 -40.66
N THR I 76 -23.99 -24.98 -39.50
CA THR I 76 -23.88 -24.25 -38.24
C THR I 76 -22.44 -24.16 -37.74
N GLY I 77 -21.67 -25.24 -37.84
CA GLY I 77 -20.32 -25.24 -37.32
C GLY I 77 -20.22 -25.88 -35.95
N LEU I 78 -20.76 -27.09 -35.82
CA LEU I 78 -20.68 -27.87 -34.59
C LEU I 78 -20.59 -29.35 -34.98
N LYS I 79 -20.81 -30.23 -34.01
CA LYS I 79 -20.79 -31.67 -34.25
C LYS I 79 -21.70 -32.34 -33.22
N LEU I 80 -22.11 -33.58 -33.50
CA LEU I 80 -23.00 -34.33 -32.62
C LEU I 80 -22.35 -35.66 -32.25
N TYR I 81 -22.42 -36.02 -30.98
CA TYR I 81 -22.06 -37.35 -30.51
C TYR I 81 -23.31 -38.06 -29.96
N SER I 82 -23.26 -39.38 -30.01
CA SER I 82 -24.39 -40.20 -29.57
C SER I 82 -24.03 -40.89 -28.27
N ARG I 83 -25.00 -40.96 -27.35
CA ARG I 83 -24.78 -41.59 -26.05
C ARG I 83 -26.07 -42.17 -25.51
N ILE I 84 -25.94 -43.12 -24.59
CA ILE I 84 -27.06 -43.88 -24.03
C ILE I 84 -26.96 -43.85 -22.52
N THR I 85 -28.07 -43.49 -21.86
CA THR I 85 -28.19 -43.62 -20.41
C THR I 85 -28.98 -44.92 -20.14
N LEU I 86 -28.47 -45.72 -19.22
CA LEU I 86 -29.05 -47.03 -18.94
C LEU I 86 -29.83 -47.03 -17.64
N ILE I 87 -31.16 -47.10 -17.72
CA ILE I 87 -32.01 -47.11 -16.53
C ILE I 87 -31.97 -48.53 -15.99
N ILE I 88 -31.05 -48.78 -15.08
CA ILE I 88 -30.79 -50.11 -14.54
C ILE I 88 -31.24 -50.16 -13.08
N ASP I 89 -32.09 -51.12 -12.75
CA ASP I 89 -32.55 -51.32 -11.38
C ASP I 89 -32.21 -52.70 -10.84
N ASP I 90 -32.44 -53.76 -11.60
CA ASP I 90 -32.23 -55.13 -11.11
C ASP I 90 -31.37 -55.92 -12.08
N PRO I 91 -30.52 -56.83 -11.57
CA PRO I 91 -29.69 -57.64 -12.48
C PRO I 91 -30.47 -58.77 -13.15
N SER I 92 -31.22 -58.43 -14.19
CA SER I 92 -32.01 -59.41 -14.95
C SER I 92 -32.21 -58.82 -16.36
N LYS I 93 -32.14 -59.70 -17.37
CA LYS I 93 -32.28 -59.38 -18.78
C LYS I 93 -31.28 -58.32 -19.23
N GLY I 94 -30.00 -58.67 -19.22
CA GLY I 94 -28.95 -57.70 -19.42
C GLY I 94 -27.58 -58.32 -19.64
N GLN I 95 -26.57 -57.78 -18.93
CA GLN I 95 -25.14 -58.07 -18.99
C GLN I 95 -24.61 -58.20 -20.42
N SER I 96 -24.82 -57.15 -21.22
CA SER I 96 -24.27 -57.08 -22.57
C SER I 96 -23.68 -55.70 -22.81
N LEU I 97 -22.35 -55.64 -22.99
CA LEU I 97 -21.66 -54.35 -23.08
C LEU I 97 -20.75 -54.31 -24.30
N SER I 98 -20.44 -55.47 -24.88
CA SER I 98 -19.48 -55.52 -25.98
C SER I 98 -20.06 -55.04 -27.29
N LYS I 99 -21.38 -54.92 -27.40
CA LYS I 99 -22.04 -54.53 -28.64
C LYS I 99 -22.58 -53.11 -28.57
N ILE I 100 -23.06 -52.67 -27.41
CA ILE I 100 -23.68 -51.35 -27.31
C ILE I 100 -22.60 -50.27 -27.20
N SER I 101 -21.38 -50.66 -26.79
CA SER I 101 -20.32 -49.67 -26.65
C SER I 101 -19.65 -49.38 -27.98
N GLN I 102 -19.78 -50.29 -28.94
CA GLN I 102 -19.13 -50.08 -30.24
C GLN I 102 -19.94 -49.16 -31.13
N ALA I 103 -21.27 -49.27 -31.09
CA ALA I 103 -22.14 -48.42 -31.91
C ALA I 103 -22.17 -47.00 -31.37
N PHE I 104 -22.57 -46.84 -30.11
CA PHE I 104 -22.65 -45.54 -29.49
C PHE I 104 -21.26 -45.13 -28.99
N ASP I 105 -21.17 -43.92 -28.42
CA ASP I 105 -19.88 -43.36 -28.01
C ASP I 105 -19.70 -43.35 -26.50
N ILE I 106 -20.63 -42.74 -25.78
CA ILE I 106 -20.55 -42.61 -24.33
C ILE I 106 -21.65 -43.47 -23.71
N VAL I 107 -21.28 -44.26 -22.70
CA VAL I 107 -22.19 -45.18 -22.05
C VAL I 107 -22.44 -44.67 -20.64
N ALA I 108 -23.67 -44.28 -20.35
CA ALA I 108 -24.08 -43.81 -19.02
C ALA I 108 -25.14 -44.74 -18.44
N ALA I 109 -25.40 -44.57 -17.14
CA ALA I 109 -26.34 -45.42 -16.43
C ALA I 109 -27.16 -44.58 -15.45
N LEU I 110 -28.35 -45.08 -15.11
CA LEU I 110 -29.24 -44.43 -14.15
C LEU I 110 -29.64 -45.44 -13.09
N PRO I 111 -28.85 -45.58 -12.01
CA PRO I 111 -29.28 -46.47 -10.92
C PRO I 111 -30.20 -45.77 -9.92
N ILE I 112 -31.28 -46.46 -9.54
CA ILE I 112 -32.26 -45.91 -8.60
C ILE I 112 -32.34 -46.91 -7.46
N SER I 113 -31.53 -47.97 -7.54
CA SER I 113 -31.61 -49.09 -6.61
C SER I 113 -30.38 -49.12 -5.72
N GLU I 114 -30.51 -49.76 -4.57
CA GLU I 114 -29.38 -49.90 -3.66
C GLU I 114 -28.35 -50.89 -4.20
N LYS I 115 -28.82 -52.06 -4.64
CA LYS I 115 -27.93 -53.02 -5.29
C LYS I 115 -27.56 -52.57 -6.70
N GLY I 116 -28.37 -51.68 -7.29
CA GLY I 116 -28.04 -51.16 -8.61
C GLY I 116 -26.79 -50.29 -8.59
N LEU I 117 -26.60 -49.52 -7.52
CA LEU I 117 -25.40 -48.71 -7.38
C LEU I 117 -24.16 -49.59 -7.25
N THR I 118 -24.26 -50.68 -6.48
CA THR I 118 -23.17 -51.63 -6.33
C THR I 118 -22.84 -52.35 -7.64
N LEU I 119 -23.85 -52.79 -8.39
CA LEU I 119 -23.57 -53.46 -9.66
C LEU I 119 -23.11 -52.47 -10.73
N SER I 120 -23.41 -51.18 -10.56
CA SER I 120 -22.88 -50.17 -11.47
C SER I 120 -21.43 -49.86 -11.17
N THR I 121 -21.06 -49.80 -9.90
CA THR I 121 -19.67 -49.54 -9.53
C THR I 121 -18.80 -50.77 -9.69
N THR I 122 -19.41 -51.97 -9.72
CA THR I 122 -18.63 -53.19 -9.79
C THR I 122 -18.37 -53.69 -11.21
N ASN I 123 -19.43 -54.00 -11.95
CA ASN I 123 -19.30 -54.70 -13.23
C ASN I 123 -19.93 -53.92 -14.37
N LEU I 124 -19.68 -52.61 -14.42
CA LEU I 124 -20.08 -51.77 -15.55
C LEU I 124 -18.93 -50.81 -15.84
N ASP I 125 -18.27 -51.01 -16.98
CA ASP I 125 -17.20 -50.13 -17.44
C ASP I 125 -17.82 -48.99 -18.25
N ILE I 126 -18.50 -48.09 -17.53
CA ILE I 126 -19.27 -47.01 -18.12
C ILE I 126 -18.53 -45.70 -17.92
N ASP I 127 -19.06 -44.64 -18.52
CA ASP I 127 -18.39 -43.35 -18.49
C ASP I 127 -18.92 -42.46 -17.37
N LEU I 128 -20.24 -42.29 -17.31
CA LEU I 128 -20.85 -41.37 -16.35
C LEU I 128 -21.93 -42.09 -15.56
N LEU I 129 -22.08 -41.69 -14.29
CA LEU I 129 -23.18 -42.12 -13.44
C LEU I 129 -24.17 -40.97 -13.30
N THR I 130 -25.44 -41.25 -13.57
CA THR I 130 -26.51 -40.27 -13.44
C THR I 130 -27.51 -40.75 -12.39
N PHE I 131 -27.95 -39.83 -11.54
CA PHE I 131 -28.99 -40.10 -10.55
C PHE I 131 -30.24 -39.33 -10.94
N GLN I 132 -31.39 -39.79 -10.47
CA GLN I 132 -32.65 -39.10 -10.74
C GLN I 132 -32.81 -37.89 -9.84
N TYR I 133 -32.45 -36.71 -10.36
CA TYR I 133 -32.57 -35.48 -9.57
C TYR I 133 -34.02 -35.01 -9.52
N GLY I 134 -34.84 -35.49 -10.45
CA GLY I 134 -36.26 -35.21 -10.44
C GLY I 134 -36.98 -35.89 -9.30
N SER I 135 -36.83 -37.21 -9.19
CA SER I 135 -37.47 -37.94 -8.10
C SER I 135 -36.56 -37.93 -6.87
N ARG I 136 -36.99 -38.69 -5.86
CA ARG I 136 -36.33 -38.65 -4.56
C ARG I 136 -35.00 -39.41 -4.59
N LEU I 137 -34.22 -39.23 -3.52
CA LEU I 137 -32.96 -39.92 -3.36
C LEU I 137 -33.22 -41.42 -3.14
N PRO I 138 -32.46 -42.32 -3.80
CA PRO I 138 -32.77 -43.76 -3.69
C PRO I 138 -32.63 -44.36 -2.31
N THR I 139 -31.42 -44.43 -1.74
CA THR I 139 -31.32 -44.71 -0.31
C THR I 139 -30.54 -43.63 0.43
N PHE I 140 -29.24 -43.52 0.12
CA PHE I 140 -28.31 -42.65 0.83
C PHE I 140 -26.98 -42.72 0.09
N LEU I 141 -26.32 -41.57 -0.11
CA LEU I 141 -24.97 -41.57 -0.66
C LEU I 141 -23.93 -41.63 0.46
N LYS I 142 -22.95 -42.51 0.28
CA LYS I 142 -21.85 -42.67 1.23
C LYS I 142 -20.54 -42.42 0.51
N HIS I 143 -19.46 -42.21 1.29
CA HIS I 143 -18.16 -41.97 0.69
C HIS I 143 -17.54 -43.26 0.17
N LYS I 144 -17.95 -44.40 0.76
CA LYS I 144 -17.35 -45.69 0.44
C LYS I 144 -17.67 -46.16 -0.98
N SER I 145 -18.90 -45.97 -1.44
CA SER I 145 -19.29 -46.39 -2.78
C SER I 145 -18.91 -45.36 -3.84
N ILE I 146 -18.78 -44.09 -3.45
CA ILE I 146 -18.46 -43.04 -4.41
C ILE I 146 -16.97 -42.97 -4.66
N CYS I 147 -16.16 -42.99 -3.59
CA CYS I 147 -14.72 -42.76 -3.72
C CYS I 147 -14.02 -43.94 -4.39
N SER I 148 -14.59 -45.14 -4.26
CA SER I 148 -14.06 -46.30 -4.96
C SER I 148 -14.38 -46.26 -6.46
N CYS I 149 -15.38 -45.48 -6.86
CA CYS I 149 -15.80 -45.42 -8.25
C CYS I 149 -15.23 -44.21 -8.99
N VAL I 150 -15.04 -43.09 -8.28
CA VAL I 150 -14.47 -41.89 -8.90
C VAL I 150 -12.98 -42.11 -9.18
N ASN I 151 -12.29 -42.82 -8.28
CA ASN I 151 -10.88 -43.12 -8.46
C ASN I 151 -10.63 -44.10 -9.61
N ARG I 152 -11.64 -44.87 -10.01
CA ARG I 152 -11.51 -45.73 -11.18
C ARG I 152 -11.53 -44.92 -12.46
N GLY I 153 -12.38 -43.89 -12.51
CA GLY I 153 -12.44 -43.01 -13.66
C GLY I 153 -13.84 -42.56 -14.03
N VAL I 154 -14.84 -43.16 -13.40
CA VAL I 154 -16.24 -42.85 -13.70
C VAL I 154 -16.61 -41.55 -12.99
N LYS I 155 -17.27 -40.64 -13.71
CA LYS I 155 -17.59 -39.30 -13.22
C LYS I 155 -19.05 -39.27 -12.81
N LEU I 156 -19.39 -38.39 -11.86
CA LEU I 156 -20.77 -38.20 -11.43
C LEU I 156 -21.35 -36.96 -12.12
N GLU I 157 -22.57 -37.07 -12.62
CA GLU I 157 -23.14 -36.06 -13.49
C GLU I 157 -24.34 -35.38 -12.81
N ILE I 158 -24.39 -34.05 -12.94
CA ILE I 158 -25.46 -33.22 -12.40
C ILE I 158 -26.20 -32.56 -13.55
N VAL I 159 -27.53 -32.67 -13.54
CA VAL I 159 -28.39 -32.22 -14.64
C VAL I 159 -29.04 -30.92 -14.22
N TYR I 160 -28.49 -29.79 -14.67
CA TYR I 160 -29.08 -28.50 -14.33
C TYR I 160 -30.30 -28.16 -15.18
N GLY I 161 -30.67 -29.01 -16.14
CA GLY I 161 -31.84 -28.78 -16.95
C GLY I 161 -33.12 -29.31 -16.32
N TYR I 162 -32.97 -30.20 -15.33
CA TYR I 162 -34.12 -30.78 -14.65
C TYR I 162 -34.68 -29.84 -13.58
N ALA I 163 -33.94 -28.78 -13.27
CA ALA I 163 -34.36 -27.81 -12.26
C ALA I 163 -35.38 -26.82 -12.77
N LEU I 164 -35.48 -26.64 -14.09
CA LEU I 164 -36.39 -25.66 -14.66
C LEU I 164 -37.69 -26.33 -15.12
N ARG I 165 -38.06 -27.42 -14.47
CA ARG I 165 -39.29 -28.14 -14.82
C ARG I 165 -40.47 -27.71 -13.96
N ASP I 166 -40.38 -27.90 -12.64
CA ASP I 166 -41.48 -27.60 -11.74
C ASP I 166 -40.95 -26.76 -10.58
N VAL I 167 -41.86 -26.38 -9.68
CA VAL I 167 -41.52 -25.59 -8.50
C VAL I 167 -41.17 -26.53 -7.36
N GLN I 168 -41.99 -27.60 -7.20
CA GLN I 168 -41.76 -28.56 -6.12
C GLN I 168 -40.53 -29.41 -6.38
N ALA I 169 -40.16 -29.60 -7.65
CA ALA I 169 -39.02 -30.44 -7.98
C ALA I 169 -37.69 -29.76 -7.65
N ARG I 170 -37.69 -28.43 -7.49
CA ARG I 170 -36.46 -27.70 -7.22
C ARG I 170 -35.89 -28.03 -5.84
N ARG I 171 -36.77 -28.27 -4.86
CA ARG I 171 -36.32 -28.61 -3.51
C ARG I 171 -35.62 -29.97 -3.49
N GLN I 172 -36.23 -30.98 -4.13
CA GLN I 172 -35.62 -32.29 -4.23
C GLN I 172 -34.36 -32.25 -5.10
N PHE I 173 -34.33 -31.34 -6.09
CA PHE I 173 -33.13 -31.13 -6.90
C PHE I 173 -31.96 -30.63 -6.06
N VAL I 174 -32.20 -29.61 -5.23
CA VAL I 174 -31.14 -29.08 -4.37
C VAL I 174 -30.72 -30.11 -3.33
N SER I 175 -31.69 -30.85 -2.78
CA SER I 175 -31.39 -31.86 -1.77
C SER I 175 -30.61 -33.05 -2.37
N ASN I 176 -30.77 -33.29 -3.67
CA ASN I 176 -29.97 -34.34 -4.31
C ASN I 176 -28.59 -33.82 -4.70
N VAL I 177 -28.52 -32.60 -5.23
CA VAL I 177 -27.26 -32.07 -5.77
C VAL I 177 -26.28 -31.76 -4.65
N ARG I 178 -26.78 -31.20 -3.53
CA ARG I 178 -25.88 -30.92 -2.42
C ARG I 178 -25.37 -32.22 -1.77
N SER I 179 -26.18 -33.28 -1.78
CA SER I 179 -25.72 -34.58 -1.32
C SER I 179 -24.64 -35.16 -2.24
N VAL I 180 -24.83 -35.01 -3.55
CA VAL I 180 -23.81 -35.44 -4.52
C VAL I 180 -22.52 -34.64 -4.35
N ILE I 181 -22.63 -33.34 -4.03
CA ILE I 181 -21.45 -32.50 -3.84
C ILE I 181 -20.70 -32.88 -2.57
N ARG I 182 -21.41 -33.12 -1.46
CA ARG I 182 -20.72 -33.50 -0.23
C ARG I 182 -20.19 -34.94 -0.27
N SER I 183 -20.76 -35.80 -1.12
CA SER I 183 -20.27 -37.17 -1.21
C SER I 183 -19.17 -37.32 -2.27
N SER I 184 -19.10 -36.38 -3.21
CA SER I 184 -18.19 -36.50 -4.35
C SER I 184 -16.77 -36.03 -4.05
N ARG I 185 -16.56 -35.31 -2.95
CA ARG I 185 -15.32 -34.62 -2.56
C ARG I 185 -14.87 -33.63 -3.62
N SER I 186 -15.80 -33.03 -4.37
CA SER I 186 -15.58 -31.93 -5.32
C SER I 186 -14.60 -32.26 -6.43
N ARG I 187 -14.56 -33.51 -6.89
CA ARG I 187 -13.62 -33.87 -7.94
C ARG I 187 -14.32 -34.30 -9.22
N GLY I 188 -15.10 -35.38 -9.15
CA GLY I 188 -15.72 -35.95 -10.33
C GLY I 188 -17.13 -35.48 -10.62
N ILE I 189 -17.29 -34.20 -10.92
CA ILE I 189 -18.62 -33.61 -11.14
C ILE I 189 -18.64 -33.03 -12.55
N VAL I 190 -19.37 -33.69 -13.45
CA VAL I 190 -19.61 -33.21 -14.80
C VAL I 190 -21.07 -32.77 -14.85
N ILE I 191 -21.32 -31.58 -15.40
CA ILE I 191 -22.68 -31.05 -15.42
C ILE I 191 -23.18 -30.98 -16.86
N GLY I 192 -24.50 -31.17 -17.03
CA GLY I 192 -25.09 -31.20 -18.35
C GLY I 192 -26.50 -30.64 -18.34
N SER I 193 -26.95 -30.24 -19.52
CA SER I 193 -28.24 -29.57 -19.70
C SER I 193 -29.27 -30.57 -20.23
N GLY I 194 -30.18 -30.97 -19.34
CA GLY I 194 -31.28 -31.84 -19.72
C GLY I 194 -32.51 -31.07 -20.14
N ALA I 195 -32.43 -30.33 -21.24
CA ALA I 195 -33.55 -29.54 -21.73
C ALA I 195 -34.26 -30.29 -22.86
N MET I 196 -35.59 -30.30 -22.82
CA MET I 196 -36.38 -30.93 -23.87
C MET I 196 -36.98 -29.86 -24.77
N SER I 197 -36.98 -28.62 -24.29
CA SER I 197 -37.54 -27.49 -25.01
C SER I 197 -36.47 -26.41 -25.13
N PRO I 198 -36.53 -25.54 -26.15
CA PRO I 198 -35.57 -24.42 -26.23
C PRO I 198 -35.77 -23.30 -25.22
N LEU I 199 -36.83 -23.35 -24.41
CA LEU I 199 -37.09 -22.36 -23.39
C LEU I 199 -36.33 -22.61 -22.10
N GLU I 200 -35.52 -23.66 -22.02
CA GLU I 200 -34.87 -24.08 -20.80
C GLU I 200 -33.36 -24.20 -20.92
N CYS I 201 -32.75 -23.41 -21.80
CA CYS I 201 -31.30 -23.42 -21.97
C CYS I 201 -30.70 -22.14 -21.39
N ARG I 202 -29.51 -22.30 -20.80
CA ARG I 202 -28.83 -21.18 -20.14
C ARG I 202 -27.39 -21.13 -20.64
N ASN I 203 -26.64 -20.13 -20.15
CA ASN I 203 -25.28 -19.86 -20.58
C ASN I 203 -24.34 -20.21 -19.42
N ILE I 204 -23.03 -20.09 -19.69
CA ILE I 204 -22.00 -20.55 -18.74
C ILE I 204 -22.02 -19.71 -17.47
N LEU I 205 -22.41 -18.43 -17.57
CA LEU I 205 -22.28 -17.52 -16.44
C LEU I 205 -23.32 -17.81 -15.36
N GLY I 206 -24.55 -18.12 -15.78
CA GLY I 206 -25.57 -18.51 -14.82
C GLY I 206 -25.39 -19.90 -14.26
N VAL I 207 -24.96 -20.86 -15.09
CA VAL I 207 -24.78 -22.23 -14.64
C VAL I 207 -23.58 -22.34 -13.70
N THR I 208 -22.51 -21.58 -13.97
CA THR I 208 -21.36 -21.54 -13.06
C THR I 208 -21.76 -20.96 -11.71
N SER I 209 -22.63 -19.93 -11.71
CA SER I 209 -23.13 -19.36 -10.47
C SER I 209 -24.03 -20.34 -9.72
N LEU I 210 -24.84 -21.10 -10.47
CA LEU I 210 -25.69 -22.13 -9.87
C LEU I 210 -24.87 -23.20 -9.16
N ILE I 211 -23.88 -23.75 -9.86
CA ILE I 211 -23.07 -24.85 -9.30
C ILE I 211 -22.14 -24.29 -8.21
N LYS I 212 -21.82 -22.99 -8.29
CA LYS I 212 -21.03 -22.37 -7.24
C LYS I 212 -21.83 -22.19 -5.96
N ASN I 213 -23.11 -21.81 -6.08
CA ASN I 213 -23.90 -21.62 -4.88
C ASN I 213 -24.44 -22.95 -4.34
N LEU I 214 -24.49 -23.98 -5.18
CA LEU I 214 -24.92 -25.30 -4.71
C LEU I 214 -23.83 -26.00 -3.91
N GLY I 215 -22.57 -25.62 -4.10
CA GLY I 215 -21.52 -26.13 -3.23
C GLY I 215 -20.21 -26.54 -3.86
N LEU I 216 -20.07 -26.38 -5.17
CA LEU I 216 -18.82 -26.71 -5.84
C LEU I 216 -18.02 -25.43 -6.08
N PRO I 217 -16.70 -25.40 -5.77
CA PRO I 217 -15.92 -24.17 -6.01
C PRO I 217 -15.76 -23.80 -7.48
N SER I 218 -15.31 -22.57 -7.73
CA SER I 218 -15.18 -22.03 -9.08
C SER I 218 -14.02 -22.65 -9.84
N ASP I 219 -12.97 -23.08 -9.14
CA ASP I 219 -11.88 -23.79 -9.78
C ASP I 219 -12.32 -25.16 -10.30
N ARG I 220 -12.97 -25.94 -9.43
CA ARG I 220 -13.32 -27.31 -9.77
C ARG I 220 -14.41 -27.36 -10.84
N CYS I 221 -15.34 -26.41 -10.81
CA CYS I 221 -16.44 -26.36 -11.77
C CYS I 221 -15.96 -26.09 -13.20
N SER I 222 -15.19 -25.02 -13.38
CA SER I 222 -14.71 -24.67 -14.72
C SER I 222 -13.66 -25.67 -15.20
N LYS I 223 -12.80 -26.12 -14.27
CA LYS I 223 -11.79 -27.12 -14.60
C LYS I 223 -12.45 -28.44 -15.02
N ALA I 224 -13.55 -28.80 -14.39
CA ALA I 224 -14.32 -29.98 -14.74
C ALA I 224 -14.95 -29.82 -16.11
N MET I 225 -15.71 -28.73 -16.31
CA MET I 225 -16.42 -28.45 -17.55
C MET I 225 -15.50 -28.43 -18.76
N GLY I 226 -14.28 -27.94 -18.58
CA GLY I 226 -13.33 -28.12 -19.67
C GLY I 226 -12.71 -29.50 -19.74
N ASP I 227 -11.87 -29.82 -18.75
CA ASP I 227 -10.93 -30.94 -18.82
C ASP I 227 -11.64 -32.28 -18.71
N LEU I 228 -12.51 -32.46 -17.72
CA LEU I 228 -13.08 -33.78 -17.46
C LEU I 228 -14.10 -34.15 -18.53
N ALA I 229 -14.83 -33.16 -19.02
CA ALA I 229 -15.76 -33.33 -20.13
C ALA I 229 -15.02 -33.70 -21.41
N SER I 230 -13.99 -32.93 -21.77
CA SER I 230 -13.26 -33.25 -23.00
C SER I 230 -12.37 -34.48 -22.83
N LEU I 231 -12.15 -34.95 -21.60
CA LEU I 231 -11.42 -36.18 -21.36
C LEU I 231 -12.34 -37.39 -21.50
N VAL I 232 -13.59 -37.28 -21.02
CA VAL I 232 -14.50 -38.41 -21.17
C VAL I 232 -15.00 -38.51 -22.60
N LEU I 233 -14.98 -37.38 -23.35
CA LEU I 233 -15.22 -37.47 -24.79
C LEU I 233 -14.17 -38.31 -25.50
N LEU I 234 -12.88 -38.10 -25.19
CA LEU I 234 -11.88 -38.97 -25.81
C LEU I 234 -11.82 -40.35 -25.18
N ASN I 235 -12.36 -40.51 -23.97
CA ASN I 235 -12.54 -41.85 -23.41
C ASN I 235 -13.50 -42.66 -24.27
N GLY I 236 -14.65 -42.06 -24.59
CA GLY I 236 -15.58 -42.70 -25.51
C GLY I 236 -15.01 -42.85 -26.92
N ARG I 237 -14.21 -41.86 -27.36
CA ARG I 237 -13.64 -41.91 -28.71
C ARG I 237 -12.57 -42.99 -28.84
N LEU I 238 -11.82 -43.25 -27.76
CA LEU I 238 -10.81 -44.31 -27.82
C LEU I 238 -11.42 -45.66 -27.51
N ARG I 239 -12.56 -45.70 -26.82
CA ARG I 239 -13.30 -46.96 -26.74
C ARG I 239 -13.96 -47.29 -28.09
N ASN I 240 -14.23 -46.29 -28.91
CA ASN I 240 -14.73 -46.55 -30.26
C ASN I 240 -13.60 -46.95 -31.21
N LYS I 241 -12.59 -46.09 -31.36
CA LYS I 241 -11.56 -46.25 -32.38
C LYS I 241 -10.55 -47.34 -32.05
N SER I 242 -10.06 -47.38 -30.82
CA SER I 242 -9.08 -48.39 -30.43
C SER I 242 -9.78 -49.61 -29.81
N MET J 1 -18.30 -11.10 29.61
CA MET J 1 -19.36 -10.15 29.94
C MET J 1 -20.06 -9.65 28.68
N LEU J 2 -21.37 -9.48 28.78
CA LEU J 2 -22.21 -9.11 27.64
C LEU J 2 -23.05 -7.88 27.99
N VAL J 3 -23.17 -6.97 27.02
CA VAL J 3 -23.90 -5.72 27.21
C VAL J 3 -25.02 -5.64 26.17
N ASP J 4 -26.25 -5.46 26.65
CA ASP J 4 -27.41 -5.23 25.79
C ASP J 4 -27.95 -3.83 26.13
N LEU J 5 -27.69 -2.87 25.25
CA LEU J 5 -27.82 -1.45 25.60
C LEU J 5 -28.90 -0.74 24.79
N ASN J 6 -29.84 -1.48 24.21
CA ASN J 6 -30.92 -0.79 23.50
C ASN J 6 -32.27 -1.47 23.71
N VAL J 7 -32.60 -1.81 24.96
CA VAL J 7 -33.92 -2.34 25.28
C VAL J 7 -34.89 -1.17 25.43
N PRO J 8 -35.93 -1.05 24.62
CA PRO J 8 -36.81 0.11 24.70
C PRO J 8 -37.80 0.05 25.87
N TRP J 9 -38.20 1.26 26.38
CA TRP J 9 -39.19 1.54 27.41
C TRP J 9 -40.53 1.88 26.77
N PRO J 10 -41.64 1.26 27.22
CA PRO J 10 -42.95 1.46 26.56
C PRO J 10 -43.59 2.82 26.84
N GLN J 11 -42.96 3.87 26.34
CA GLN J 11 -43.42 5.25 26.47
C GLN J 11 -42.65 6.09 25.46
N ASN J 12 -43.37 7.03 24.85
CA ASN J 12 -42.76 7.89 23.83
C ASN J 12 -42.92 9.36 24.22
N SER J 13 -44.02 9.70 24.88
CA SER J 13 -44.32 11.07 25.28
C SER J 13 -44.53 11.13 26.79
N TYR J 14 -44.24 12.30 27.38
CA TYR J 14 -44.37 12.46 28.82
C TYR J 14 -45.83 12.53 29.27
N ALA J 15 -46.75 12.83 28.34
CA ALA J 15 -48.16 12.89 28.69
C ALA J 15 -48.74 11.49 28.89
N ASP J 16 -48.16 10.48 28.25
CA ASP J 16 -48.64 9.12 28.39
C ASP J 16 -48.15 8.50 29.68
N LYS J 17 -48.97 7.62 30.25
CA LYS J 17 -48.67 6.94 31.51
C LYS J 17 -48.51 5.45 31.23
N VAL J 18 -47.41 4.87 31.72
CA VAL J 18 -47.15 3.46 31.48
C VAL J 18 -48.02 2.61 32.40
N THR J 19 -48.72 1.64 31.82
CA THR J 19 -49.55 0.72 32.57
C THR J 19 -48.67 -0.34 33.25
N SER J 20 -49.29 -1.08 34.18
CA SER J 20 -48.55 -2.08 34.95
C SER J 20 -48.24 -3.32 34.12
N GLN J 21 -48.99 -3.54 33.03
CA GLN J 21 -48.78 -4.71 32.19
C GLN J 21 -47.47 -4.60 31.42
N ALA J 22 -47.14 -3.40 30.94
CA ALA J 22 -45.87 -3.19 30.24
C ALA J 22 -44.69 -3.29 31.20
N VAL J 23 -44.90 -2.89 32.45
CA VAL J 23 -43.85 -2.99 33.47
C VAL J 23 -43.59 -4.45 33.82
N ASN J 24 -44.67 -5.23 33.97
CA ASN J 24 -44.52 -6.66 34.22
C ASN J 24 -43.93 -7.37 33.02
N ASN J 25 -44.23 -6.90 31.81
CA ASN J 25 -43.64 -7.44 30.60
C ASN J 25 -42.13 -7.18 30.56
N LEU J 26 -41.72 -5.99 30.99
CA LEU J 26 -40.29 -5.67 31.06
C LEU J 26 -39.60 -6.50 32.15
N ILE J 27 -40.29 -6.76 33.25
CA ILE J 27 -39.74 -7.64 34.29
C ILE J 27 -39.55 -9.05 33.76
N LYS J 28 -40.51 -9.54 32.96
CA LYS J 28 -40.40 -10.88 32.39
C LYS J 28 -39.29 -10.95 31.34
N THR J 29 -39.08 -9.89 30.56
CA THR J 29 -38.00 -9.97 29.57
C THR J 29 -36.63 -9.76 30.22
N LEU J 30 -36.58 -9.07 31.37
CA LEU J 30 -35.31 -9.02 32.10
C LEU J 30 -35.01 -10.37 32.75
N SER J 31 -36.04 -11.07 33.22
CA SER J 31 -35.85 -12.45 33.69
C SER J 31 -35.43 -13.37 32.55
N THR J 32 -35.93 -13.12 31.34
CA THR J 32 -35.51 -13.89 30.16
C THR J 32 -34.04 -13.65 29.83
N LEU J 33 -33.60 -12.38 29.84
CA LEU J 33 -32.19 -12.07 29.59
C LEU J 33 -31.30 -12.56 30.73
N HIS J 34 -31.85 -12.72 31.94
CA HIS J 34 -31.07 -13.31 33.02
C HIS J 34 -31.06 -14.84 32.94
N MET J 35 -32.05 -15.44 32.27
CA MET J 35 -32.17 -16.90 32.27
C MET J 35 -31.07 -17.58 31.48
N LEU J 36 -30.87 -17.20 30.21
CA LEU J 36 -29.84 -17.87 29.40
C LEU J 36 -28.47 -17.30 29.73
N GLY J 37 -28.26 -16.00 29.52
CA GLY J 37 -27.14 -15.32 30.14
C GLY J 37 -26.76 -13.99 29.50
N TYR J 38 -26.56 -12.98 30.34
CA TYR J 38 -26.10 -11.64 29.99
C TYR J 38 -25.51 -11.01 31.25
N THR J 39 -24.82 -9.88 31.07
CA THR J 39 -24.14 -9.26 32.21
C THR J 39 -24.62 -7.83 32.45
N HIS J 40 -24.79 -7.05 31.39
CA HIS J 40 -25.22 -5.67 31.51
C HIS J 40 -26.42 -5.40 30.60
N ILE J 41 -27.34 -4.59 31.12
CA ILE J 41 -28.53 -4.16 30.39
C ILE J 41 -28.68 -2.66 30.59
N ALA J 42 -28.80 -1.93 29.48
CA ALA J 42 -29.04 -0.49 29.50
C ALA J 42 -30.35 -0.22 28.75
N ILE J 43 -31.41 0.08 29.48
CA ILE J 43 -32.73 0.23 28.86
C ILE J 43 -32.83 1.61 28.21
N ASN J 44 -33.51 1.65 27.06
CA ASN J 44 -33.53 2.86 26.25
C ASN J 44 -34.89 3.53 26.30
N PHE J 45 -34.89 4.85 26.06
CA PHE J 45 -36.10 5.67 26.07
C PHE J 45 -36.03 6.65 24.91
N THR J 46 -37.12 6.75 24.15
CA THR J 46 -37.17 7.57 22.94
C THR J 46 -37.68 8.97 23.26
N VAL J 47 -36.96 9.99 22.78
CA VAL J 47 -37.32 11.38 23.00
C VAL J 47 -37.23 12.13 21.67
N ASN J 48 -38.35 12.71 21.25
CA ASN J 48 -38.40 13.55 20.06
C ASN J 48 -37.78 14.92 20.34
N HIS J 49 -37.38 15.61 19.28
CA HIS J 49 -36.63 16.86 19.41
C HIS J 49 -37.53 18.08 19.63
N SER J 50 -38.78 18.03 19.17
CA SER J 50 -39.65 19.20 19.23
C SER J 50 -40.78 19.07 20.25
N GLU J 51 -40.65 18.20 21.25
CA GLU J 51 -41.68 18.05 22.25
C GLU J 51 -41.56 19.15 23.31
N LYS J 52 -42.60 19.25 24.14
CA LYS J 52 -42.65 20.22 25.24
C LYS J 52 -42.02 19.57 26.46
N PHE J 53 -40.80 19.97 26.77
CA PHE J 53 -40.00 19.33 27.82
C PHE J 53 -40.30 19.93 29.19
N PRO J 54 -40.37 19.11 30.24
CA PRO J 54 -40.63 19.66 31.58
C PRO J 54 -39.38 20.27 32.20
N ASN J 55 -39.55 21.37 32.92
CA ASN J 55 -38.43 22.03 33.60
C ASN J 55 -38.28 21.50 35.03
N ASP J 56 -38.02 20.21 35.16
CA ASP J 56 -37.93 19.54 36.45
C ASP J 56 -36.56 18.90 36.63
N VAL J 57 -36.32 18.39 37.84
CA VAL J 57 -35.04 17.75 38.15
C VAL J 57 -35.28 16.27 38.49
N LYS J 58 -36.19 16.01 39.42
CA LYS J 58 -36.49 14.65 39.86
C LYS J 58 -37.68 14.05 39.13
N LEU J 59 -38.14 14.68 38.06
CA LEU J 59 -39.23 14.15 37.25
C LEU J 59 -38.82 13.88 35.81
N LEU J 60 -37.56 14.03 35.46
CA LEU J 60 -37.05 13.71 34.13
C LEU J 60 -36.76 12.22 34.00
N ASN J 61 -36.93 11.47 35.08
CA ASN J 61 -36.60 10.05 35.12
C ASN J 61 -37.81 9.16 35.35
N PRO J 62 -38.55 8.75 34.31
CA PRO J 62 -39.62 7.75 34.53
C PRO J 62 -39.11 6.33 34.45
N ILE J 63 -38.00 6.04 35.13
CA ILE J 63 -37.39 4.72 35.04
C ILE J 63 -37.54 3.98 36.37
N ASP J 64 -37.22 4.68 37.48
CA ASP J 64 -37.36 4.17 38.86
C ASP J 64 -36.54 2.89 39.09
N ILE J 65 -35.22 3.02 39.02
CA ILE J 65 -34.29 1.91 39.23
C ILE J 65 -34.35 1.48 40.69
N LYS J 66 -34.58 2.44 41.59
CA LYS J 66 -34.51 2.23 43.03
C LYS J 66 -35.68 1.41 43.58
N ARG J 67 -36.91 1.74 43.22
CA ARG J 67 -38.06 1.15 43.90
C ARG J 67 -38.51 -0.18 43.28
N ARG J 68 -38.52 -0.30 41.96
CA ARG J 68 -38.99 -1.55 41.34
C ARG J 68 -37.81 -2.39 40.85
N PHE J 69 -36.82 -1.77 40.20
CA PHE J 69 -35.68 -2.53 39.73
C PHE J 69 -34.69 -2.80 40.85
N GLY J 70 -34.73 -2.01 41.92
CA GLY J 70 -33.96 -2.36 43.11
C GLY J 70 -34.51 -3.59 43.82
N GLU J 71 -35.81 -3.85 43.66
CA GLU J 71 -36.39 -5.09 44.17
C GLU J 71 -36.14 -6.24 43.19
N LEU J 72 -36.10 -5.94 41.88
CA LEU J 72 -35.78 -6.98 40.91
C LEU J 72 -34.31 -7.37 40.95
N MET J 73 -33.45 -6.48 41.43
CA MET J 73 -32.00 -6.71 41.39
C MET J 73 -31.57 -7.81 42.37
N ASP J 74 -32.24 -7.89 43.53
CA ASP J 74 -31.82 -8.83 44.57
C ASP J 74 -32.10 -10.27 44.16
N ARG J 75 -33.17 -10.48 43.39
CA ARG J 75 -33.44 -11.81 42.86
C ARG J 75 -32.75 -11.99 41.51
N THR J 76 -32.35 -10.89 40.88
CA THR J 76 -31.70 -10.98 39.57
C THR J 76 -30.18 -11.05 39.69
N GLY J 77 -29.55 -10.06 40.32
CA GLY J 77 -28.10 -10.03 40.38
C GLY J 77 -27.46 -9.34 39.20
N LEU J 78 -28.18 -8.43 38.56
CA LEU J 78 -27.67 -7.63 37.45
C LEU J 78 -27.90 -6.15 37.75
N LYS J 79 -27.71 -5.30 36.75
CA LYS J 79 -27.85 -3.86 36.91
C LYS J 79 -28.50 -3.28 35.67
N LEU J 80 -29.13 -2.12 35.81
CA LEU J 80 -29.78 -1.43 34.70
C LEU J 80 -29.26 -0.01 34.58
N TYR J 81 -29.03 0.43 33.34
CA TYR J 81 -28.71 1.80 33.02
C TYR J 81 -29.84 2.44 32.20
N SER J 82 -29.96 3.76 32.33
CA SER J 82 -31.00 4.51 31.64
C SER J 82 -30.36 5.45 30.63
N ARG J 83 -31.03 5.67 29.49
CA ARG J 83 -30.45 6.43 28.40
C ARG J 83 -31.53 7.06 27.52
N ILE J 84 -31.13 8.08 26.78
CA ILE J 84 -32.00 8.84 25.90
C ILE J 84 -31.46 8.76 24.48
N THR J 85 -32.30 8.35 23.54
CA THR J 85 -31.99 8.44 22.11
C THR J 85 -32.69 9.68 21.56
N LEU J 86 -31.89 10.69 21.22
CA LEU J 86 -32.42 11.95 20.73
C LEU J 86 -32.89 11.84 19.29
N ILE J 87 -34.20 11.92 19.09
CA ILE J 87 -34.78 11.78 17.75
C ILE J 87 -34.76 13.19 17.15
N ILE J 88 -33.61 13.56 16.58
CA ILE J 88 -33.36 14.90 16.06
C ILE J 88 -33.56 14.91 14.56
N ASP J 89 -34.52 15.72 14.10
CA ASP J 89 -34.85 15.80 12.68
C ASP J 89 -34.48 17.14 12.05
N ASP J 90 -34.92 18.25 12.61
CA ASP J 90 -34.70 19.55 11.96
C ASP J 90 -34.09 20.55 12.94
N PRO J 91 -33.26 21.48 12.46
CA PRO J 91 -32.73 22.52 13.35
C PRO J 91 -33.70 23.66 13.57
N SER J 92 -34.86 23.36 14.17
CA SER J 92 -35.87 24.39 14.42
C SER J 92 -36.07 24.63 15.90
N LYS J 93 -36.34 23.58 16.66
CA LYS J 93 -36.55 23.68 18.10
C LYS J 93 -35.59 22.74 18.81
N GLY J 94 -35.10 23.18 19.96
CA GLY J 94 -34.10 22.39 20.66
C GLY J 94 -34.42 22.16 22.13
N GLN J 95 -33.37 22.10 22.97
CA GLN J 95 -33.54 21.76 24.37
C GLN J 95 -32.38 22.31 25.17
N SER J 96 -32.45 22.12 26.48
CA SER J 96 -31.32 22.34 27.37
C SER J 96 -30.61 21.00 27.60
N LEU J 97 -29.51 20.81 26.87
CA LEU J 97 -28.83 19.52 26.83
C LEU J 97 -28.08 19.21 28.12
N SER J 98 -27.73 20.23 28.90
CA SER J 98 -26.98 20.00 30.14
C SER J 98 -27.83 19.35 31.22
N LYS J 99 -29.16 19.43 31.11
CA LYS J 99 -30.05 18.77 32.06
C LYS J 99 -30.39 17.36 31.60
N ILE J 100 -30.67 17.19 30.30
CA ILE J 100 -31.04 15.89 29.75
C ILE J 100 -29.85 14.95 29.75
N SER J 101 -28.65 15.50 29.56
CA SER J 101 -27.43 14.70 29.63
C SER J 101 -27.15 14.24 31.06
N GLN J 102 -27.16 15.18 32.00
CA GLN J 102 -26.82 14.85 33.39
C GLN J 102 -27.96 14.11 34.10
N ALA J 103 -29.14 14.02 33.48
CA ALA J 103 -30.22 13.22 34.04
C ALA J 103 -29.89 11.74 34.00
N PHE J 104 -29.64 11.19 32.81
CA PHE J 104 -29.36 9.77 32.69
C PHE J 104 -27.87 9.52 32.50
N ASP J 105 -27.53 8.26 32.20
CA ASP J 105 -26.13 7.85 32.12
C ASP J 105 -25.58 7.97 30.70
N ILE J 106 -26.32 7.49 29.71
CA ILE J 106 -25.86 7.43 28.32
C ILE J 106 -26.72 8.36 27.48
N VAL J 107 -26.10 9.07 26.54
CA VAL J 107 -26.80 10.00 25.66
C VAL J 107 -26.60 9.52 24.23
N ALA J 108 -27.69 9.31 23.50
CA ALA J 108 -27.66 8.84 22.13
C ALA J 108 -28.42 9.80 21.21
N ALA J 109 -28.38 9.52 19.91
CA ALA J 109 -29.02 10.35 18.90
C ALA J 109 -29.68 9.49 17.84
N LEU J 110 -30.60 10.09 17.09
CA LEU J 110 -31.32 9.43 16.00
C LEU J 110 -31.58 10.47 14.93
N PRO J 111 -30.70 10.60 13.92
CA PRO J 111 -30.88 11.63 12.90
C PRO J 111 -31.86 11.24 11.80
N ILE J 112 -32.47 12.24 11.15
CA ILE J 112 -33.44 12.02 10.09
C ILE J 112 -33.01 12.82 8.86
N SER J 113 -32.27 13.91 9.08
CA SER J 113 -31.90 14.81 8.00
C SER J 113 -30.39 14.98 7.91
N GLU J 114 -29.98 15.96 7.08
CA GLU J 114 -28.57 16.12 6.69
C GLU J 114 -27.76 16.86 7.75
N LYS J 115 -28.19 18.08 8.09
CA LYS J 115 -27.41 18.98 8.93
C LYS J 115 -27.36 18.52 10.38
N GLY J 116 -28.43 17.87 10.85
CA GLY J 116 -28.47 17.31 12.18
C GLY J 116 -27.44 16.23 12.40
N LEU J 117 -27.23 15.41 11.37
CA LEU J 117 -26.19 14.37 11.41
C LEU J 117 -24.80 14.97 11.52
N THR J 118 -24.59 16.12 10.87
CA THR J 118 -23.30 16.79 10.97
C THR J 118 -23.09 17.45 12.33
N LEU J 119 -24.12 18.13 12.85
CA LEU J 119 -23.95 18.86 14.11
C LEU J 119 -23.99 17.91 15.31
N SER J 120 -24.48 16.68 15.11
CA SER J 120 -24.42 15.68 16.16
C SER J 120 -23.00 15.16 16.35
N THR J 121 -22.32 14.86 15.24
CA THR J 121 -20.94 14.40 15.28
C THR J 121 -20.00 15.53 15.62
N THR J 122 -20.38 16.77 15.25
CA THR J 122 -19.49 17.91 15.46
C THR J 122 -19.57 18.46 16.88
N ASN J 123 -20.75 18.89 17.32
CA ASN J 123 -20.86 19.66 18.57
C ASN J 123 -21.56 18.86 19.67
N LEU J 124 -22.57 18.05 19.33
CA LEU J 124 -23.38 17.40 20.36
C LEU J 124 -22.64 16.27 21.07
N ASP J 125 -22.48 16.40 22.39
CA ASP J 125 -21.78 15.40 23.19
C ASP J 125 -22.72 14.25 23.52
N ILE J 126 -22.62 13.18 22.72
CA ILE J 126 -23.43 11.99 22.90
C ILE J 126 -22.49 10.80 23.09
N ASP J 127 -23.08 9.60 23.17
CA ASP J 127 -22.26 8.40 23.36
C ASP J 127 -22.34 7.49 22.13
N LEU J 128 -23.55 7.29 21.61
CA LEU J 128 -23.74 6.38 20.49
C LEU J 128 -24.59 7.05 19.41
N LEU J 129 -24.35 6.69 18.16
CA LEU J 129 -25.18 7.11 17.03
C LEU J 129 -26.02 5.92 16.57
N THR J 130 -27.33 6.06 16.66
CA THR J 130 -28.28 5.09 16.14
C THR J 130 -29.00 5.69 14.94
N PHE J 131 -29.12 4.91 13.86
CA PHE J 131 -29.89 5.31 12.69
C PHE J 131 -31.22 4.58 12.68
N GLN J 132 -32.17 5.10 11.91
CA GLN J 132 -33.46 4.45 11.76
C GLN J 132 -33.35 3.26 10.81
N TYR J 133 -33.17 2.06 11.36
CA TYR J 133 -33.04 0.87 10.53
C TYR J 133 -34.38 0.43 9.98
N GLY J 134 -35.48 0.85 10.62
CA GLY J 134 -36.80 0.50 10.15
C GLY J 134 -37.22 1.27 8.92
N SER J 135 -36.83 2.54 8.83
CA SER J 135 -37.16 3.39 7.70
C SER J 135 -35.92 3.63 6.84
N ARG J 136 -36.06 4.49 5.84
CA ARG J 136 -34.97 4.79 4.92
C ARG J 136 -33.90 5.61 5.63
N LEU J 137 -32.63 5.29 5.33
CA LEU J 137 -31.45 5.97 5.87
C LEU J 137 -31.47 7.43 5.45
N PRO J 138 -31.10 8.37 6.33
CA PRO J 138 -31.10 9.80 5.96
C PRO J 138 -30.17 10.16 4.81
N THR J 139 -28.87 9.95 4.98
CA THR J 139 -27.90 10.10 3.90
C THR J 139 -26.94 8.92 3.93
N PHE J 140 -26.09 8.81 2.93
CA PHE J 140 -25.11 7.74 2.85
C PHE J 140 -23.79 8.26 3.39
N LEU J 141 -23.24 7.55 4.37
CA LEU J 141 -22.20 8.10 5.24
C LEU J 141 -20.86 8.19 4.52
N LYS J 142 -20.17 9.31 4.70
CA LYS J 142 -18.82 9.48 4.21
C LYS J 142 -17.83 8.82 5.17
N HIS J 143 -16.75 8.30 4.59
CA HIS J 143 -15.76 7.54 5.35
C HIS J 143 -14.95 8.42 6.31
N LYS J 144 -14.48 9.57 5.81
CA LYS J 144 -13.63 10.44 6.62
C LYS J 144 -14.39 11.17 7.72
N SER J 145 -15.72 11.23 7.64
CA SER J 145 -16.52 11.85 8.70
C SER J 145 -16.77 10.85 9.82
N ILE J 146 -17.16 9.63 9.45
CA ILE J 146 -17.45 8.59 10.44
C ILE J 146 -16.16 8.15 11.13
N CYS J 147 -15.06 8.08 10.38
CA CYS J 147 -13.76 7.74 10.93
C CYS J 147 -13.28 8.79 11.94
N SER J 148 -13.48 10.07 11.60
CA SER J 148 -13.12 11.14 12.52
C SER J 148 -14.04 11.17 13.73
N CYS J 149 -15.29 10.75 13.56
CA CYS J 149 -16.21 10.69 14.71
C CYS J 149 -15.84 9.55 15.65
N VAL J 150 -15.39 8.42 15.11
CA VAL J 150 -14.91 7.32 15.93
C VAL J 150 -13.60 7.71 16.63
N ASN J 151 -12.73 8.44 15.93
CA ASN J 151 -11.50 8.94 16.52
C ASN J 151 -11.77 10.03 17.55
N ARG J 152 -12.92 10.68 17.45
CA ARG J 152 -13.34 11.65 18.45
C ARG J 152 -14.02 10.99 19.65
N GLY J 153 -14.42 9.72 19.53
CA GLY J 153 -15.42 9.20 20.43
C GLY J 153 -16.46 8.32 19.79
N VAL J 154 -17.69 8.86 19.70
CA VAL J 154 -18.97 8.20 19.44
C VAL J 154 -18.95 7.12 18.35
N LYS J 155 -19.47 5.94 18.67
CA LYS J 155 -19.47 4.80 17.77
C LYS J 155 -20.87 4.58 17.20
N LEU J 156 -20.96 3.83 16.11
CA LEU J 156 -22.25 3.51 15.50
C LEU J 156 -22.84 2.28 16.16
N GLU J 157 -24.17 2.17 16.16
CA GLU J 157 -24.88 1.13 16.88
C GLU J 157 -25.87 0.43 15.96
N ILE J 158 -25.85 -0.90 15.98
CA ILE J 158 -26.68 -1.75 15.14
C ILE J 158 -27.70 -2.49 16.01
N VAL J 159 -28.97 -2.39 15.64
CA VAL J 159 -30.08 -2.94 16.41
C VAL J 159 -30.62 -4.16 15.69
N TYR J 160 -30.12 -5.34 16.05
CA TYR J 160 -30.53 -6.56 15.37
C TYR J 160 -31.94 -7.02 15.74
N GLY J 161 -32.59 -6.37 16.71
CA GLY J 161 -33.94 -6.74 17.09
C GLY J 161 -34.99 -6.11 16.20
N TYR J 162 -34.60 -5.10 15.41
CA TYR J 162 -35.56 -4.43 14.54
C TYR J 162 -35.91 -5.25 13.31
N ALA J 163 -35.08 -6.23 12.93
CA ALA J 163 -35.38 -7.14 11.84
C ALA J 163 -36.42 -8.18 12.23
N LEU J 164 -36.61 -8.41 13.52
CA LEU J 164 -37.58 -9.37 14.03
C LEU J 164 -39.00 -8.82 14.08
N ARG J 165 -39.20 -7.56 13.69
CA ARG J 165 -40.51 -6.93 13.76
C ARG J 165 -41.39 -7.33 12.59
N ASP J 166 -40.97 -7.02 11.37
CA ASP J 166 -41.78 -7.23 10.17
C ASP J 166 -40.97 -7.98 9.12
N VAL J 167 -41.63 -8.25 7.99
CA VAL J 167 -41.04 -8.98 6.88
C VAL J 167 -40.33 -8.01 5.94
N GLN J 168 -41.00 -6.89 5.63
CA GLN J 168 -40.49 -5.89 4.70
C GLN J 168 -39.31 -5.14 5.30
N ALA J 169 -39.26 -5.06 6.63
CA ALA J 169 -38.24 -4.24 7.30
C ALA J 169 -36.86 -4.90 7.24
N ARG J 170 -36.80 -6.19 6.94
CA ARG J 170 -35.52 -6.92 6.94
C ARG J 170 -34.61 -6.45 5.81
N ARG J 171 -35.20 -6.16 4.64
CA ARG J 171 -34.43 -5.70 3.48
C ARG J 171 -33.82 -4.33 3.75
N GLN J 172 -34.62 -3.40 4.29
CA GLN J 172 -34.11 -2.07 4.64
C GLN J 172 -33.10 -2.16 5.78
N PHE J 173 -33.31 -3.09 6.72
CA PHE J 173 -32.35 -3.29 7.81
C PHE J 173 -30.99 -3.74 7.30
N VAL J 174 -30.96 -4.76 6.44
CA VAL J 174 -29.69 -5.25 5.91
C VAL J 174 -29.05 -4.21 5.00
N SER J 175 -29.86 -3.47 4.23
CA SER J 175 -29.34 -2.41 3.36
C SER J 175 -28.75 -1.27 4.18
N ASN J 176 -29.25 -1.05 5.39
CA ASN J 176 -28.64 -0.02 6.25
C ASN J 176 -27.40 -0.55 6.94
N VAL J 177 -27.43 -1.80 7.40
CA VAL J 177 -26.34 -2.34 8.21
C VAL J 177 -25.09 -2.57 7.35
N ARG J 178 -25.27 -3.00 6.10
CA ARG J 178 -24.12 -3.19 5.22
C ARG J 178 -23.46 -1.85 4.88
N SER J 179 -24.28 -0.80 4.75
CA SER J 179 -23.73 0.54 4.53
C SER J 179 -23.01 1.06 5.76
N VAL J 180 -23.53 0.75 6.96
CA VAL J 180 -22.88 1.15 8.21
C VAL J 180 -21.53 0.45 8.35
N ILE J 181 -21.47 -0.85 8.05
CA ILE J 181 -20.22 -1.60 8.14
C ILE J 181 -19.24 -1.13 7.07
N ARG J 182 -19.74 -0.75 5.89
CA ARG J 182 -18.88 -0.27 4.83
C ARG J 182 -18.27 1.09 5.19
N SER J 183 -19.09 2.03 5.65
CA SER J 183 -18.59 3.39 5.89
C SER J 183 -18.05 3.61 7.29
N SER J 184 -18.16 2.62 8.18
CA SER J 184 -17.65 2.74 9.54
C SER J 184 -16.24 2.20 9.71
N ARG J 185 -15.70 1.51 8.70
CA ARG J 185 -14.38 0.89 8.67
C ARG J 185 -14.19 -0.15 9.77
N SER J 186 -15.29 -0.72 10.29
CA SER J 186 -15.31 -1.80 11.28
C SER J 186 -14.63 -1.43 12.59
N ARG J 187 -14.60 -0.13 12.90
CA ARG J 187 -14.08 0.33 14.19
C ARG J 187 -15.20 0.52 15.20
N GLY J 188 -16.13 1.42 14.89
CA GLY J 188 -17.20 1.76 15.80
C GLY J 188 -18.51 1.04 15.57
N ILE J 189 -18.56 -0.26 15.89
CA ILE J 189 -19.78 -1.06 15.71
C ILE J 189 -20.13 -1.65 17.08
N VAL J 190 -21.23 -1.19 17.66
CA VAL J 190 -21.74 -1.73 18.92
C VAL J 190 -23.14 -2.26 18.63
N ILE J 191 -23.41 -3.51 19.02
CA ILE J 191 -24.68 -4.14 18.68
C ILE J 191 -25.57 -4.21 19.92
N GLY J 192 -26.89 -4.14 19.69
CA GLY J 192 -27.84 -4.19 20.78
C GLY J 192 -29.17 -4.77 20.33
N SER J 193 -29.95 -5.22 21.29
CA SER J 193 -31.22 -5.90 21.04
C SER J 193 -32.38 -4.96 21.35
N GLY J 194 -33.07 -4.52 20.31
CA GLY J 194 -34.27 -3.72 20.46
C GLY J 194 -35.53 -4.55 20.55
N ALA J 195 -35.67 -5.35 21.60
CA ALA J 195 -36.83 -6.21 21.78
C ALA J 195 -37.77 -5.58 22.80
N MET J 196 -39.08 -5.67 22.54
CA MET J 196 -40.09 -5.14 23.44
C MET J 196 -40.75 -6.27 24.23
N SER J 197 -40.33 -7.50 23.94
CA SER J 197 -40.95 -8.69 24.50
C SER J 197 -39.89 -9.70 24.89
N PRO J 198 -40.17 -10.64 25.80
CA PRO J 198 -39.26 -11.78 26.01
C PRO J 198 -39.35 -12.85 24.94
N LEU J 199 -40.24 -12.69 23.97
CA LEU J 199 -40.48 -13.65 22.91
C LEU J 199 -39.58 -13.40 21.70
N GLU J 200 -38.70 -12.40 21.77
CA GLU J 200 -37.80 -12.04 20.69
C GLU J 200 -36.35 -12.02 21.15
N CYS J 201 -36.03 -12.76 22.21
CA CYS J 201 -34.69 -12.78 22.77
C CYS J 201 -33.83 -13.84 22.08
N ARG J 202 -32.52 -13.61 22.09
CA ARG J 202 -31.58 -14.49 21.41
C ARG J 202 -30.42 -14.81 22.35
N ASN J 203 -29.58 -15.75 21.91
CA ASN J 203 -28.38 -16.16 22.63
C ASN J 203 -27.17 -15.56 21.91
N ILE J 204 -26.01 -15.61 22.58
CA ILE J 204 -24.78 -14.99 22.08
C ILE J 204 -24.34 -15.64 20.76
N LEU J 205 -24.54 -16.95 20.64
CA LEU J 205 -23.97 -17.68 19.52
C LEU J 205 -24.85 -17.55 18.28
N GLY J 206 -26.10 -17.15 18.48
CA GLY J 206 -26.96 -16.80 17.35
C GLY J 206 -26.77 -15.37 16.87
N VAL J 207 -26.57 -14.43 17.80
CA VAL J 207 -26.26 -13.05 17.43
C VAL J 207 -24.92 -12.96 16.72
N THR J 208 -23.95 -13.78 17.16
CA THR J 208 -22.65 -13.85 16.48
C THR J 208 -22.82 -14.38 15.05
N SER J 209 -23.72 -15.34 14.85
CA SER J 209 -23.98 -15.86 13.51
C SER J 209 -24.70 -14.83 12.64
N LEU J 210 -25.58 -14.03 13.26
CA LEU J 210 -26.23 -12.93 12.55
C LEU J 210 -25.20 -11.91 12.07
N ILE J 211 -24.25 -11.57 12.94
CA ILE J 211 -23.21 -10.61 12.57
C ILE J 211 -22.27 -11.20 11.51
N LYS J 212 -22.06 -12.52 11.57
CA LYS J 212 -21.35 -13.22 10.50
C LYS J 212 -22.05 -13.09 9.16
N ASN J 213 -23.36 -13.36 9.13
CA ASN J 213 -24.10 -13.33 7.88
C ASN J 213 -24.35 -11.91 7.38
N LEU J 214 -24.26 -10.90 8.25
CA LEU J 214 -24.37 -9.52 7.78
C LEU J 214 -23.12 -9.02 7.07
N GLY J 215 -21.93 -9.44 7.52
CA GLY J 215 -20.72 -9.07 6.82
C GLY J 215 -19.53 -8.76 7.71
N LEU J 216 -19.73 -8.71 9.02
CA LEU J 216 -18.66 -8.41 9.96
C LEU J 216 -18.10 -9.71 10.53
N PRO J 217 -16.77 -9.82 10.75
CA PRO J 217 -16.20 -11.08 11.28
C PRO J 217 -16.61 -11.45 12.69
N SER J 218 -16.18 -12.63 13.14
CA SER J 218 -16.67 -13.21 14.39
C SER J 218 -15.90 -12.71 15.61
N ASP J 219 -14.57 -12.68 15.51
CA ASP J 219 -13.71 -12.25 16.61
C ASP J 219 -13.90 -10.76 16.84
N ARG J 220 -14.11 -10.01 15.76
CA ARG J 220 -14.40 -8.60 15.87
C ARG J 220 -15.78 -8.34 16.44
N CYS J 221 -16.70 -9.30 16.29
CA CYS J 221 -18.03 -9.18 16.92
C CYS J 221 -17.97 -9.38 18.43
N SER J 222 -17.25 -10.42 18.88
CA SER J 222 -17.14 -10.67 20.31
C SER J 222 -16.25 -9.63 20.98
N LYS J 223 -15.27 -9.10 20.25
CA LYS J 223 -14.48 -7.98 20.74
C LYS J 223 -15.33 -6.72 20.85
N ALA J 224 -16.30 -6.56 19.95
CA ALA J 224 -17.23 -5.42 20.03
C ALA J 224 -18.16 -5.51 21.23
N MET J 225 -18.44 -6.72 21.74
CA MET J 225 -19.28 -6.85 22.92
C MET J 225 -18.44 -6.88 24.19
N GLY J 226 -17.16 -7.20 24.09
CA GLY J 226 -16.29 -7.20 25.25
C GLY J 226 -15.57 -5.88 25.47
N ASP J 227 -14.89 -5.38 24.43
CA ASP J 227 -14.12 -4.14 24.50
C ASP J 227 -15.00 -2.92 24.18
N LEU J 228 -15.71 -2.95 23.06
CA LEU J 228 -16.31 -1.73 22.54
C LEU J 228 -17.63 -1.43 23.24
N ALA J 229 -18.31 -2.45 23.74
CA ALA J 229 -19.61 -2.25 24.38
C ALA J 229 -19.46 -1.66 25.77
N SER J 230 -18.56 -2.23 26.57
CA SER J 230 -18.42 -1.83 27.96
C SER J 230 -17.63 -0.54 28.14
N LEU J 231 -16.94 -0.07 27.10
CA LEU J 231 -16.17 1.16 27.22
C LEU J 231 -17.06 2.37 26.98
N VAL J 232 -18.03 2.24 26.08
CA VAL J 232 -18.93 3.37 25.79
C VAL J 232 -19.98 3.47 26.87
N LEU J 233 -20.17 2.41 27.66
CA LEU J 233 -20.90 2.54 28.91
C LEU J 233 -20.13 3.40 29.90
N LEU J 234 -18.84 3.10 30.10
CA LEU J 234 -17.97 3.81 31.03
C LEU J 234 -17.81 5.27 30.66
N ASN J 235 -17.81 5.59 29.37
CA ASN J 235 -17.73 6.97 28.86
C ASN J 235 -18.86 7.82 29.42
N GLY J 236 -20.11 7.43 29.16
CA GLY J 236 -21.24 8.19 29.67
C GLY J 236 -21.38 8.10 31.19
N ARG J 237 -20.95 6.97 31.76
CA ARG J 237 -21.06 6.77 33.20
C ARG J 237 -20.11 7.70 33.96
N LEU J 238 -18.94 7.97 33.38
CA LEU J 238 -18.02 8.92 33.99
C LEU J 238 -18.38 10.35 33.63
N ARG J 239 -18.99 10.55 32.44
CA ARG J 239 -19.34 11.91 32.04
C ARG J 239 -20.50 12.47 32.84
N ASN J 240 -21.48 11.64 33.20
CA ASN J 240 -22.70 12.20 33.78
C ASN J 240 -22.70 12.12 35.30
N LYS J 241 -22.03 11.13 35.89
CA LYS J 241 -21.91 11.10 37.34
C LYS J 241 -20.79 12.01 37.81
N SER J 242 -19.59 11.78 37.30
CA SER J 242 -18.42 12.58 37.64
C SER J 242 -18.28 13.79 36.72
N HIS J 243 -17.11 14.42 36.73
CA HIS J 243 -16.78 15.52 35.83
C HIS J 243 -16.50 14.94 34.43
N LYS J 244 -16.06 15.78 33.48
CA LYS J 244 -15.84 15.32 32.12
C LYS J 244 -14.62 14.41 32.02
N GLN J 245 -14.77 13.19 32.52
CA GLN J 245 -13.70 12.20 32.73
C GLN J 245 -12.51 12.79 33.48
N THR J 246 -12.73 13.41 34.64
CA THR J 246 -11.62 13.98 35.40
C THR J 246 -11.46 13.44 36.81
N ILE J 247 -12.48 13.55 37.67
CA ILE J 247 -12.41 13.16 39.08
C ILE J 247 -13.71 12.44 39.45
N VAL J 248 -13.59 11.20 39.92
CA VAL J 248 -14.72 10.28 40.00
C VAL J 248 -15.09 10.02 41.46
N THR J 249 -16.39 9.89 41.72
CA THR J 249 -16.91 9.49 43.03
C THR J 249 -17.09 7.98 43.15
N GLY J 250 -16.29 7.20 42.43
CA GLY J 250 -16.43 5.76 42.43
C GLY J 250 -15.29 5.04 43.14
N GLY J 251 -15.61 4.26 44.16
CA GLY J 251 -14.60 3.62 44.99
C GLY J 251 -13.82 2.50 44.33
N GLY J 252 -12.50 2.64 44.33
CA GLY J 252 -11.60 1.67 43.74
C GLY J 252 -11.16 0.55 44.66
N SER J 253 -12.04 -0.42 44.94
CA SER J 253 -11.62 -1.58 45.71
C SER J 253 -10.92 -2.61 44.82
N GLY J 254 -10.69 -3.81 45.36
CA GLY J 254 -9.94 -4.84 44.67
C GLY J 254 -10.62 -5.40 43.44
N ASN J 255 -11.71 -6.15 43.63
CA ASN J 255 -12.41 -6.72 42.47
C ASN J 255 -13.93 -6.64 42.59
N GLY J 256 -14.47 -6.00 43.62
CA GLY J 256 -15.90 -5.95 43.80
C GLY J 256 -16.52 -4.60 43.52
N ASP J 257 -15.81 -3.54 43.87
CA ASP J 257 -16.33 -2.19 43.69
C ASP J 257 -15.74 -1.57 42.43
N ASP J 258 -16.61 -0.99 41.60
CA ASP J 258 -16.18 -0.34 40.36
C ASP J 258 -17.23 0.71 40.02
N VAL J 259 -16.88 1.61 39.10
CA VAL J 259 -17.84 2.61 38.63
C VAL J 259 -18.94 1.93 37.83
N VAL J 260 -18.56 0.96 37.01
CA VAL J 260 -19.54 0.18 36.25
C VAL J 260 -20.20 -0.91 37.09
N ASN J 261 -19.41 -1.71 37.81
CA ASN J 261 -19.92 -2.91 38.46
C ASN J 261 -20.66 -2.62 39.76
N ASP J 262 -20.24 -1.59 40.48
CA ASP J 262 -20.87 -1.24 41.76
C ASP J 262 -21.69 0.04 41.61
N VAL J 263 -22.97 -0.15 41.29
CA VAL J 263 -23.92 0.95 41.10
C VAL J 263 -24.66 1.19 42.40
N GLN J 264 -25.07 0.10 43.07
CA GLN J 264 -25.86 0.17 44.29
C GLN J 264 -25.05 0.66 45.48
N GLY J 265 -23.73 0.44 45.49
CA GLY J 265 -22.91 0.89 46.59
C GLY J 265 -22.55 2.36 46.51
N ILE J 266 -22.93 2.99 45.40
CA ILE J 266 -22.78 4.43 45.22
C ILE J 266 -24.14 5.07 45.47
N ASP J 267 -24.17 6.09 46.34
CA ASP J 267 -25.38 6.85 46.61
C ASP J 267 -25.73 7.64 45.36
N ASP J 268 -26.79 7.19 44.68
CA ASP J 268 -27.20 7.83 43.44
C ASP J 268 -28.06 9.06 43.68
N VAL J 269 -28.16 9.52 44.94
CA VAL J 269 -28.83 10.77 45.25
C VAL J 269 -28.17 11.97 44.60
N GLN J 270 -26.92 12.28 44.96
CA GLN J 270 -26.24 13.34 44.21
C GLN J 270 -24.98 12.85 43.50
N THR J 271 -23.92 12.54 44.26
CA THR J 271 -22.69 11.99 43.71
C THR J 271 -22.11 10.85 44.55
N ILE J 272 -22.26 10.96 45.87
CA ILE J 272 -21.29 10.42 46.83
C ILE J 272 -21.33 8.90 46.95
N LYS J 273 -20.31 8.35 47.60
CA LYS J 273 -20.24 6.91 47.91
C LYS J 273 -19.72 6.77 49.34
N VAL J 274 -20.55 6.26 50.23
CA VAL J 274 -20.16 6.08 51.63
C VAL J 274 -19.31 4.83 51.76
N VAL J 275 -18.04 5.02 52.11
CA VAL J 275 -17.07 3.94 52.26
C VAL J 275 -16.47 4.04 53.66
N LYS J 276 -16.38 2.90 54.36
CA LYS J 276 -15.78 2.86 55.69
C LYS J 276 -14.28 3.11 55.67
N ARG J 277 -13.67 3.21 56.85
CA ARG J 277 -12.26 3.60 56.97
C ARG J 277 -11.36 2.43 56.57
N SER J 278 -11.09 2.36 55.26
CA SER J 278 -10.18 1.36 54.71
C SER J 278 -8.78 1.91 54.47
N MET J 279 -8.56 3.21 54.66
CA MET J 279 -7.27 3.85 54.45
C MET J 279 -6.83 4.49 55.75
N ASP J 280 -5.72 4.00 56.33
CA ASP J 280 -5.15 4.54 57.55
C ASP J 280 -3.70 4.91 57.26
N ALA J 281 -3.35 6.17 57.51
CA ALA J 281 -2.00 6.66 57.24
C ALA J 281 -1.05 6.31 58.37
N GLU J 282 -1.57 5.79 59.48
CA GLU J 282 -0.77 5.58 60.67
C GLU J 282 0.15 4.37 60.52
N GLN J 283 -0.44 3.18 60.35
CA GLN J 283 0.33 1.92 60.41
C GLN J 283 -0.02 1.02 59.22
N LEU J 284 -0.01 1.58 58.01
CA LEU J 284 -0.20 0.82 56.79
C LEU J 284 0.92 1.15 55.81
N GLY J 285 1.73 0.16 55.48
CA GLY J 285 2.83 0.34 54.53
C GLY J 285 2.53 -0.24 53.17
N HIS J 286 3.39 -1.12 52.69
CA HIS J 286 3.24 -1.76 51.39
C HIS J 286 2.11 -2.78 51.49
N ALA J 287 1.51 -3.15 50.36
CA ALA J 287 0.37 -4.05 50.35
C ALA J 287 0.77 -5.50 50.65
N SER J 288 1.95 -5.90 50.20
CA SER J 288 2.45 -7.24 50.45
C SER J 288 3.02 -7.42 51.85
N LYS J 289 3.19 -6.33 52.61
CA LYS J 289 3.71 -6.41 53.95
C LYS J 289 2.64 -6.28 55.03
N ARG J 290 1.38 -6.10 54.64
CA ARG J 290 0.31 -5.97 55.62
C ARG J 290 -0.04 -7.34 56.21
N HIS J 291 -0.70 -7.31 57.36
CA HIS J 291 -1.16 -8.53 58.01
C HIS J 291 -2.62 -8.48 58.46
N LYS J 292 -3.21 -7.31 58.62
CA LYS J 292 -4.61 -7.19 59.03
C LYS J 292 -5.58 -7.44 57.87
N PRO J 293 -5.39 -6.89 56.64
CA PRO J 293 -6.34 -7.38 55.64
C PRO J 293 -5.94 -8.73 55.06
N ASN K 17 -18.12 62.58 44.28
CA ASN K 17 -17.08 61.99 43.45
C ASN K 17 -17.62 60.83 42.62
N GLY K 18 -18.53 60.06 43.20
CA GLY K 18 -19.10 58.92 42.48
C GLY K 18 -20.12 58.19 43.31
N THR K 19 -20.31 56.91 42.95
CA THR K 19 -21.31 56.04 43.56
C THR K 19 -20.64 55.10 44.56
N LEU K 20 -21.27 54.96 45.72
CA LEU K 20 -20.75 54.11 46.80
C LEU K 20 -21.56 52.82 46.82
N LEU K 21 -20.95 51.73 46.37
CA LEU K 21 -21.58 50.42 46.35
C LEU K 21 -20.66 49.41 47.01
N VAL K 22 -21.16 48.77 48.07
CA VAL K 22 -20.38 47.80 48.84
C VAL K 22 -21.04 46.43 48.69
N PRO K 23 -20.55 45.56 47.81
CA PRO K 23 -21.12 44.21 47.70
C PRO K 23 -20.44 43.21 48.62
N PRO K 24 -21.19 42.53 49.48
CA PRO K 24 -20.65 41.31 50.14
C PRO K 24 -21.00 39.98 49.47
N PRO K 25 -21.60 39.87 48.20
CA PRO K 25 -21.53 38.55 47.56
C PRO K 25 -20.16 38.19 46.98
N ARG K 26 -19.30 37.62 47.82
CA ARG K 26 -18.05 37.01 47.37
C ARG K 26 -18.31 35.90 46.35
N THR K 27 -17.41 35.77 45.37
CA THR K 27 -17.59 34.77 44.33
C THR K 27 -16.90 33.46 44.70
N ILE K 28 -17.49 32.34 44.28
CA ILE K 28 -17.07 31.01 44.70
C ILE K 28 -15.73 30.61 44.08
N ALA K 29 -15.48 31.07 42.84
CA ALA K 29 -14.24 30.72 42.15
C ALA K 29 -13.05 31.43 42.77
N ASN K 30 -13.22 32.71 43.14
CA ASN K 30 -12.15 33.45 43.81
C ASN K 30 -11.87 32.87 45.19
N GLN K 31 -12.91 32.42 45.90
CA GLN K 31 -12.70 31.76 47.19
C GLN K 31 -11.94 30.46 47.02
N ASP K 32 -12.23 29.70 45.95
CA ASP K 32 -11.48 28.47 45.67
C ASP K 32 -10.01 28.77 45.37
N HIS K 33 -9.75 29.79 44.55
CA HIS K 33 -8.36 30.15 44.22
C HIS K 33 -7.59 30.65 45.43
N PHE K 34 -8.21 31.50 46.26
CA PHE K 34 -7.47 32.04 47.39
C PHE K 34 -7.32 31.00 48.51
N HIS K 35 -8.26 30.06 48.61
CA HIS K 35 -8.06 28.92 49.52
C HIS K 35 -6.92 28.03 49.05
N ARG K 36 -6.80 27.83 47.73
CA ARG K 36 -5.67 27.06 47.18
C ARG K 36 -4.34 27.75 47.44
N LEU K 37 -4.28 29.07 47.22
CA LEU K 37 -3.07 29.85 47.50
C LEU K 37 -2.71 29.82 48.98
N ASN K 38 -3.72 29.96 49.85
CA ASN K 38 -3.44 29.99 51.28
C ASN K 38 -3.04 28.61 51.78
N TYR K 39 -3.58 27.54 51.19
CA TYR K 39 -3.16 26.19 51.56
C TYR K 39 -1.73 25.92 51.15
N LEU K 40 -1.34 26.36 49.95
CA LEU K 40 0.04 26.22 49.51
C LEU K 40 0.99 27.02 50.40
N TYR K 41 0.59 28.23 50.79
CA TYR K 41 1.44 29.05 51.67
C TYR K 41 1.57 28.43 53.05
N GLN K 42 0.47 27.89 53.60
CA GLN K 42 0.51 27.27 54.91
C GLN K 42 1.34 25.99 54.91
N ILE K 43 1.23 25.17 53.85
CA ILE K 43 1.99 23.92 53.85
C ILE K 43 3.48 24.20 53.62
N SER K 44 3.80 25.23 52.83
CA SER K 44 5.21 25.59 52.63
C SER K 44 5.82 26.16 53.91
N ALA K 45 5.08 27.05 54.59
CA ALA K 45 5.55 27.63 55.84
C ALA K 45 5.69 26.59 56.93
N TYR K 46 4.77 25.62 57.00
CA TYR K 46 4.86 24.64 58.07
C TYR K 46 5.94 23.61 57.79
N GLN K 47 6.17 23.26 56.52
CA GLN K 47 7.33 22.43 56.17
C GLN K 47 8.64 23.12 56.55
N THR K 48 8.75 24.42 56.24
CA THR K 48 9.95 25.18 56.54
C THR K 48 10.20 25.26 58.04
N ARG K 49 9.14 25.50 58.82
CA ARG K 49 9.30 25.66 60.27
C ARG K 49 9.56 24.31 60.96
N ALA K 50 8.87 23.25 60.51
CA ALA K 50 9.07 21.92 61.08
C ALA K 50 10.47 21.39 60.76
N ARG K 51 11.01 21.80 59.61
CA ARG K 51 12.39 21.43 59.31
C ARG K 51 13.39 22.32 60.04
N GLN K 52 13.06 23.59 60.26
CA GLN K 52 14.04 24.54 60.79
C GLN K 52 14.19 24.39 62.30
N LYS K 53 13.11 24.01 63.00
CA LYS K 53 13.19 23.87 64.44
C LYS K 53 14.01 22.64 64.84
N ALA K 54 13.88 21.54 64.09
CA ALA K 54 14.51 20.30 64.46
C ALA K 54 16.00 20.27 64.13
N ARG K 55 16.36 20.43 62.85
CA ARG K 55 17.74 20.28 62.44
C ARG K 55 18.08 21.12 61.20
N THR K 56 19.24 20.83 60.57
CA THR K 56 19.77 21.59 59.45
C THR K 56 18.89 21.54 58.20
N ASP K 57 19.28 22.30 57.16
CA ASP K 57 18.47 22.54 55.97
C ASP K 57 18.41 21.26 55.13
N ALA K 58 17.38 20.46 55.37
CA ALA K 58 17.21 19.21 54.65
C ALA K 58 16.49 19.40 53.32
N HIS K 59 15.22 19.82 53.37
CA HIS K 59 14.44 19.96 52.14
C HIS K 59 14.03 21.40 51.87
N THR K 60 14.95 22.34 52.09
CA THR K 60 14.75 23.73 51.68
C THR K 60 14.53 24.00 50.19
N PRO K 61 14.93 23.17 49.21
CA PRO K 61 14.37 23.37 47.86
C PRO K 61 12.93 22.87 47.67
N LEU K 62 12.36 22.14 48.63
CA LEU K 62 11.02 21.63 48.48
C LEU K 62 9.94 22.68 48.68
N ALA K 63 9.91 23.32 49.86
CA ALA K 63 8.83 24.23 50.23
C ALA K 63 8.78 25.44 49.33
N ARG K 64 9.95 25.95 48.93
CA ARG K 64 10.14 27.02 47.94
C ARG K 64 9.36 26.75 46.66
N ASN K 65 9.39 25.47 46.22
CA ASN K 65 8.65 25.02 45.05
C ASN K 65 7.17 25.39 45.15
N TYR K 66 6.56 25.09 46.31
CA TYR K 66 5.15 25.43 46.55
C TYR K 66 4.90 26.92 46.36
N ILE K 67 5.79 27.75 46.94
CA ILE K 67 5.67 29.20 46.84
C ILE K 67 5.76 29.63 45.38
N LYS K 68 6.68 29.00 44.63
CA LYS K 68 6.82 29.30 43.21
C LYS K 68 5.55 28.95 42.46
N SER K 69 5.00 27.76 42.74
CA SER K 69 3.74 27.35 42.15
C SER K 69 2.62 28.30 42.57
N MET K 70 2.67 28.72 43.85
CA MET K 70 1.72 29.69 44.38
C MET K 70 1.78 30.98 43.59
N ASP K 71 3.00 31.47 43.33
CA ASP K 71 3.16 32.72 42.60
C ASP K 71 2.71 32.55 41.16
N LEU K 72 2.89 31.35 40.60
CA LEU K 72 2.42 31.12 39.24
C LEU K 72 0.90 31.08 39.19
N ILE K 73 0.27 30.58 40.25
CA ILE K 73 -1.19 30.64 40.32
C ILE K 73 -1.63 32.09 40.53
N SER K 74 -0.78 32.87 41.21
CA SER K 74 -1.03 34.31 41.34
C SER K 74 -0.85 35.02 40.00
N LYS K 75 -0.18 34.38 39.04
CA LYS K 75 -0.08 34.93 37.71
C LYS K 75 -1.27 34.51 36.85
N LYS K 76 -2.01 33.48 37.26
CA LYS K 76 -3.06 32.94 36.38
C LYS K 76 -4.36 33.72 36.49
N THR K 77 -4.92 33.80 37.70
CA THR K 77 -6.25 34.37 37.89
C THR K 77 -6.20 35.85 38.24
N LYS K 78 -5.12 36.54 37.85
CA LYS K 78 -4.90 37.98 37.99
C LYS K 78 -4.97 38.46 39.44
N THR K 79 -4.63 37.59 40.40
CA THR K 79 -4.81 37.92 41.80
C THR K 79 -3.63 38.70 42.36
N SER K 80 -3.91 39.52 43.36
CA SER K 80 -2.91 40.32 44.06
C SER K 80 -2.87 39.90 45.51
N LEU K 81 -1.72 40.09 46.16
CA LEU K 81 -1.54 39.73 47.56
C LEU K 81 -1.22 40.97 48.40
N LEU K 82 -1.36 40.82 49.72
CA LEU K 82 -0.87 41.84 50.66
C LEU K 82 0.65 41.94 50.58
N PRO K 83 1.25 43.10 50.93
CA PRO K 83 2.72 43.19 50.93
C PRO K 83 3.39 42.41 52.05
N THR K 84 2.61 41.86 53.00
CA THR K 84 3.18 40.96 53.99
C THR K 84 3.65 39.65 53.36
N ILE K 85 2.85 39.10 52.44
CA ILE K 85 3.22 37.86 51.76
C ILE K 85 4.41 38.07 50.83
N LYS K 86 4.37 39.13 50.01
CA LYS K 86 5.45 39.36 49.06
C LYS K 86 6.70 39.87 49.77
N ARG K 87 6.53 40.47 50.95
CA ARG K 87 7.67 40.82 51.79
C ARG K 87 8.26 39.58 52.43
N THR K 88 7.43 38.60 52.76
CA THR K 88 7.90 37.32 53.31
C THR K 88 8.63 36.51 52.26
N ILE K 89 8.01 36.31 51.10
CA ILE K 89 8.61 35.49 50.06
C ILE K 89 9.66 36.30 49.31
N CYS K 90 10.49 35.62 48.51
CA CYS K 90 11.50 36.31 47.73
C CYS K 90 10.91 36.76 46.39
N LYS K 91 11.76 37.32 45.54
CA LYS K 91 11.36 37.84 44.24
C LYS K 91 11.87 36.99 43.07
N LYS K 92 13.13 36.55 43.13
CA LYS K 92 13.71 35.79 42.03
C LYS K 92 13.55 34.29 42.22
N CYS K 93 14.09 33.74 43.31
CA CYS K 93 13.96 32.30 43.54
C CYS K 93 12.67 31.97 44.27
N HIS K 94 12.01 33.00 44.82
CA HIS K 94 10.71 32.91 45.50
C HIS K 94 10.73 31.97 46.70
N ARG K 95 11.61 32.22 47.67
CA ARG K 95 11.72 31.41 48.88
C ARG K 95 11.25 32.21 50.08
N LEU K 96 10.93 31.50 51.16
CA LEU K 96 10.51 32.16 52.39
C LEU K 96 11.71 32.73 53.13
N LEU K 97 11.56 33.96 53.59
CA LEU K 97 12.62 34.64 54.33
C LEU K 97 12.41 34.61 55.84
N TRP K 98 11.87 33.51 56.39
CA TRP K 98 11.71 33.42 57.83
C TRP K 98 13.06 33.23 58.52
N THR K 99 14.02 32.65 57.81
CA THR K 99 15.40 32.57 58.28
C THR K 99 16.29 33.22 57.23
N PRO K 100 16.52 34.54 57.30
CA PRO K 100 17.39 35.18 56.30
C PRO K 100 18.86 35.12 56.69
N LYS K 101 19.73 35.69 55.86
CA LYS K 101 21.16 35.64 56.13
C LYS K 101 21.58 36.70 57.15
N LYS K 102 21.43 37.98 56.78
CA LYS K 102 21.88 39.07 57.63
C LYS K 102 20.89 40.22 57.52
N LEU K 103 20.81 41.04 58.57
CA LEU K 103 20.02 42.26 58.58
C LEU K 103 20.94 43.42 58.97
N GLU K 104 21.12 44.38 58.08
CA GLU K 104 21.96 45.54 58.34
C GLU K 104 21.13 46.82 58.22
N ILE K 105 21.51 47.83 59.00
CA ILE K 105 20.82 49.11 59.00
C ILE K 105 21.87 50.20 59.22
N THR K 106 21.57 51.39 58.68
CA THR K 106 22.40 52.61 58.79
C THR K 106 23.82 52.41 58.26
N SER K 107 23.98 51.55 57.27
CA SER K 107 25.28 51.34 56.62
C SER K 107 25.39 52.21 55.37
N ASP K 108 25.28 53.52 55.60
CA ASP K 108 25.27 54.64 54.65
C ASP K 108 24.04 54.62 53.73
N GLY K 109 23.07 53.74 53.95
CA GLY K 109 21.84 53.73 53.19
C GLY K 109 20.63 53.79 54.10
N ALA K 110 19.69 52.88 53.89
CA ALA K 110 18.52 52.82 54.78
C ALA K 110 18.49 51.49 55.54
N LEU K 111 18.45 50.38 54.81
CA LEU K 111 18.28 49.05 55.39
C LEU K 111 18.65 48.04 54.32
N SER K 112 19.05 46.84 54.76
CA SER K 112 19.34 45.75 53.84
C SER K 112 19.10 44.42 54.54
N VAL K 113 18.46 43.50 53.79
CA VAL K 113 18.22 42.14 54.26
C VAL K 113 18.83 41.17 53.25
N MET K 114 19.91 40.50 53.63
CA MET K 114 20.58 39.59 52.73
C MET K 114 19.96 38.19 52.84
N CYS K 115 20.06 37.43 51.75
CA CYS K 115 19.54 36.07 51.69
C CYS K 115 20.66 35.09 51.37
N GLY K 116 20.27 33.81 51.27
CA GLY K 116 21.25 32.78 50.94
C GLY K 116 21.63 32.78 49.48
N CYS K 117 20.66 33.05 48.60
CA CYS K 117 20.91 33.07 47.17
C CYS K 117 21.61 34.34 46.70
N GLY K 118 21.59 35.41 47.49
CA GLY K 118 22.22 36.65 47.12
C GLY K 118 21.27 37.77 46.77
N THR K 119 19.98 37.47 46.60
CA THR K 119 18.99 38.50 46.29
C THR K 119 18.54 39.19 47.56
N VAL K 120 18.66 40.51 47.58
CA VAL K 120 18.35 41.32 48.76
C VAL K 120 17.02 42.04 48.55
N LYS K 121 16.32 42.31 49.65
CA LYS K 121 15.07 43.06 49.63
C LYS K 121 15.20 44.21 50.62
N ARG K 122 15.58 45.38 50.11
CA ARG K 122 15.81 46.54 50.97
C ARG K 122 14.56 47.41 51.05
N PHE K 123 14.51 48.26 52.07
CA PHE K 123 13.36 49.13 52.32
C PHE K 123 13.86 50.52 52.70
N ASN K 124 13.22 51.54 52.14
CA ASN K 124 13.56 52.93 52.42
C ASN K 124 13.03 53.28 53.81
N ILE K 125 13.90 53.20 54.82
CA ILE K 125 13.52 53.41 56.21
C ILE K 125 14.21 54.64 56.79
N GLY K 126 15.30 55.11 56.17
CA GLY K 126 16.04 56.24 56.69
C GLY K 126 15.48 57.57 56.28
N ALA K 127 14.42 57.57 55.46
CA ALA K 127 13.85 58.83 54.99
C ALA K 127 12.96 59.47 56.03
N ASP K 128 11.86 58.79 56.41
CA ASP K 128 10.89 59.31 57.36
C ASP K 128 10.05 58.19 57.99
N PRO K 129 9.61 58.36 59.25
CA PRO K 129 8.68 57.39 59.83
C PRO K 129 7.24 57.67 59.43
N ASN K 130 6.31 56.90 60.02
CA ASN K 130 4.86 57.05 59.88
C ASN K 130 4.43 56.85 58.43
N TYR K 131 5.10 55.95 57.73
CA TYR K 131 4.71 55.58 56.37
C TYR K 131 4.10 54.18 56.39
N ARG K 132 2.87 54.05 55.92
CA ARG K 132 2.18 52.78 55.86
C ARG K 132 1.85 52.42 54.41
N THR K 133 1.68 51.12 54.17
CA THR K 133 1.29 50.65 52.85
C THR K 133 -0.20 50.91 52.63
N TYR K 134 -0.65 50.75 51.39
CA TYR K 134 -2.03 51.10 51.03
C TYR K 134 -3.04 50.16 51.66
N SER K 135 -2.64 48.92 51.96
CA SER K 135 -3.53 47.99 52.63
C SER K 135 -3.48 48.12 54.16
N GLU K 136 -2.61 48.98 54.68
CA GLU K 136 -2.40 49.06 56.12
C GLU K 136 -2.96 50.37 56.66
N ARG K 137 -3.51 51.19 55.78
CA ARG K 137 -4.09 52.49 56.15
C ARG K 137 -5.39 52.26 56.93
N GLU K 138 -5.88 53.33 57.59
CA GLU K 138 -6.99 53.22 58.54
C GLU K 138 -8.30 52.77 57.89
N GLY K 139 -8.91 53.60 57.06
CA GLY K 139 -10.01 53.08 56.26
C GLY K 139 -9.68 52.91 54.80
N ASN K 140 -9.23 51.71 54.42
CA ASN K 140 -9.16 51.26 53.03
C ASN K 140 -9.48 49.78 52.95
N LEU K 141 -9.72 49.17 54.11
CA LEU K 141 -9.69 47.72 54.25
C LEU K 141 -10.89 47.25 55.06
N LEU K 142 -11.50 46.15 54.63
CA LEU K 142 -12.62 45.53 55.32
C LEU K 142 -12.32 44.03 55.39
N ASN K 143 -12.25 43.50 56.61
CA ASN K 143 -11.88 42.10 56.81
C ASN K 143 -13.03 41.17 56.42
N SER K 144 -12.68 39.94 56.02
CA SER K 144 -13.61 38.88 55.59
C SER K 144 -14.53 39.30 54.45
#